data_2C5Q
#
_entry.id   2C5Q
#
_cell.length_a   128.193
_cell.length_b   255.073
_cell.length_c   48.173
_cell.angle_alpha   90.00
_cell.angle_beta   90.00
_cell.angle_gamma   90.00
#
_symmetry.space_group_name_H-M   'P 21 21 2'
#
loop_
_entity.id
_entity.type
_entity.pdbx_description
1 polymer 'RRAA-LIKE PROTEIN YER010C'
2 non-polymer 1,2-ETHANEDIOL
3 water water
#
_entity_poly.entity_id   1
_entity_poly.type   'polypeptide(L)'
_entity_poly.pdbx_seq_one_letter_code
;MSDLQKLQRFSTCDISDGLLNVYNIPTGGYFPNLTAISPPQNSSIVGTAYTVLFAPIDDPRPAVNYIDSVPPNSILVLAL
EPHLQSQFHPFIKITQAMYGGLMSTRAQYLKSNGTVVFGRIRDVDEHRTLNHPVFAYGVGSCAPKAVVKAVGTNVQLKIL
TSDGVTQTI(CME)PGDYIAGDNNGIVRIPVQETDISKLVTYIEKSIEVDLLVSEDIKNGIPAKQAQNDRRSVLKKYIHH
HHHH
;
_entity_poly.pdbx_strand_id   A,B,C,D,E,F
#
# COMPACT_ATOMS: atom_id res chain seq x y z
N SER A 2 35.05 3.05 -31.28
CA SER A 2 33.86 3.75 -31.85
C SER A 2 33.92 5.23 -31.57
N ASP A 3 33.07 5.98 -32.27
CA ASP A 3 32.96 7.44 -32.04
C ASP A 3 32.61 7.75 -30.64
N LEU A 4 31.62 7.07 -30.09
CA LEU A 4 31.20 7.33 -28.72
C LEU A 4 32.29 7.03 -27.73
N GLN A 5 33.06 5.97 -27.98
CA GLN A 5 34.13 5.67 -27.05
C GLN A 5 35.15 6.81 -27.07
N LYS A 6 35.38 7.41 -28.23
CA LYS A 6 36.38 8.49 -28.28
C LYS A 6 35.80 9.74 -27.60
N LEU A 7 34.56 10.07 -27.94
CA LEU A 7 33.87 11.21 -27.29
C LEU A 7 33.71 11.11 -25.79
N GLN A 8 33.62 9.88 -25.26
CA GLN A 8 33.41 9.68 -23.84
C GLN A 8 34.56 10.23 -23.00
N ARG A 9 35.74 10.38 -23.61
CA ARG A 9 36.93 10.88 -22.97
C ARG A 9 37.02 12.41 -22.90
N PHE A 10 36.08 13.10 -23.54
CA PHE A 10 36.10 14.56 -23.70
C PHE A 10 35.12 15.28 -22.79
N SER A 11 35.47 16.46 -22.30
CA SER A 11 34.47 17.31 -21.66
C SER A 11 33.65 17.98 -22.73
N THR A 12 32.49 18.50 -22.33
CA THR A 12 31.66 19.27 -23.24
C THR A 12 32.43 20.49 -23.72
N CYS A 13 33.28 21.05 -22.87
CA CYS A 13 34.08 22.21 -23.26
C CYS A 13 35.07 21.85 -24.38
N ASP A 14 35.67 20.67 -24.28
CA ASP A 14 36.62 20.19 -25.29
C ASP A 14 35.91 20.04 -26.61
N ILE A 15 34.70 19.49 -26.56
CA ILE A 15 33.92 19.36 -27.76
C ILE A 15 33.55 20.71 -28.37
N SER A 16 33.09 21.66 -27.54
CA SER A 16 32.81 23.00 -28.07
C SER A 16 34.06 23.65 -28.67
N ASP A 17 35.24 23.40 -28.09
CA ASP A 17 36.49 23.90 -28.68
C ASP A 17 36.67 23.41 -30.12
N GLY A 18 36.39 22.13 -30.35
CA GLY A 18 36.43 21.57 -31.69
C GLY A 18 35.39 22.22 -32.61
N LEU A 19 34.15 22.34 -32.15
CA LEU A 19 33.11 22.86 -33.03
C LEU A 19 33.36 24.33 -33.38
N LEU A 20 33.77 25.09 -32.38
CA LEU A 20 34.09 26.48 -32.57
C LEU A 20 35.30 26.68 -33.51
N ASN A 21 36.37 25.95 -33.26
CA ASN A 21 37.63 26.20 -33.97
C ASN A 21 37.68 25.51 -35.32
N VAL A 22 37.23 24.28 -35.39
CA VAL A 22 37.25 23.57 -36.67
C VAL A 22 36.13 24.01 -37.62
N TYR A 23 34.94 24.30 -37.09
CA TYR A 23 33.77 24.60 -37.91
C TYR A 23 33.21 26.01 -37.82
N ASN A 24 33.83 26.84 -37.00
CA ASN A 24 33.41 28.23 -36.83
C ASN A 24 31.95 28.34 -36.37
N ILE A 25 31.54 27.40 -35.53
CA ILE A 25 30.20 27.38 -34.94
C ILE A 25 30.29 28.28 -33.69
N PRO A 26 29.73 29.50 -33.76
CA PRO A 26 30.08 30.45 -32.69
C PRO A 26 29.66 30.02 -31.29
N THR A 27 28.58 29.25 -31.16
CA THR A 27 28.12 28.78 -29.85
C THR A 27 28.72 27.43 -29.46
N GLY A 28 29.53 26.83 -30.34
CA GLY A 28 30.17 25.60 -30.00
C GLY A 28 29.22 24.45 -29.75
N GLY A 29 28.03 24.50 -30.36
CA GLY A 29 27.04 23.44 -30.20
C GLY A 29 26.38 23.36 -28.86
N TYR A 30 26.51 24.41 -28.05
CA TYR A 30 25.98 24.41 -26.72
C TYR A 30 24.48 24.59 -26.67
N PHE A 31 23.82 23.78 -25.82
CA PHE A 31 22.40 23.96 -25.50
C PHE A 31 22.32 24.39 -24.03
N PRO A 32 22.03 25.67 -23.78
CA PRO A 32 22.21 26.23 -22.45
C PRO A 32 21.09 25.96 -21.44
N ASN A 33 21.43 26.12 -20.17
CA ASN A 33 20.47 26.23 -19.07
C ASN A 33 19.86 24.94 -18.58
N LEU A 34 20.47 23.81 -18.94
CA LEU A 34 20.05 22.50 -18.42
C LEU A 34 20.84 22.17 -17.14
N THR A 35 20.18 21.58 -16.16
CA THR A 35 20.77 21.17 -14.91
C THR A 35 20.82 19.65 -14.88
N ALA A 36 21.91 19.11 -14.33
CA ALA A 36 22.07 17.68 -14.10
C ALA A 36 21.31 17.27 -12.83
N ILE A 37 20.02 17.10 -12.98
CA ILE A 37 19.15 16.84 -11.84
C ILE A 37 19.48 15.46 -11.27
N SER A 38 19.75 14.51 -12.16
CA SER A 38 20.29 13.20 -11.79
C SER A 38 21.64 13.08 -12.45
N PRO A 39 22.70 13.40 -11.70
CA PRO A 39 23.99 13.57 -12.30
C PRO A 39 24.60 12.24 -12.78
N PRO A 40 25.42 12.28 -13.84
CA PRO A 40 26.16 11.08 -14.22
C PRO A 40 27.04 10.59 -13.07
N GLN A 41 27.22 9.27 -12.95
CA GLN A 41 28.17 8.68 -11.97
C GLN A 41 29.58 8.96 -12.43
N ASN A 42 29.80 8.87 -13.74
CA ASN A 42 31.08 9.20 -14.36
C ASN A 42 31.19 10.67 -14.66
N SER A 43 32.29 11.12 -15.27
CA SER A 43 32.46 12.57 -15.50
C SER A 43 31.43 13.14 -16.50
N SER A 44 31.10 12.36 -17.53
CA SER A 44 30.20 12.84 -18.59
C SER A 44 29.35 11.71 -19.14
N ILE A 45 28.29 12.08 -19.85
CA ILE A 45 27.52 11.11 -20.61
C ILE A 45 27.64 11.45 -22.09
N VAL A 46 27.68 10.43 -22.92
CA VAL A 46 27.61 10.65 -24.36
C VAL A 46 26.69 9.63 -24.98
N GLY A 47 26.09 9.97 -26.10
CA GLY A 47 25.26 9.02 -26.83
C GLY A 47 24.72 9.62 -28.10
N THR A 48 24.15 8.77 -28.93
CA THR A 48 23.47 9.19 -30.14
C THR A 48 22.03 9.61 -29.85
N ALA A 49 21.62 10.73 -30.41
CA ALA A 49 20.34 11.32 -30.04
C ALA A 49 19.17 10.48 -30.56
N TYR A 50 18.30 10.08 -29.65
CA TYR A 50 16.97 9.55 -29.95
C TYR A 50 15.98 10.61 -29.47
N THR A 51 15.38 11.30 -30.43
CA THR A 51 14.64 12.53 -30.18
C THR A 51 13.15 12.24 -30.00
N VAL A 52 12.51 13.03 -29.13
CA VAL A 52 11.09 12.92 -28.89
C VAL A 52 10.50 14.33 -28.84
N LEU A 53 9.49 14.59 -29.69
CA LEU A 53 8.83 15.91 -29.75
C LEU A 53 7.46 15.80 -29.09
N PHE A 54 7.17 16.77 -28.22
CA PHE A 54 5.90 16.88 -27.50
C PHE A 54 5.15 18.11 -28.03
N ALA A 55 3.83 18.00 -28.09
CA ALA A 55 2.96 19.11 -28.54
C ALA A 55 1.76 19.21 -27.60
N PRO A 56 1.02 20.29 -27.69
CA PRO A 56 -0.20 20.34 -26.91
C PRO A 56 -1.13 19.16 -27.18
N ILE A 57 -1.94 18.80 -26.20
CA ILE A 57 -2.80 17.66 -26.37
C ILE A 57 -3.84 17.86 -27.46
N ASP A 58 -4.18 19.11 -27.80
CA ASP A 58 -5.15 19.38 -28.87
C ASP A 58 -4.55 19.28 -30.27
N ASP A 59 -3.25 19.09 -30.37
CA ASP A 59 -2.58 18.94 -31.67
C ASP A 59 -3.18 17.73 -32.40
N PRO A 60 -3.31 17.83 -33.74
CA PRO A 60 -3.89 16.70 -34.49
C PRO A 60 -3.06 15.43 -34.58
N ARG A 61 -1.75 15.50 -34.30
CA ARG A 61 -0.92 14.30 -34.34
C ARG A 61 -1.24 13.43 -33.13
N PRO A 62 -1.32 12.09 -33.32
CA PRO A 62 -1.62 11.20 -32.20
C PRO A 62 -0.50 11.07 -31.18
N ALA A 63 -0.85 10.91 -29.93
CA ALA A 63 0.15 10.57 -28.94
C ALA A 63 0.88 9.29 -29.34
N VAL A 64 2.18 9.26 -29.07
CA VAL A 64 2.99 8.08 -29.38
C VAL A 64 3.67 7.52 -28.14
N ASN A 65 4.01 6.22 -28.22
CA ASN A 65 4.86 5.53 -27.26
C ASN A 65 6.27 5.73 -27.78
N TYR A 66 7.08 6.46 -27.02
CA TYR A 66 8.48 6.69 -27.41
C TYR A 66 9.48 5.84 -26.61
N ILE A 67 9.11 5.45 -25.40
CA ILE A 67 10.06 4.94 -24.45
C ILE A 67 10.43 3.51 -24.75
N ASP A 68 9.54 2.73 -25.34
CA ASP A 68 9.85 1.29 -25.47
C ASP A 68 10.83 0.97 -26.57
N SER A 69 11.17 1.97 -27.37
CA SER A 69 12.12 1.85 -28.49
C SER A 69 13.40 2.67 -28.31
N VAL A 70 13.65 3.15 -27.10
CA VAL A 70 14.92 3.82 -26.83
C VAL A 70 16.09 2.86 -27.12
N PRO A 71 17.03 3.25 -28.00
CA PRO A 71 18.16 2.38 -28.30
C PRO A 71 19.26 2.32 -27.24
N PRO A 72 20.02 1.22 -27.20
CA PRO A 72 21.13 1.18 -26.31
C PRO A 72 22.14 2.22 -26.75
N ASN A 73 22.85 2.80 -25.79
CA ASN A 73 23.86 3.82 -26.06
C ASN A 73 23.33 5.14 -26.59
N SER A 74 22.02 5.34 -26.50
CA SER A 74 21.41 6.60 -26.92
C SER A 74 21.53 7.63 -25.83
N ILE A 75 21.34 8.90 -26.19
CA ILE A 75 20.83 9.89 -25.26
C ILE A 75 19.40 10.20 -25.74
N LEU A 76 18.47 9.97 -24.82
CA LEU A 76 17.07 10.26 -25.04
C LEU A 76 16.88 11.76 -24.91
N VAL A 77 16.39 12.42 -25.95
CA VAL A 77 16.23 13.86 -25.92
C VAL A 77 14.78 14.22 -26.15
N LEU A 78 14.17 14.92 -25.19
CA LEU A 78 12.79 15.38 -25.26
C LEU A 78 12.70 16.91 -25.37
N ALA A 79 11.82 17.38 -26.22
CA ALA A 79 11.54 18.82 -26.35
C ALA A 79 10.10 19.10 -26.73
N LEU A 80 9.63 20.28 -26.35
CA LEU A 80 8.36 20.81 -26.73
C LEU A 80 8.45 21.56 -28.04
N GLU A 81 7.33 21.69 -28.71
CA GLU A 81 7.22 22.66 -29.78
C GLU A 81 7.68 24.05 -29.28
N PRO A 82 8.39 24.80 -30.12
CA PRO A 82 8.91 26.12 -29.81
C PRO A 82 7.91 27.12 -29.22
N HIS A 83 6.63 27.05 -29.59
CA HIS A 83 5.71 28.00 -29.01
C HIS A 83 5.44 27.77 -27.54
N LEU A 84 5.78 26.59 -27.03
CA LEU A 84 5.70 26.32 -25.57
C LEU A 84 7.00 26.60 -24.84
N GLN A 85 7.96 27.18 -25.54
CA GLN A 85 9.29 27.50 -24.99
C GLN A 85 9.42 28.97 -24.70
N SER A 86 10.43 29.35 -23.90
CA SER A 86 10.71 30.73 -23.58
C SER A 86 12.24 30.98 -23.57
N GLN A 87 12.65 32.21 -23.83
CA GLN A 87 14.07 32.58 -23.73
C GLN A 87 14.53 32.83 -22.30
N PHE A 88 13.61 33.00 -21.38
CA PHE A 88 13.94 33.17 -20.00
C PHE A 88 13.49 31.99 -19.17
N HIS A 89 14.16 31.79 -18.04
CA HIS A 89 13.81 30.72 -17.12
C HIS A 89 12.39 30.95 -16.65
N PRO A 90 11.58 29.89 -16.58
CA PRO A 90 11.96 28.49 -16.64
C PRO A 90 12.10 27.78 -18.00
N PHE A 91 11.99 28.56 -19.08
CA PHE A 91 12.34 28.16 -20.46
C PHE A 91 11.23 27.39 -21.18
N ILE A 92 10.18 27.04 -20.41
CA ILE A 92 8.97 26.45 -20.94
C ILE A 92 7.78 27.05 -20.23
N LYS A 93 6.62 27.00 -20.88
CA LYS A 93 5.45 27.69 -20.40
C LYS A 93 4.47 26.80 -19.63
N ILE A 94 4.81 25.53 -19.41
CA ILE A 94 3.98 24.60 -18.64
C ILE A 94 4.67 24.32 -17.29
N THR A 95 3.89 24.08 -16.23
CA THR A 95 4.45 23.72 -14.93
C THR A 95 4.54 22.21 -14.75
N GLN A 96 3.80 21.46 -15.59
CA GLN A 96 3.79 19.97 -15.52
C GLN A 96 5.10 19.36 -16.00
N ALA A 97 5.45 18.21 -15.42
CA ALA A 97 6.58 17.44 -15.86
C ALA A 97 6.21 16.75 -17.17
N MET A 98 7.20 16.43 -17.99
CA MET A 98 6.98 15.68 -19.22
C MET A 98 7.68 14.32 -19.23
N TYR A 99 8.30 13.92 -18.12
CA TYR A 99 9.17 12.74 -18.04
C TYR A 99 9.37 12.37 -16.59
N GLY A 100 9.06 11.13 -16.22
CA GLY A 100 9.18 10.68 -14.88
C GLY A 100 10.04 9.46 -14.67
N GLY A 101 10.01 8.98 -13.43
CA GLY A 101 10.82 7.88 -13.00
C GLY A 101 10.66 6.59 -13.78
N LEU A 102 9.42 6.27 -14.16
CA LEU A 102 9.15 5.06 -14.94
C LEU A 102 9.86 5.10 -16.27
N MET A 103 9.97 6.31 -16.83
CA MET A 103 10.61 6.44 -18.14
C MET A 103 12.12 6.17 -18.02
N SER A 104 12.78 6.68 -16.97
CA SER A 104 14.18 6.34 -16.74
C SER A 104 14.34 4.85 -16.47
N THR A 105 13.34 4.25 -15.85
CA THR A 105 13.44 2.83 -15.51
C THR A 105 13.51 2.04 -16.81
N ARG A 106 12.62 2.36 -17.74
CA ARG A 106 12.57 1.65 -19.02
C ARG A 106 13.81 1.97 -19.85
N ALA A 107 14.16 3.26 -19.94
CA ALA A 107 15.38 3.65 -20.67
C ALA A 107 16.65 2.99 -20.17
N GLN A 108 16.79 2.86 -18.85
CA GLN A 108 17.91 2.20 -18.23
C GLN A 108 17.91 0.71 -18.56
N TYR A 109 16.74 0.08 -18.51
CA TYR A 109 16.58 -1.32 -18.91
C TYR A 109 17.13 -1.53 -20.32
N LEU A 110 16.83 -0.57 -21.20
CA LEU A 110 17.21 -0.62 -22.61
C LEU A 110 18.64 -0.18 -22.89
N LYS A 111 19.35 0.19 -21.82
CA LYS A 111 20.79 0.53 -21.86
C LYS A 111 21.06 1.88 -22.52
N SER A 112 20.09 2.77 -22.43
CA SER A 112 20.34 4.16 -22.85
C SER A 112 21.36 4.77 -21.87
N ASN A 113 22.19 5.70 -22.38
CA ASN A 113 23.21 6.33 -21.55
C ASN A 113 22.71 7.52 -20.70
N GLY A 114 21.53 8.06 -21.03
CA GLY A 114 20.98 9.14 -20.26
C GLY A 114 19.92 9.91 -21.01
N THR A 115 19.34 10.87 -20.32
CA THR A 115 18.27 11.67 -20.85
C THR A 115 18.52 13.17 -20.71
N VAL A 116 18.11 13.89 -21.74
CA VAL A 116 18.04 15.35 -21.74
C VAL A 116 16.62 15.78 -22.02
N VAL A 117 16.02 16.49 -21.05
CA VAL A 117 14.68 17.00 -21.22
C VAL A 117 14.66 18.54 -21.28
N PHE A 118 14.25 19.06 -22.41
CA PHE A 118 14.05 20.52 -22.57
C PHE A 118 12.70 20.91 -21.99
N GLY A 119 12.61 20.71 -20.67
CA GLY A 119 11.38 20.83 -19.93
C GLY A 119 11.60 20.35 -18.51
N ARG A 120 10.51 19.92 -17.84
CA ARG A 120 10.59 19.53 -16.45
C ARG A 120 10.50 18.00 -16.33
N ILE A 121 11.18 17.49 -15.32
CA ILE A 121 11.07 16.09 -14.98
C ILE A 121 10.42 15.93 -13.58
N ARG A 122 9.82 14.78 -13.33
CA ARG A 122 9.34 14.46 -11.98
C ARG A 122 9.91 13.16 -11.47
N ASP A 123 9.71 12.94 -10.17
CA ASP A 123 10.28 11.77 -9.45
C ASP A 123 11.80 11.88 -9.38
N VAL A 124 12.26 13.03 -8.91
CA VAL A 124 13.67 13.31 -8.79
C VAL A 124 14.42 12.16 -8.11
N ASP A 125 13.90 11.72 -6.97
CA ASP A 125 14.62 10.71 -6.17
C ASP A 125 14.70 9.36 -6.87
N GLU A 126 13.71 9.04 -7.68
CA GLU A 126 13.75 7.79 -8.47
C GLU A 126 14.88 7.79 -9.52
N HIS A 127 15.05 8.87 -10.28
CA HIS A 127 16.18 8.90 -11.21
C HIS A 127 17.50 8.73 -10.49
N ARG A 128 17.62 9.37 -9.34
CA ARG A 128 18.84 9.31 -8.58
C ARG A 128 19.10 7.93 -8.00
N THR A 129 18.06 7.28 -7.51
CA THR A 129 18.16 5.91 -6.98
C THR A 129 18.57 4.93 -8.08
N LEU A 130 18.01 5.11 -9.28
CA LEU A 130 18.40 4.33 -10.45
C LEU A 130 19.83 4.62 -10.93
N ASN A 131 20.39 5.76 -10.51
CA ASN A 131 21.66 6.24 -10.98
C ASN A 131 21.56 6.40 -12.49
N HIS A 132 20.40 6.85 -12.96
CA HIS A 132 20.21 7.12 -14.39
C HIS A 132 20.38 8.62 -14.67
N PRO A 133 21.35 8.98 -15.52
CA PRO A 133 21.60 10.41 -15.73
C PRO A 133 20.47 11.13 -16.44
N VAL A 134 20.05 12.26 -15.87
CA VAL A 134 19.02 13.10 -16.45
C VAL A 134 19.35 14.58 -16.27
N PHE A 135 19.34 15.29 -17.40
CA PHE A 135 19.50 16.75 -17.46
C PHE A 135 18.18 17.33 -17.85
N ALA A 136 17.78 18.42 -17.22
CA ALA A 136 16.53 19.07 -17.54
C ALA A 136 16.56 20.55 -17.21
N TYR A 137 15.60 21.28 -17.72
CA TYR A 137 15.44 22.67 -17.33
C TYR A 137 15.03 22.82 -15.85
N GLY A 138 14.28 21.85 -15.36
CA GLY A 138 13.69 21.98 -14.02
C GLY A 138 12.90 20.75 -13.66
N VAL A 139 12.15 20.87 -12.59
CA VAL A 139 11.36 19.79 -12.07
C VAL A 139 9.90 20.16 -11.99
N GLY A 140 9.09 19.12 -11.79
CA GLY A 140 7.66 19.27 -11.54
C GLY A 140 7.18 18.11 -10.71
N SER A 141 5.93 18.19 -10.25
CA SER A 141 5.29 17.08 -9.55
C SER A 141 4.18 16.44 -10.34
N CYS A 142 3.73 17.04 -11.44
CA CYS A 142 2.48 16.66 -12.08
C CYS A 142 2.70 16.01 -13.45
N ALA A 143 1.92 14.98 -13.74
CA ALA A 143 1.95 14.35 -15.08
C ALA A 143 1.48 15.31 -16.15
N PRO A 144 1.94 15.09 -17.38
CA PRO A 144 1.60 16.01 -18.49
C PRO A 144 0.24 15.85 -19.18
N LYS A 145 -0.52 14.85 -18.74
CA LYS A 145 -1.82 14.46 -19.31
C LYS A 145 -2.73 15.61 -19.77
N ALA A 146 -2.89 16.63 -18.93
CA ALA A 146 -3.83 17.73 -19.27
C ALA A 146 -3.31 18.72 -20.28
N VAL A 147 -1.99 18.69 -20.58
CA VAL A 147 -1.37 19.74 -21.35
C VAL A 147 -0.59 19.31 -22.60
N VAL A 148 0.26 18.29 -22.51
CA VAL A 148 1.09 17.92 -23.66
C VAL A 148 1.19 16.42 -23.84
N LYS A 149 1.59 16.01 -25.05
CA LYS A 149 1.75 14.59 -25.41
C LYS A 149 2.92 14.45 -26.37
N ALA A 150 3.55 13.27 -26.37
CA ALA A 150 4.62 13.00 -27.30
C ALA A 150 3.97 12.73 -28.64
N VAL A 151 4.47 13.34 -29.70
CA VAL A 151 3.89 13.19 -31.04
C VAL A 151 4.82 12.68 -32.11
N GLY A 152 6.10 12.61 -31.84
CA GLY A 152 7.03 12.03 -32.80
C GLY A 152 8.30 11.58 -32.16
N THR A 153 8.97 10.61 -32.80
CA THR A 153 10.26 10.14 -32.36
C THR A 153 11.20 10.16 -33.53
N ASN A 154 12.45 10.49 -33.25
CA ASN A 154 13.45 10.61 -34.29
C ASN A 154 13.08 11.62 -35.37
N VAL A 155 12.49 12.72 -34.90
CA VAL A 155 12.21 13.90 -35.72
C VAL A 155 13.15 15.02 -35.30
N GLN A 156 13.24 16.05 -36.13
CA GLN A 156 14.05 17.23 -35.75
C GLN A 156 13.43 17.89 -34.55
N LEU A 157 14.28 18.25 -33.59
CA LEU A 157 13.86 19.14 -32.48
C LEU A 157 14.40 20.55 -32.70
N LYS A 158 13.58 21.55 -32.40
CA LYS A 158 13.99 22.95 -32.47
C LYS A 158 13.97 23.52 -31.06
N ILE A 159 15.10 24.00 -30.58
CA ILE A 159 15.21 24.56 -29.25
C ILE A 159 15.45 26.07 -29.30
N LEU A 160 14.50 26.84 -28.79
CA LEU A 160 14.64 28.26 -28.70
C LEU A 160 15.57 28.44 -27.53
N THR A 161 16.78 28.92 -27.78
CA THR A 161 17.76 29.09 -26.73
C THR A 161 17.76 30.53 -26.20
N SER A 162 18.45 30.75 -25.09
CA SER A 162 18.30 32.01 -24.37
C SER A 162 19.07 33.20 -25.00
N ASP A 163 19.80 32.96 -26.08
CA ASP A 163 20.37 34.07 -26.89
C ASP A 163 19.38 34.49 -28.01
N GLY A 164 18.24 33.81 -28.08
CA GLY A 164 17.18 34.13 -29.03
C GLY A 164 17.27 33.32 -30.30
N VAL A 165 18.32 32.53 -30.45
CA VAL A 165 18.50 31.70 -31.65
C VAL A 165 17.91 30.31 -31.40
N THR A 166 17.25 29.80 -32.44
CA THR A 166 16.69 28.49 -32.38
C THR A 166 17.70 27.51 -32.97
N GLN A 167 18.11 26.50 -32.19
CA GLN A 167 19.12 25.54 -32.62
C GLN A 167 18.46 24.17 -32.76
N THR A 168 18.97 23.30 -33.63
CA THR A 168 18.24 22.05 -33.94
C THR A 168 19.03 20.82 -33.50
N ILE A 169 18.31 19.76 -33.19
CA ILE A 169 18.88 18.46 -32.82
C ILE A 169 18.19 17.43 -33.71
N PRO A 171 17.94 13.22 -34.99
CA PRO A 171 18.27 11.86 -34.60
C PRO A 171 19.67 11.48 -35.11
N GLY A 172 20.43 10.82 -34.26
CA GLY A 172 21.77 10.37 -34.63
C GLY A 172 22.85 11.39 -34.35
N ASP A 173 22.50 12.65 -34.04
CA ASP A 173 23.52 13.60 -33.56
C ASP A 173 24.16 13.08 -32.28
N TYR A 174 25.41 13.47 -32.02
CA TYR A 174 26.05 13.04 -30.77
C TYR A 174 25.73 14.11 -29.71
N ILE A 175 25.33 13.64 -28.55
CA ILE A 175 24.99 14.47 -27.42
C ILE A 175 25.95 14.13 -26.29
N ALA A 176 26.52 15.19 -25.69
CA ALA A 176 27.39 15.02 -24.53
C ALA A 176 26.91 15.91 -23.40
N GLY A 177 26.99 15.41 -22.19
CA GLY A 177 26.59 16.19 -21.03
C GLY A 177 27.53 16.01 -19.87
N ASP A 178 27.78 17.11 -19.16
CA ASP A 178 28.58 17.05 -17.96
C ASP A 178 28.21 18.25 -17.09
N ASN A 179 29.07 18.63 -16.12
CA ASN A 179 28.68 19.71 -15.24
C ASN A 179 28.64 21.09 -15.89
N ASN A 180 29.06 21.19 -17.14
CA ASN A 180 29.02 22.45 -17.89
C ASN A 180 27.77 22.55 -18.72
N GLY A 181 27.01 21.46 -18.78
CA GLY A 181 25.79 21.41 -19.58
C GLY A 181 25.86 20.45 -20.73
N ILE A 182 25.09 20.75 -21.75
CA ILE A 182 24.89 19.88 -22.91
C ILE A 182 25.44 20.48 -24.20
N VAL A 183 26.11 19.64 -24.99
CA VAL A 183 26.58 20.04 -26.29
C VAL A 183 26.14 18.98 -27.28
N ARG A 184 25.86 19.43 -28.48
CA ARG A 184 25.46 18.56 -29.55
C ARG A 184 26.42 18.71 -30.73
N ILE A 185 26.86 17.59 -31.29
CA ILE A 185 27.66 17.54 -32.50
C ILE A 185 26.69 17.20 -33.64
N PRO A 186 26.55 18.10 -34.62
CA PRO A 186 25.58 17.86 -35.69
C PRO A 186 26.26 17.03 -36.77
N VAL A 187 25.93 15.74 -36.79
CA VAL A 187 26.73 14.79 -37.59
C VAL A 187 26.55 15.00 -39.09
N GLN A 188 25.46 15.63 -39.50
CA GLN A 188 25.23 15.93 -40.90
C GLN A 188 25.83 17.25 -41.35
N GLU A 189 26.64 17.88 -40.48
CA GLU A 189 27.30 19.13 -40.82
C GLU A 189 28.76 19.09 -40.43
N THR A 190 29.23 18.01 -39.81
CA THR A 190 30.59 17.94 -39.28
C THR A 190 31.14 16.56 -39.56
N ASP A 191 32.46 16.45 -39.62
CA ASP A 191 33.10 15.17 -39.77
C ASP A 191 33.70 14.75 -38.45
N ILE A 192 33.15 13.66 -37.93
CA ILE A 192 33.50 13.23 -36.57
C ILE A 192 35.00 12.94 -36.43
N SER A 193 35.61 12.31 -37.42
CA SER A 193 37.00 11.89 -37.26
C SER A 193 37.90 13.12 -37.19
N LYS A 194 37.60 14.14 -37.98
CA LYS A 194 38.33 15.38 -37.98
C LYS A 194 38.19 16.07 -36.63
N LEU A 195 36.98 16.06 -36.12
CA LEU A 195 36.72 16.72 -34.87
C LEU A 195 37.44 16.01 -33.72
N VAL A 196 37.37 14.69 -33.71
CA VAL A 196 38.02 13.90 -32.64
C VAL A 196 39.51 14.15 -32.63
N THR A 197 40.13 14.10 -33.81
CA THR A 197 41.55 14.35 -33.94
C THR A 197 41.95 15.73 -33.39
N TYR A 198 41.20 16.75 -33.74
CA TYR A 198 41.48 18.10 -33.29
C TYR A 198 41.35 18.18 -31.79
N ILE A 199 40.25 17.64 -31.27
CA ILE A 199 39.97 17.73 -29.82
C ILE A 199 41.06 17.04 -29.02
N GLU A 200 41.47 15.86 -29.47
CA GLU A 200 42.52 15.14 -28.77
C GLU A 200 43.80 16.00 -28.67
N LYS A 201 44.15 16.65 -29.75
CA LYS A 201 45.32 17.53 -29.75
C LYS A 201 45.11 18.72 -28.83
N SER A 202 43.91 19.31 -28.87
CA SER A 202 43.57 20.48 -28.09
C SER A 202 43.63 20.20 -26.60
N ILE A 203 43.14 19.03 -26.17
CA ILE A 203 43.24 18.62 -24.77
C ILE A 203 44.70 18.56 -24.28
N GLU A 204 45.56 17.98 -25.10
CA GLU A 204 47.01 17.94 -24.79
C GLU A 204 47.60 19.33 -24.65
N VAL A 205 47.21 20.22 -25.56
CA VAL A 205 47.70 21.61 -25.57
C VAL A 205 47.29 22.29 -24.27
N ASP A 206 46.03 22.13 -23.88
CA ASP A 206 45.54 22.82 -22.69
C ASP A 206 46.16 22.30 -21.41
N LEU A 207 46.50 21.01 -21.39
CA LEU A 207 47.29 20.48 -20.27
C LEU A 207 48.62 21.21 -20.14
N LEU A 208 49.32 21.36 -21.26
CA LEU A 208 50.59 22.08 -21.26
C LEU A 208 50.40 23.53 -20.80
N VAL A 209 49.31 24.18 -21.22
CA VAL A 209 49.07 25.55 -20.76
C VAL A 209 48.86 25.59 -19.26
N SER A 210 48.06 24.65 -18.73
CA SER A 210 47.82 24.57 -17.28
C SER A 210 49.18 24.46 -16.55
N GLU A 211 50.00 23.52 -17.00
CA GLU A 211 51.31 23.32 -16.38
C GLU A 211 52.23 24.53 -16.54
N ASP A 212 52.17 25.21 -17.67
CA ASP A 212 52.91 26.50 -17.87
C ASP A 212 52.48 27.56 -16.84
N ILE A 213 51.17 27.69 -16.63
CA ILE A 213 50.67 28.68 -15.72
C ILE A 213 51.17 28.37 -14.30
N LYS A 214 51.17 27.07 -13.95
CA LYS A 214 51.68 26.66 -12.62
C LYS A 214 53.20 26.92 -12.47
N ASN A 215 53.88 27.07 -13.59
CA ASN A 215 55.29 27.51 -13.63
C ASN A 215 55.50 29.00 -13.72
N GLY A 216 54.43 29.76 -13.56
CA GLY A 216 54.57 31.21 -13.56
C GLY A 216 54.56 31.86 -14.92
N ILE A 217 54.28 31.11 -15.97
CA ILE A 217 54.20 31.66 -17.30
C ILE A 217 52.85 32.35 -17.46
N PRO A 218 52.82 33.59 -17.98
CA PRO A 218 51.51 34.23 -18.17
C PRO A 218 50.57 33.40 -19.05
N ALA A 219 49.28 33.39 -18.71
CA ALA A 219 48.33 32.53 -19.41
C ALA A 219 48.19 32.78 -20.89
N LYS A 220 48.07 34.05 -21.27
CA LYS A 220 47.78 34.29 -22.69
C LYS A 220 49.00 33.92 -23.52
N GLN A 221 50.18 34.27 -23.05
CA GLN A 221 51.44 33.88 -23.68
C GLN A 221 51.52 32.36 -23.85
N ALA A 222 51.24 31.66 -22.76
CA ALA A 222 51.26 30.19 -22.76
C ALA A 222 50.26 29.62 -23.77
N GLN A 223 49.04 30.15 -23.77
CA GLN A 223 48.02 29.78 -24.76
C GLN A 223 48.52 29.97 -26.18
N ASN A 224 49.07 31.16 -26.48
CA ASN A 224 49.51 31.45 -27.85
C ASN A 224 50.65 30.52 -28.27
N ASP A 225 51.57 30.30 -27.34
CA ASP A 225 52.70 29.38 -27.58
C ASP A 225 52.24 27.95 -27.86
N ARG A 226 51.46 27.39 -26.94
CA ARG A 226 51.08 25.97 -27.02
C ARG A 226 50.07 25.70 -28.12
N ARG A 227 49.18 26.67 -28.36
CA ARG A 227 48.11 26.50 -29.36
C ARG A 227 48.56 26.71 -30.79
N SER A 228 49.82 27.15 -31.00
CA SER A 228 50.29 27.35 -32.36
C SER A 228 50.18 26.06 -33.17
N VAL A 229 50.39 24.91 -32.52
CA VAL A 229 50.29 23.59 -33.15
C VAL A 229 48.89 23.25 -33.70
N LEU A 230 47.87 23.90 -33.17
CA LEU A 230 46.50 23.65 -33.61
C LEU A 230 46.16 24.33 -34.93
N LYS A 231 46.93 25.34 -35.32
CA LYS A 231 46.67 26.12 -36.54
C LYS A 231 46.58 25.27 -37.79
N LYS A 232 47.45 24.27 -37.90
CA LYS A 232 47.46 23.43 -39.09
C LYS A 232 46.16 22.64 -39.24
N TYR A 233 45.37 22.52 -38.18
CA TYR A 233 44.08 21.82 -38.25
C TYR A 233 42.93 22.81 -38.50
N ILE A 234 41.77 22.37 -38.57
N SER B 2 -3.78 10.24 11.41
CA SER B 2 -4.45 11.52 11.07
C SER B 2 -4.21 11.86 9.60
N ASP B 3 -4.94 12.87 9.12
CA ASP B 3 -4.74 13.38 7.77
C ASP B 3 -3.25 13.58 7.50
N LEU B 4 -2.60 14.41 8.32
CA LEU B 4 -1.20 14.75 8.11
C LEU B 4 -0.35 13.50 8.02
N GLN B 5 -0.57 12.60 8.97
CA GLN B 5 0.24 11.39 9.04
C GLN B 5 0.18 10.58 7.75
N LYS B 6 -1.01 10.43 7.20
CA LYS B 6 -1.18 9.68 5.95
C LYS B 6 -0.45 10.37 4.77
N LEU B 7 -0.67 11.67 4.66
CA LEU B 7 -0.04 12.48 3.61
C LEU B 7 1.48 12.50 3.71
N GLN B 8 2.01 12.41 4.93
CA GLN B 8 3.45 12.38 5.12
C GLN B 8 4.09 11.17 4.46
N ARG B 9 3.31 10.15 4.09
CA ARG B 9 3.87 8.95 3.45
C ARG B 9 3.96 9.10 1.93
N PHE B 10 3.41 10.18 1.39
CA PHE B 10 3.28 10.32 -0.06
C PHE B 10 4.33 11.28 -0.59
N SER B 11 4.78 11.08 -1.83
CA SER B 11 5.57 12.11 -2.50
C SER B 11 4.65 13.18 -3.07
N THR B 12 5.22 14.31 -3.46
CA THR B 12 4.43 15.37 -4.06
C THR B 12 3.83 14.86 -5.37
N CYS B 13 4.54 13.98 -6.04
CA CYS B 13 4.05 13.40 -7.29
C CYS B 13 2.80 12.58 -7.06
N ASP B 14 2.79 11.78 -6.00
CA ASP B 14 1.62 11.00 -5.62
C ASP B 14 0.42 11.88 -5.32
N ILE B 15 0.62 12.95 -4.56
CA ILE B 15 -0.43 13.88 -4.28
C ILE B 15 -0.95 14.57 -5.54
N SER B 16 -0.06 14.98 -6.46
CA SER B 16 -0.54 15.53 -7.73
C SER B 16 -1.32 14.54 -8.59
N ASP B 17 -0.99 13.26 -8.50
CA ASP B 17 -1.71 12.25 -9.23
C ASP B 17 -3.11 12.19 -8.67
N GLY B 18 -3.25 12.36 -7.37
CA GLY B 18 -4.57 12.37 -6.74
C GLY B 18 -5.40 13.56 -7.15
N LEU B 19 -4.78 14.74 -7.11
CA LEU B 19 -5.46 15.97 -7.45
C LEU B 19 -5.85 16.02 -8.93
N LEU B 20 -4.93 15.58 -9.79
CA LEU B 20 -5.21 15.51 -11.22
C LEU B 20 -6.33 14.52 -11.52
N ASN B 21 -6.24 13.31 -10.99
CA ASN B 21 -7.16 12.25 -11.42
C ASN B 21 -8.46 12.21 -10.67
N VAL B 22 -8.43 12.53 -9.39
CA VAL B 22 -9.70 12.59 -8.61
C VAL B 22 -10.45 13.89 -8.83
N TYR B 23 -9.73 15.02 -8.85
CA TYR B 23 -10.36 16.35 -8.91
C TYR B 23 -10.17 17.12 -10.22
N ASN B 24 -9.58 16.46 -11.21
CA ASN B 24 -9.38 17.07 -12.53
C ASN B 24 -8.67 18.42 -12.44
N ILE B 25 -7.71 18.54 -11.51
CA ILE B 25 -6.95 19.77 -11.40
C ILE B 25 -5.72 19.64 -12.31
N PRO B 26 -5.68 20.39 -13.43
CA PRO B 26 -4.72 20.05 -14.49
C PRO B 26 -3.25 20.21 -14.10
N THR B 27 -2.98 21.08 -13.15
CA THR B 27 -1.62 21.30 -12.65
C THR B 27 -1.31 20.42 -11.43
N GLY B 28 -2.27 19.66 -10.92
CA GLY B 28 -1.99 18.75 -9.82
C GLY B 28 -1.70 19.53 -8.54
N GLY B 29 -2.15 20.77 -8.45
CA GLY B 29 -1.90 21.57 -7.24
C GLY B 29 -0.44 21.98 -7.05
N TYR B 30 0.34 21.96 -8.11
CA TYR B 30 1.74 22.30 -8.02
C TYR B 30 2.02 23.78 -8.01
N PHE B 31 2.98 24.17 -7.16
CA PHE B 31 3.46 25.55 -7.12
C PHE B 31 4.91 25.48 -7.55
N PRO B 32 5.21 25.93 -8.78
CA PRO B 32 6.51 25.64 -9.37
C PRO B 32 7.66 26.56 -8.94
N ASN B 33 8.86 26.04 -9.14
CA ASN B 33 10.12 26.82 -9.17
C ASN B 33 10.67 27.19 -7.81
N LEU B 34 10.23 26.47 -6.79
CA LEU B 34 10.80 26.59 -5.46
C LEU B 34 11.97 25.61 -5.31
N THR B 35 13.00 26.03 -4.58
CA THR B 35 14.15 25.22 -4.29
C THR B 35 14.22 24.92 -2.81
N ALA B 36 14.52 23.67 -2.46
CA ALA B 36 14.76 23.32 -1.07
C ALA B 36 16.15 23.79 -0.65
N ILE B 37 16.22 25.03 -0.21
CA ILE B 37 17.46 25.62 0.23
C ILE B 37 17.95 24.90 1.49
N SER B 38 17.02 24.60 2.39
CA SER B 38 17.31 23.80 3.57
C SER B 38 16.41 22.58 3.43
N PRO B 39 16.97 21.46 2.92
CA PRO B 39 16.17 20.28 2.63
C PRO B 39 15.64 19.61 3.88
N PRO B 40 14.47 18.96 3.76
CA PRO B 40 14.03 18.13 4.88
C PRO B 40 15.01 16.98 5.13
N GLN B 41 15.20 16.62 6.39
CA GLN B 41 16.04 15.48 6.76
C GLN B 41 15.40 14.23 6.19
N ASN B 42 14.09 14.12 6.38
CA ASN B 42 13.35 12.96 5.90
C ASN B 42 12.86 13.20 4.47
N SER B 43 11.92 12.40 3.99
CA SER B 43 11.58 12.41 2.57
C SER B 43 10.88 13.73 2.17
N SER B 44 9.83 14.06 2.91
CA SER B 44 9.01 15.24 2.57
C SER B 44 8.67 15.99 3.82
N ILE B 45 8.15 17.19 3.64
CA ILE B 45 7.48 17.90 4.74
C ILE B 45 6.01 18.05 4.36
N VAL B 46 5.11 17.97 5.37
CA VAL B 46 3.70 18.20 5.15
C VAL B 46 3.17 18.95 6.37
N GLY B 47 2.24 19.85 6.15
CA GLY B 47 1.63 20.59 7.26
C GLY B 47 0.55 21.51 6.78
N THR B 48 -0.20 22.10 7.73
CA THR B 48 -1.27 23.00 7.38
C THR B 48 -0.72 24.38 7.22
N ALA B 49 -1.16 25.06 6.17
CA ALA B 49 -0.66 26.39 5.83
C ALA B 49 -1.02 27.48 6.85
N TYR B 50 0.03 28.17 7.33
CA TYR B 50 -0.12 29.40 8.10
C TYR B 50 0.44 30.46 7.18
N THR B 51 -0.45 31.27 6.61
CA THR B 51 -0.08 32.15 5.51
C THR B 51 0.26 33.54 5.98
N VAL B 52 1.21 34.17 5.27
CA VAL B 52 1.65 35.49 5.62
C VAL B 52 1.86 36.26 4.34
N LEU B 53 1.27 37.45 4.27
CA LEU B 53 1.31 38.30 3.11
C LEU B 53 2.19 39.51 3.37
N PHE B 54 3.17 39.74 2.49
CA PHE B 54 4.03 40.90 2.55
C PHE B 54 3.63 41.95 1.50
N ALA B 55 3.68 43.21 1.91
CA ALA B 55 3.36 44.35 1.04
C ALA B 55 4.47 45.41 1.11
N PRO B 56 4.50 46.34 0.14
CA PRO B 56 5.43 47.49 0.21
C PRO B 56 5.35 48.20 1.55
N ILE B 57 6.46 48.74 2.02
CA ILE B 57 6.41 49.34 3.36
C ILE B 57 5.54 50.59 3.44
N ASP B 58 5.32 51.20 2.28
CA ASP B 58 4.46 52.38 2.14
C ASP B 58 2.95 52.02 2.23
N ASP B 59 2.63 50.73 2.20
CA ASP B 59 1.25 50.28 2.26
C ASP B 59 0.64 50.82 3.56
N PRO B 60 -0.62 51.28 3.52
CA PRO B 60 -1.23 51.82 4.74
C PRO B 60 -1.47 50.79 5.84
N ARG B 61 -1.52 49.50 5.51
CA ARG B 61 -1.78 48.49 6.51
C ARG B 61 -0.58 48.39 7.46
N PRO B 62 -0.85 48.22 8.76
CA PRO B 62 0.28 48.14 9.66
C PRO B 62 1.05 46.82 9.57
N ALA B 63 2.34 46.90 9.85
CA ALA B 63 3.15 45.68 10.00
C ALA B 63 2.58 44.76 11.07
N VAL B 64 2.64 43.45 10.83
CA VAL B 64 2.16 42.48 11.79
C VAL B 64 3.32 41.57 12.19
N ASN B 65 3.21 41.05 13.40
CA ASN B 65 4.17 40.06 13.89
C ASN B 65 3.63 38.69 13.53
N TYR B 66 4.16 38.08 12.48
CA TYR B 66 3.67 36.78 12.11
C TYR B 66 4.40 35.62 12.81
N ILE B 67 5.69 35.80 13.09
CA ILE B 67 6.53 34.65 13.44
C ILE B 67 6.21 34.10 14.84
N ASP B 68 5.81 34.99 15.74
CA ASP B 68 5.65 34.57 17.11
C ASP B 68 4.37 33.76 17.37
N SER B 69 3.52 33.64 16.35
CA SER B 69 2.27 32.85 16.40
C SER B 69 2.26 31.69 15.40
N VAL B 70 3.43 31.25 14.94
CA VAL B 70 3.49 30.13 14.03
C VAL B 70 2.95 28.91 14.76
N PRO B 71 1.93 28.23 14.20
CA PRO B 71 1.42 27.02 14.86
C PRO B 71 2.31 25.78 14.78
N PRO B 72 2.23 24.92 15.79
CA PRO B 72 2.90 23.61 15.67
C PRO B 72 2.31 22.80 14.49
N ASN B 73 3.17 22.03 13.80
CA ASN B 73 2.80 21.20 12.63
C ASN B 73 2.31 21.95 11.39
N SER B 74 2.52 23.26 11.41
CA SER B 74 2.21 24.13 10.28
C SER B 74 3.29 24.04 9.21
N ILE B 75 2.93 24.42 8.01
CA ILE B 75 3.91 24.94 7.07
C ILE B 75 3.70 26.45 7.02
N LEU B 76 4.73 27.21 7.34
CA LEU B 76 4.70 28.63 7.30
C LEU B 76 4.89 29.03 5.84
N VAL B 77 3.98 29.82 5.30
CA VAL B 77 3.99 30.16 3.88
C VAL B 77 3.96 31.67 3.72
N LEU B 78 5.01 32.22 3.12
CA LEU B 78 5.18 33.65 2.97
C LEU B 78 5.06 34.01 1.49
N ALA B 79 4.37 35.10 1.19
CA ALA B 79 4.28 35.54 -0.21
C ALA B 79 4.21 37.04 -0.28
N LEU B 80 4.53 37.57 -1.45
CA LEU B 80 4.44 39.00 -1.72
C LEU B 80 3.12 39.34 -2.39
N GLU B 81 2.74 40.60 -2.27
CA GLU B 81 1.72 41.19 -3.15
C GLU B 81 2.05 40.80 -4.60
N PRO B 82 1.06 40.32 -5.37
CA PRO B 82 1.33 39.93 -6.77
C PRO B 82 1.99 40.93 -7.72
N HIS B 83 1.83 42.25 -7.49
CA HIS B 83 2.52 43.19 -8.33
C HIS B 83 4.04 43.10 -8.25
N LEU B 84 4.54 42.46 -7.19
CA LEU B 84 5.97 42.31 -6.99
C LEU B 84 6.44 40.89 -7.38
N GLN B 85 5.58 40.15 -8.09
CA GLN B 85 5.91 38.82 -8.59
C GLN B 85 6.07 38.90 -10.10
N SER B 86 6.73 37.89 -10.66
CA SER B 86 7.04 37.83 -12.09
C SER B 86 6.83 36.41 -12.57
N GLN B 87 6.46 36.27 -13.85
CA GLN B 87 6.35 34.97 -14.46
C GLN B 87 7.70 34.33 -14.86
N PHE B 88 8.80 35.10 -14.79
CA PHE B 88 10.13 34.60 -15.13
C PHE B 88 11.03 34.67 -13.91
N HIS B 89 12.00 33.76 -13.87
CA HIS B 89 12.97 33.73 -12.74
C HIS B 89 13.66 35.09 -12.69
N PRO B 90 13.85 35.67 -11.49
CA PRO B 90 13.73 35.07 -10.15
C PRO B 90 12.37 35.00 -9.49
N PHE B 91 11.31 35.36 -10.24
CA PHE B 91 9.90 35.19 -9.86
C PHE B 91 9.36 36.25 -8.91
N ILE B 92 10.26 37.07 -8.38
CA ILE B 92 9.90 38.24 -7.59
C ILE B 92 10.77 39.42 -7.99
N LYS B 93 10.27 40.62 -7.74
CA LYS B 93 10.92 41.85 -8.20
C LYS B 93 11.74 42.61 -7.18
N ILE B 94 11.84 42.06 -5.98
CA ILE B 94 12.75 42.60 -4.97
C ILE B 94 13.97 41.69 -4.83
N THR B 95 15.12 42.30 -4.51
CA THR B 95 16.35 41.56 -4.31
C THR B 95 16.61 41.22 -2.85
N GLN B 96 15.87 41.90 -1.96
CA GLN B 96 15.96 41.71 -0.52
C GLN B 96 15.33 40.39 -0.10
N ALA B 97 15.87 39.79 0.96
CA ALA B 97 15.27 38.65 1.56
C ALA B 97 14.06 39.05 2.43
N MET B 98 13.16 38.13 2.62
CA MET B 98 11.98 38.40 3.45
C MET B 98 11.92 37.55 4.71
N TYR B 99 12.97 36.77 4.95
CA TYR B 99 12.95 35.74 6.00
C TYR B 99 14.36 35.26 6.20
N GLY B 100 14.81 35.27 7.45
CA GLY B 100 16.14 34.82 7.79
C GLY B 100 16.25 33.79 8.89
N GLY B 101 17.46 33.63 9.41
CA GLY B 101 17.71 32.51 10.33
C GLY B 101 17.04 32.64 11.70
N LEU B 102 16.86 33.87 12.19
CA LEU B 102 16.17 34.06 13.48
C LEU B 102 14.74 33.63 13.32
N MET B 103 14.16 33.84 12.12
CA MET B 103 12.78 33.42 11.89
C MET B 103 12.66 31.90 11.93
N SER B 104 13.57 31.19 11.27
CA SER B 104 13.61 29.73 11.37
C SER B 104 13.83 29.26 12.81
N THR B 105 14.64 29.98 13.55
CA THR B 105 14.91 29.61 14.96
C THR B 105 13.60 29.60 15.76
N ARG B 106 12.82 30.66 15.60
CA ARG B 106 11.56 30.78 16.32
C ARG B 106 10.54 29.79 15.80
N ALA B 107 10.42 29.64 14.48
CA ALA B 107 9.42 28.75 13.91
C ALA B 107 9.69 27.30 14.35
N GLN B 108 10.97 26.94 14.42
CA GLN B 108 11.38 25.63 14.87
C GLN B 108 11.06 25.44 16.37
N TYR B 109 11.32 26.46 17.16
CA TYR B 109 10.98 26.43 18.59
C TYR B 109 9.48 26.12 18.78
N LEU B 110 8.67 26.69 17.91
CA LEU B 110 7.22 26.53 17.97
C LEU B 110 6.73 25.26 17.28
N LYS B 111 7.66 24.44 16.79
CA LYS B 111 7.44 23.08 16.24
C LYS B 111 6.73 23.10 14.87
N SER B 112 6.93 24.17 14.11
CA SER B 112 6.49 24.20 12.71
C SER B 112 7.22 23.13 11.92
N ASN B 113 6.57 22.60 10.89
CA ASN B 113 7.20 21.55 10.09
C ASN B 113 8.11 22.08 9.00
N GLY B 114 7.99 23.38 8.68
CA GLY B 114 8.90 23.93 7.69
C GLY B 114 8.30 25.21 7.13
N THR B 115 9.06 25.82 6.21
CA THR B 115 8.73 27.14 5.66
C THR B 115 8.80 27.09 4.13
N VAL B 116 7.84 27.73 3.46
CA VAL B 116 7.86 27.94 2.01
C VAL B 116 7.80 29.45 1.81
N VAL B 117 8.83 30.01 1.21
CA VAL B 117 8.89 31.45 0.93
C VAL B 117 8.81 31.67 -0.56
N PHE B 118 7.76 32.38 -1.00
CA PHE B 118 7.62 32.74 -2.40
C PHE B 118 8.36 34.04 -2.59
N GLY B 119 9.66 33.93 -2.45
CA GLY B 119 10.55 35.02 -2.44
C GLY B 119 11.91 34.54 -2.00
N ARG B 120 12.72 35.43 -1.40
CA ARG B 120 14.10 35.13 -1.02
C ARG B 120 14.25 34.94 0.48
N ILE B 121 15.16 34.04 0.85
CA ILE B 121 15.60 33.90 2.24
C ILE B 121 17.05 34.31 2.37
N ARG B 122 17.45 34.65 3.58
CA ARG B 122 18.85 34.86 3.86
C ARG B 122 19.25 34.00 5.07
N ASP B 123 20.54 34.00 5.36
CA ASP B 123 21.15 33.13 6.36
C ASP B 123 21.04 31.66 6.00
N VAL B 124 21.42 31.34 4.76
CA VAL B 124 21.32 30.01 4.24
C VAL B 124 21.89 28.96 5.17
N ASP B 125 23.12 29.17 5.64
CA ASP B 125 23.75 28.18 6.51
C ASP B 125 23.01 28.00 7.86
N GLU B 126 22.35 29.03 8.38
CA GLU B 126 21.65 28.93 9.65
C GLU B 126 20.46 27.97 9.58
N HIS B 127 19.67 28.02 8.51
CA HIS B 127 18.54 27.12 8.34
C HIS B 127 19.05 25.70 8.28
N ARG B 128 20.18 25.51 7.60
CA ARG B 128 20.75 24.20 7.44
C ARG B 128 21.31 23.67 8.75
N THR B 129 21.95 24.53 9.52
CA THR B 129 22.50 24.13 10.82
C THR B 129 21.38 23.78 11.80
N LEU B 130 20.28 24.54 11.76
CA LEU B 130 19.07 24.22 12.52
C LEU B 130 18.36 22.95 12.08
N ASN B 131 18.61 22.52 10.83
CA ASN B 131 17.87 21.44 10.21
C ASN B 131 16.40 21.76 10.15
N HIS B 132 16.10 23.01 9.81
CA HIS B 132 14.72 23.45 9.65
C HIS B 132 14.45 23.55 8.15
N PRO B 133 13.48 22.78 7.63
CA PRO B 133 13.24 22.76 6.18
C PRO B 133 12.72 24.10 5.67
N VAL B 134 13.35 24.60 4.60
CA VAL B 134 12.96 25.87 3.98
C VAL B 134 13.05 25.73 2.46
N PHE B 135 11.95 26.05 1.81
CA PHE B 135 11.85 26.11 0.35
C PHE B 135 11.70 27.57 -0.01
N ALA B 136 12.34 28.00 -1.08
CA ALA B 136 12.21 29.42 -1.49
C ALA B 136 12.49 29.57 -2.97
N TYR B 137 12.13 30.70 -3.54
CA TYR B 137 12.51 30.95 -4.95
C TYR B 137 14.02 31.19 -5.08
N GLY B 138 14.64 31.71 -4.02
CA GLY B 138 16.04 32.15 -4.07
C GLY B 138 16.54 32.69 -2.77
N VAL B 139 17.69 33.33 -2.83
CA VAL B 139 18.35 33.87 -1.62
C VAL B 139 18.65 35.34 -1.75
N GLY B 140 18.87 36.00 -0.62
CA GLY B 140 19.33 37.37 -0.60
C GLY B 140 20.22 37.57 0.61
N SER B 141 20.87 38.73 0.68
CA SER B 141 21.71 39.05 1.84
C SER B 141 21.03 40.08 2.73
N CYS B 142 20.03 40.75 2.21
CA CYS B 142 19.54 41.97 2.85
C CYS B 142 18.19 41.79 3.50
N ALA B 143 18.02 42.41 4.67
CA ALA B 143 16.72 42.46 5.30
C ALA B 143 15.72 43.25 4.49
N PRO B 144 14.42 42.96 4.68
CA PRO B 144 13.35 43.60 3.89
C PRO B 144 12.93 45.04 4.29
N LYS B 145 13.46 45.54 5.42
CA LYS B 145 13.10 46.80 6.07
C LYS B 145 12.75 47.94 5.14
N ALA B 146 13.58 48.15 4.12
CA ALA B 146 13.43 49.32 3.29
C ALA B 146 12.41 49.12 2.18
N VAL B 147 11.90 47.90 2.00
CA VAL B 147 11.00 47.61 0.88
C VAL B 147 9.68 46.94 1.20
N VAL B 148 9.65 45.93 2.06
CA VAL B 148 8.41 45.26 2.35
C VAL B 148 8.23 44.92 3.81
N LYS B 149 6.98 44.67 4.17
CA LYS B 149 6.61 44.31 5.52
C LYS B 149 5.46 43.32 5.51
N ALA B 150 5.34 42.50 6.54
CA ALA B 150 4.21 41.61 6.66
C ALA B 150 2.98 42.42 7.09
N VAL B 151 1.89 42.26 6.36
CA VAL B 151 0.65 42.97 6.64
C VAL B 151 -0.54 42.07 6.94
N GLY B 152 -0.41 40.76 6.75
CA GLY B 152 -1.56 39.88 6.99
C GLY B 152 -1.11 38.49 7.36
N THR B 153 -1.83 37.85 8.27
CA THR B 153 -1.62 36.43 8.55
C THR B 153 -2.95 35.73 8.40
N ASN B 154 -2.91 34.44 8.06
CA ASN B 154 -4.09 33.66 7.80
C ASN B 154 -5.01 34.35 6.81
N VAL B 155 -4.41 34.83 5.73
CA VAL B 155 -5.10 35.44 4.61
C VAL B 155 -4.88 34.58 3.36
N GLN B 156 -5.73 34.78 2.35
CA GLN B 156 -5.49 34.09 1.11
C GLN B 156 -4.21 34.64 0.48
N LEU B 157 -3.42 33.75 -0.15
CA LEU B 157 -2.21 34.14 -0.88
C LEU B 157 -2.43 33.87 -2.35
N LYS B 158 -2.16 34.85 -3.19
CA LYS B 158 -2.24 34.67 -4.65
C LYS B 158 -0.82 34.56 -5.15
N ILE B 159 -0.51 33.49 -5.87
CA ILE B 159 0.82 33.28 -6.43
C ILE B 159 0.76 33.27 -7.95
N LEU B 160 1.43 34.22 -8.58
CA LEU B 160 1.55 34.24 -10.03
C LEU B 160 2.54 33.17 -10.39
N THR B 161 2.08 32.11 -11.05
CA THR B 161 2.95 31.02 -11.46
C THR B 161 3.45 31.24 -12.90
N SER B 162 4.44 30.43 -13.27
CA SER B 162 5.20 30.69 -14.47
C SER B 162 4.49 30.19 -15.71
N ASP B 163 3.31 29.59 -15.56
CA ASP B 163 2.44 29.30 -16.72
C ASP B 163 1.44 30.44 -17.01
N GLY B 164 1.52 31.49 -16.19
CA GLY B 164 0.68 32.68 -16.34
C GLY B 164 -0.56 32.71 -15.48
N VAL B 165 -0.86 31.60 -14.83
CA VAL B 165 -2.04 31.43 -14.01
C VAL B 165 -1.67 31.81 -12.57
N THR B 166 -2.54 32.57 -11.94
CA THR B 166 -2.37 32.89 -10.53
C THR B 166 -3.14 31.85 -9.73
N GLN B 167 -2.45 31.10 -8.87
CA GLN B 167 -3.06 30.06 -8.09
C GLN B 167 -3.10 30.53 -6.65
N THR B 168 -4.00 29.99 -5.84
CA THR B 168 -4.17 30.50 -4.49
C THR B 168 -3.88 29.48 -3.40
N ILE B 169 -3.50 29.98 -2.22
CA ILE B 169 -3.23 29.14 -1.06
C ILE B 169 -4.05 29.79 0.05
N PRO B 171 -5.43 29.66 4.20
CA PRO B 171 -5.11 29.14 5.53
C PRO B 171 -5.69 27.78 5.75
N GLY B 172 -4.88 26.87 6.30
CA GLY B 172 -5.33 25.53 6.63
C GLY B 172 -5.17 24.54 5.50
N ASP B 173 -4.84 25.02 4.29
CA ASP B 173 -4.56 24.09 3.18
C ASP B 173 -3.39 23.19 3.53
N TYR B 174 -3.37 21.97 3.02
CA TYR B 174 -2.24 21.10 3.25
C TYR B 174 -1.14 21.43 2.23
N ILE B 175 0.06 21.61 2.73
CA ILE B 175 1.24 21.90 1.91
C ILE B 175 2.22 20.73 2.06
N ALA B 176 2.67 20.19 0.93
CA ALA B 176 3.66 19.15 0.93
C ALA B 176 4.83 19.60 0.09
N GLY B 177 6.04 19.31 0.55
CA GLY B 177 7.26 19.66 -0.20
C GLY B 177 8.29 18.54 -0.18
N ASP B 178 8.90 18.29 -1.33
CA ASP B 178 9.98 17.35 -1.43
C ASP B 178 10.89 17.80 -2.58
N ASN B 179 11.75 16.91 -3.05
CA ASN B 179 12.72 17.28 -4.07
C ASN B 179 12.07 17.60 -5.41
N ASN B 180 10.79 17.32 -5.56
CA ASN B 180 10.07 17.73 -6.79
C ASN B 180 9.45 19.08 -6.67
N GLY B 181 9.48 19.66 -5.47
CA GLY B 181 8.87 20.95 -5.23
C GLY B 181 7.67 20.92 -4.25
N ILE B 182 6.74 21.85 -4.44
CA ILE B 182 5.65 22.13 -3.52
C ILE B 182 4.28 21.87 -4.15
N VAL B 183 3.41 21.16 -3.42
CA VAL B 183 2.02 20.96 -3.82
C VAL B 183 1.10 21.39 -2.68
N ARG B 184 -0.09 21.83 -3.05
CA ARG B 184 -1.06 22.31 -2.09
C ARG B 184 -2.36 21.57 -2.34
N ILE B 185 -2.90 20.99 -1.28
CA ILE B 185 -4.23 20.38 -1.31
C ILE B 185 -5.25 21.37 -0.73
N PRO B 186 -6.23 21.79 -1.55
CA PRO B 186 -7.19 22.81 -1.12
C PRO B 186 -8.24 22.18 -0.24
N VAL B 187 -8.17 22.46 1.05
CA VAL B 187 -8.93 21.71 2.04
C VAL B 187 -10.43 21.99 2.00
N GLN B 188 -10.81 23.18 1.59
CA GLN B 188 -12.22 23.53 1.37
C GLN B 188 -12.85 22.61 0.33
N GLU B 189 -12.08 22.26 -0.69
CA GLU B 189 -12.63 21.61 -1.88
C GLU B 189 -12.35 20.12 -1.99
N THR B 190 -11.68 19.54 -1.00
CA THR B 190 -11.21 18.18 -1.14
C THR B 190 -11.70 17.32 0.00
N ASP B 191 -12.15 16.12 -0.37
CA ASP B 191 -12.50 15.08 0.58
C ASP B 191 -11.21 14.32 0.77
N ILE B 192 -10.58 14.55 1.92
CA ILE B 192 -9.24 14.05 2.16
C ILE B 192 -9.26 12.52 2.17
N SER B 193 -10.31 11.92 2.74
CA SER B 193 -10.38 10.45 2.78
C SER B 193 -10.41 9.83 1.40
N LYS B 194 -11.25 10.37 0.54
CA LYS B 194 -11.37 9.93 -0.84
C LYS B 194 -10.03 10.13 -1.57
N LEU B 195 -9.41 11.28 -1.35
CA LEU B 195 -8.11 11.56 -1.99
C LEU B 195 -7.03 10.59 -1.52
N VAL B 196 -6.91 10.42 -0.20
CA VAL B 196 -5.90 9.54 0.38
C VAL B 196 -6.13 8.10 -0.10
N THR B 197 -7.38 7.64 -0.14
CA THR B 197 -7.69 6.30 -0.64
C THR B 197 -7.23 6.08 -2.06
N TYR B 198 -7.49 7.07 -2.92
CA TYR B 198 -7.05 6.98 -4.30
C TYR B 198 -5.52 6.98 -4.35
N ILE B 199 -4.89 7.89 -3.62
CA ILE B 199 -3.43 7.99 -3.68
C ILE B 199 -2.75 6.67 -3.25
N GLU B 200 -3.26 6.05 -2.18
CA GLU B 200 -2.72 4.77 -1.71
C GLU B 200 -2.73 3.67 -2.78
N LYS B 201 -3.88 3.54 -3.46
CA LYS B 201 -4.06 2.61 -4.56
C LYS B 201 -3.12 2.96 -5.71
N SER B 202 -3.01 4.25 -6.01
CA SER B 202 -2.16 4.67 -7.10
C SER B 202 -0.69 4.28 -6.86
N ILE B 203 -0.24 4.40 -5.63
CA ILE B 203 1.12 4.05 -5.26
C ILE B 203 1.36 2.54 -5.45
N GLU B 204 0.37 1.75 -5.07
CA GLU B 204 0.45 0.27 -5.25
C GLU B 204 0.60 -0.03 -6.73
N VAL B 205 -0.24 0.58 -7.54
CA VAL B 205 -0.26 0.31 -8.96
C VAL B 205 1.03 0.83 -9.65
N ASP B 206 1.48 2.01 -9.25
CA ASP B 206 2.76 2.56 -9.77
C ASP B 206 3.95 1.63 -9.49
N LEU B 207 3.97 1.08 -8.28
CA LEU B 207 5.04 0.15 -7.90
C LEU B 207 5.07 -1.07 -8.82
N LEU B 208 3.89 -1.52 -9.22
CA LEU B 208 3.81 -2.64 -10.13
C LEU B 208 4.17 -2.25 -11.58
N VAL B 209 3.93 -1.01 -11.98
CA VAL B 209 4.44 -0.60 -13.30
C VAL B 209 5.95 -0.64 -13.29
N SER B 210 6.57 -0.13 -12.23
CA SER B 210 8.01 -0.12 -12.09
C SER B 210 8.57 -1.54 -12.13
N GLU B 211 7.97 -2.44 -11.35
CA GLU B 211 8.46 -3.83 -11.30
C GLU B 211 8.23 -4.56 -12.62
N ASP B 212 7.11 -4.28 -13.29
CA ASP B 212 6.85 -4.79 -14.63
C ASP B 212 8.02 -4.43 -15.53
N ILE B 213 8.36 -3.15 -15.54
CA ILE B 213 9.49 -2.68 -16.40
C ILE B 213 10.82 -3.34 -16.04
N LYS B 214 11.10 -3.42 -14.76
CA LYS B 214 12.34 -4.06 -14.28
C LYS B 214 12.40 -5.53 -14.68
N ASN B 215 11.23 -6.14 -14.84
CA ASN B 215 11.10 -7.54 -15.27
C ASN B 215 11.03 -7.72 -16.76
N GLY B 216 11.20 -6.63 -17.50
CA GLY B 216 11.28 -6.71 -18.95
C GLY B 216 9.99 -6.54 -19.71
N ILE B 217 8.91 -6.18 -19.04
CA ILE B 217 7.66 -5.90 -19.69
C ILE B 217 7.73 -4.49 -20.29
N PRO B 218 7.31 -4.32 -21.54
CA PRO B 218 7.29 -2.93 -22.03
C PRO B 218 6.45 -1.95 -21.20
N ALA B 219 6.86 -0.68 -21.19
CA ALA B 219 6.14 0.35 -20.47
C ALA B 219 4.70 0.53 -20.96
N LYS B 220 4.48 0.34 -22.25
CA LYS B 220 3.15 0.57 -22.82
C LYS B 220 2.16 -0.39 -22.22
N GLN B 221 2.54 -1.68 -22.21
CA GLN B 221 1.72 -2.68 -21.60
C GLN B 221 1.50 -2.41 -20.10
N ALA B 222 2.59 -2.13 -19.40
CA ALA B 222 2.54 -1.86 -17.97
C ALA B 222 1.66 -0.64 -17.65
N GLN B 223 1.79 0.42 -18.42
CA GLN B 223 0.97 1.60 -18.20
C GLN B 223 -0.50 1.34 -18.54
N ASN B 224 -0.75 0.59 -19.59
CA ASN B 224 -2.12 0.22 -19.98
C ASN B 224 -2.81 -0.54 -18.85
N ASP B 225 -2.09 -1.48 -18.25
CA ASP B 225 -2.67 -2.23 -17.14
C ASP B 225 -2.92 -1.35 -15.93
N ARG B 226 -2.05 -0.37 -15.66
CA ARG B 226 -2.31 0.56 -14.55
C ARG B 226 -3.59 1.35 -14.83
N ARG B 227 -3.74 1.81 -16.07
CA ARG B 227 -4.93 2.59 -16.43
C ARG B 227 -6.19 1.74 -16.19
N SER B 228 -6.12 0.49 -16.64
CA SER B 228 -7.26 -0.41 -16.50
C SER B 228 -7.64 -0.58 -15.06
N VAL B 229 -6.65 -0.68 -14.18
CA VAL B 229 -6.94 -0.87 -12.76
C VAL B 229 -7.52 0.39 -12.13
N LEU B 230 -6.90 1.54 -12.39
CA LEU B 230 -7.32 2.79 -11.76
C LEU B 230 -8.64 3.35 -12.28
N LYS B 231 -9.01 3.02 -13.50
CA LYS B 231 -10.34 3.32 -14.03
C LYS B 231 -11.44 3.04 -13.02
N LYS B 232 -11.29 1.96 -12.24
CA LYS B 232 -12.36 1.57 -11.33
C LYS B 232 -12.13 2.02 -9.87
N TYR B 233 -11.35 2.94 -9.58
N SER C 2 43.83 43.95 9.44
CA SER C 2 43.33 44.89 8.42
C SER C 2 41.82 44.82 8.37
N ASP C 3 41.20 45.79 7.70
CA ASP C 3 39.76 45.78 7.57
C ASP C 3 39.29 44.59 6.75
N LEU C 4 40.06 44.22 5.73
CA LEU C 4 39.74 43.04 4.95
C LEU C 4 39.70 41.80 5.83
N GLN C 5 40.66 41.71 6.74
CA GLN C 5 40.69 40.57 7.68
C GLN C 5 39.45 40.59 8.59
N LYS C 6 39.02 41.77 9.01
CA LYS C 6 37.81 41.87 9.83
C LYS C 6 36.57 41.56 8.98
N LEU C 7 36.51 42.09 7.77
CA LEU C 7 35.37 41.79 6.87
C LEU C 7 35.22 40.31 6.54
N GLN C 8 36.34 39.61 6.49
CA GLN C 8 36.37 38.20 6.21
C GLN C 8 35.60 37.37 7.26
N ARG C 9 35.38 37.91 8.46
CA ARG C 9 34.67 37.17 9.48
C ARG C 9 33.18 37.42 9.50
N PHE C 10 32.71 38.30 8.61
CA PHE C 10 31.28 38.66 8.53
C PHE C 10 30.59 37.87 7.43
N SER C 11 29.32 37.55 7.61
CA SER C 11 28.57 37.03 6.47
C SER C 11 28.18 38.19 5.58
N THR C 12 27.76 37.89 4.36
CA THR C 12 27.24 38.97 3.52
C THR C 12 26.01 39.63 4.12
N CYS C 13 25.20 38.88 4.85
CA CYS C 13 24.01 39.44 5.54
C CYS C 13 24.40 40.49 6.56
N ASP C 14 25.46 40.19 7.30
CA ASP C 14 25.95 41.11 8.31
C ASP C 14 26.42 42.38 7.64
N ILE C 15 27.16 42.24 6.53
CA ILE C 15 27.60 43.41 5.83
C ILE C 15 26.42 44.22 5.27
N SER C 16 25.43 43.54 4.68
CA SER C 16 24.20 44.23 4.25
C SER C 16 23.49 44.99 5.41
N ASP C 17 23.46 44.40 6.59
CA ASP C 17 22.91 45.06 7.80
C ASP C 17 23.61 46.40 8.05
N GLY C 18 24.93 46.43 7.89
CA GLY C 18 25.67 47.67 8.01
C GLY C 18 25.38 48.68 6.91
N LEU C 19 25.40 48.22 5.66
CA LEU C 19 25.13 49.13 4.57
C LEU C 19 23.71 49.69 4.60
N LEU C 20 22.74 48.85 4.95
CA LEU C 20 21.36 49.30 5.07
C LEU C 20 21.21 50.33 6.18
N ASN C 21 21.72 50.01 7.36
CA ASN C 21 21.44 50.82 8.55
C ASN C 21 22.34 52.01 8.75
N VAL C 22 23.62 51.86 8.42
CA VAL C 22 24.58 52.99 8.56
C VAL C 22 24.46 53.93 7.36
N TYR C 23 24.34 53.39 6.15
CA TYR C 23 24.30 54.22 4.94
C TYR C 23 22.97 54.32 4.19
N ASN C 24 21.90 53.74 4.72
CA ASN C 24 20.57 53.83 4.15
C ASN C 24 20.55 53.34 2.71
N ILE C 25 21.35 52.33 2.45
CA ILE C 25 21.36 51.70 1.13
C ILE C 25 20.29 50.59 1.14
N PRO C 26 19.13 50.82 0.46
CA PRO C 26 17.98 49.96 0.69
C PRO C 26 18.19 48.50 0.32
N THR C 27 19.06 48.25 -0.67
CA THR C 27 19.39 46.88 -1.10
C THR C 27 20.55 46.28 -0.31
N GLY C 28 21.13 47.06 0.59
CA GLY C 28 22.28 46.58 1.38
C GLY C 28 23.52 46.19 0.54
N GLY C 29 23.68 46.81 -0.63
CA GLY C 29 24.80 46.54 -1.53
C GLY C 29 24.76 45.17 -2.19
N TYR C 30 23.60 44.54 -2.24
CA TYR C 30 23.49 43.18 -2.75
C TYR C 30 23.46 43.18 -4.26
N PHE C 31 24.16 42.20 -4.84
CA PHE C 31 24.10 41.89 -6.29
C PHE C 31 23.49 40.52 -6.44
N PRO C 32 22.24 40.45 -6.91
CA PRO C 32 21.49 39.22 -6.81
C PRO C 32 21.74 38.18 -7.87
N ASN C 33 21.36 36.96 -7.54
CA ASN C 33 21.19 35.87 -8.52
C ASN C 33 22.48 35.19 -8.98
N LEU C 34 23.56 35.36 -8.19
CA LEU C 34 24.82 34.71 -8.50
C LEU C 34 24.81 33.39 -7.74
N THR C 35 25.35 32.38 -8.36
CA THR C 35 25.50 31.07 -7.74
C THR C 35 26.97 30.81 -7.42
N ALA C 36 27.24 30.26 -6.23
CA ALA C 36 28.59 29.83 -5.86
C ALA C 36 28.90 28.52 -6.55
N ILE C 37 29.28 28.60 -7.82
CA ILE C 37 29.48 27.39 -8.62
C ILE C 37 30.68 26.64 -8.08
N SER C 38 31.71 27.40 -7.73
CA SER C 38 32.85 26.86 -7.02
C SER C 38 32.90 27.54 -5.66
N PRO C 39 32.50 26.82 -4.63
CA PRO C 39 32.26 27.48 -3.34
C PRO C 39 33.53 27.85 -2.55
N PRO C 40 33.46 28.92 -1.73
CA PRO C 40 34.48 29.30 -0.75
C PRO C 40 34.96 28.11 0.10
N GLN C 41 36.24 28.11 0.47
CA GLN C 41 36.81 27.04 1.30
C GLN C 41 36.59 27.34 2.76
N ASN C 42 36.35 28.60 3.07
CA ASN C 42 35.95 29.01 4.39
C ASN C 42 34.47 29.34 4.23
N SER C 43 33.92 30.19 5.06
CA SER C 43 32.53 30.57 4.90
C SER C 43 32.36 31.57 3.73
N SER C 44 33.24 32.54 3.67
CA SER C 44 33.07 33.69 2.78
C SER C 44 34.37 34.06 2.09
N ILE C 45 34.30 34.75 0.96
CA ILE C 45 35.49 35.37 0.35
C ILE C 45 35.32 36.88 0.44
N VAL C 46 36.43 37.61 0.60
CA VAL C 46 36.40 39.06 0.52
C VAL C 46 37.66 39.52 -0.18
N GLY C 47 37.56 40.60 -0.91
CA GLY C 47 38.72 41.19 -1.62
C GLY C 47 38.35 42.49 -2.26
N THR C 48 39.34 43.18 -2.81
CA THR C 48 39.14 44.45 -3.48
C THR C 48 38.84 44.19 -4.96
N ALA C 49 37.87 44.90 -5.51
CA ALA C 49 37.40 44.62 -6.87
C ALA C 49 38.45 44.99 -7.91
N TYR C 50 38.79 44.02 -8.76
CA TYR C 50 39.57 44.19 -9.96
C TYR C 50 38.55 43.93 -11.08
N THR C 51 38.05 45.01 -11.67
CA THR C 51 36.94 44.92 -12.60
C THR C 51 37.38 44.73 -14.02
N VAL C 52 36.53 44.02 -14.78
CA VAL C 52 36.79 43.71 -16.17
C VAL C 52 35.45 43.81 -16.92
N LEU C 53 35.44 44.67 -17.94
CA LEU C 53 34.30 44.89 -18.78
C LEU C 53 34.48 44.20 -20.12
N PHE C 54 33.45 43.46 -20.54
CA PHE C 54 33.42 42.79 -21.84
C PHE C 54 32.44 43.48 -22.77
N ALA C 55 32.72 43.42 -24.08
CA ALA C 55 31.86 44.00 -25.11
C ALA C 55 31.86 43.13 -26.33
N PRO C 56 30.95 43.39 -27.27
CA PRO C 56 30.95 42.61 -28.50
C PRO C 56 32.26 42.67 -29.27
N ILE C 57 32.63 41.59 -29.93
CA ILE C 57 33.95 41.56 -30.60
C ILE C 57 34.17 42.63 -31.66
N ASP C 58 33.11 43.09 -32.30
CA ASP C 58 33.19 44.17 -33.28
C ASP C 58 33.35 45.57 -32.70
N ASP C 59 33.34 45.68 -31.38
CA ASP C 59 33.53 46.99 -30.74
C ASP C 59 34.95 47.51 -31.06
N PRO C 60 35.09 48.83 -31.29
CA PRO C 60 36.44 49.31 -31.61
C PRO C 60 37.47 49.29 -30.48
N ARG C 61 37.03 49.15 -29.23
CA ARG C 61 38.00 49.05 -28.12
C ARG C 61 38.74 47.72 -28.34
N PRO C 62 40.07 47.74 -28.27
CA PRO C 62 40.80 46.49 -28.42
C PRO C 62 40.57 45.52 -27.29
N ALA C 63 40.74 44.23 -27.59
CA ALA C 63 40.77 43.19 -26.57
C ALA C 63 41.91 43.46 -25.60
N VAL C 64 41.62 43.25 -24.32
CA VAL C 64 42.61 43.38 -23.26
C VAL C 64 42.90 42.04 -22.60
N ASN C 65 44.12 41.92 -22.12
CA ASN C 65 44.52 40.73 -21.34
C ASN C 65 44.31 41.04 -19.87
N TYR C 66 43.13 40.72 -19.36
CA TYR C 66 42.84 41.05 -17.98
C TYR C 66 43.49 40.06 -17.03
N ILE C 67 43.61 38.79 -17.43
CA ILE C 67 43.91 37.73 -16.43
C ILE C 67 45.33 37.82 -15.88
N ASP C 68 46.24 38.30 -16.71
CA ASP C 68 47.65 38.22 -16.35
C ASP C 68 48.09 39.33 -15.44
N SER C 69 47.17 40.26 -15.16
CA SER C 69 47.43 41.36 -14.22
C SER C 69 46.50 41.34 -13.02
N VAL C 70 45.90 40.19 -12.75
CA VAL C 70 45.01 40.10 -11.60
C VAL C 70 45.86 40.40 -10.34
N PRO C 71 45.43 41.34 -9.50
CA PRO C 71 46.22 41.59 -8.29
C PRO C 71 45.99 40.60 -7.14
N PRO C 72 46.98 40.49 -6.24
CA PRO C 72 46.81 39.71 -5.06
C PRO C 72 45.73 40.28 -4.16
N ASN C 73 44.98 39.38 -3.53
CA ASN C 73 43.89 39.71 -2.59
C ASN C 73 42.71 40.45 -3.25
N SER C 74 42.62 40.32 -4.57
CA SER C 74 41.52 40.89 -5.31
C SER C 74 40.33 39.95 -5.27
N ILE C 75 39.17 40.49 -5.64
CA ILE C 75 38.09 39.70 -6.20
C ILE C 75 38.03 40.18 -7.66
N LEU C 76 38.25 39.23 -8.57
CA LEU C 76 38.15 39.46 -9.99
C LEU C 76 36.68 39.51 -10.36
N VAL C 77 36.22 40.59 -10.95
CA VAL C 77 34.81 40.79 -11.25
C VAL C 77 34.67 41.08 -12.75
N LEU C 78 33.91 40.20 -13.43
CA LEU C 78 33.69 40.31 -14.85
C LEU C 78 32.25 40.67 -15.14
N ALA C 79 32.03 41.60 -16.06
CA ALA C 79 30.66 41.88 -16.50
C ALA C 79 30.61 42.28 -17.98
N LEU C 80 29.44 42.09 -18.59
CA LEU C 80 29.11 42.55 -19.92
C LEU C 80 28.56 43.96 -19.87
N GLU C 81 28.59 44.62 -20.99
CA GLU C 81 27.86 45.87 -21.15
C GLU C 81 26.37 45.66 -20.83
N PRO C 82 25.73 46.66 -20.24
CA PRO C 82 24.30 46.55 -19.93
C PRO C 82 23.38 46.04 -21.04
N HIS C 83 23.68 46.36 -22.31
CA HIS C 83 22.80 45.89 -23.40
C HIS C 83 22.81 44.39 -23.61
N LEU C 84 23.83 43.71 -23.08
CA LEU C 84 23.90 42.27 -23.14
C LEU C 84 23.38 41.62 -21.89
N GLN C 85 22.86 42.43 -20.96
CA GLN C 85 22.32 41.88 -19.70
C GLN C 85 20.78 41.85 -19.76
N SER C 86 20.21 41.15 -18.80
CA SER C 86 18.75 41.02 -18.69
C SER C 86 18.34 40.94 -17.23
N GLN C 87 17.13 41.42 -16.96
CA GLN C 87 16.55 41.39 -15.63
C GLN C 87 16.04 40.00 -15.24
N PHE C 88 15.94 39.08 -16.23
CA PHE C 88 15.44 37.71 -16.04
C PHE C 88 16.53 36.69 -16.31
N HIS C 89 16.51 35.59 -15.55
CA HIS C 89 17.43 34.49 -15.73
C HIS C 89 17.35 34.09 -17.19
N PRO C 90 18.49 33.84 -17.85
CA PRO C 90 19.83 33.69 -17.30
C PRO C 90 20.65 34.95 -17.06
N PHE C 91 20.04 36.13 -17.21
CA PHE C 91 20.58 37.44 -16.81
C PHE C 91 21.59 38.02 -17.79
N ILE C 92 21.94 37.25 -18.82
CA ILE C 92 22.77 37.71 -19.92
C ILE C 92 22.23 37.05 -21.17
N LYS C 93 22.51 37.68 -22.30
CA LYS C 93 21.94 37.28 -23.59
C LYS C 93 22.83 36.44 -24.47
N ILE C 94 24.02 36.04 -23.99
CA ILE C 94 24.91 35.14 -24.70
C ILE C 94 24.93 33.79 -23.97
N THR C 95 25.16 32.73 -24.74
CA THR C 95 25.25 31.39 -24.18
C THR C 95 26.68 30.98 -23.91
N GLN C 96 27.66 31.68 -24.49
CA GLN C 96 29.05 31.37 -24.33
C GLN C 96 29.50 31.74 -22.91
N ALA C 97 30.48 31.00 -22.41
CA ALA C 97 31.15 31.36 -21.20
C ALA C 97 32.15 32.47 -21.45
N MET C 98 32.45 33.21 -20.41
CA MET C 98 33.38 34.34 -20.43
C MET C 98 34.66 34.06 -19.66
N TYR C 99 34.75 32.90 -19.02
CA TYR C 99 35.81 32.62 -18.07
C TYR C 99 35.88 31.11 -17.82
N GLY C 100 37.07 30.53 -17.93
CA GLY C 100 37.30 29.09 -17.80
C GLY C 100 38.34 28.70 -16.78
N GLY C 101 38.68 27.41 -16.77
CA GLY C 101 39.55 26.81 -15.81
C GLY C 101 40.98 27.33 -15.85
N LEU C 102 41.51 27.57 -17.03
CA LEU C 102 42.85 28.18 -17.13
C LEU C 102 42.89 29.58 -16.52
N MET C 103 41.81 30.32 -16.65
CA MET C 103 41.72 31.64 -16.03
C MET C 103 41.81 31.54 -14.52
N SER C 104 41.02 30.66 -13.88
CA SER C 104 41.14 30.46 -12.45
C SER C 104 42.56 30.02 -12.08
N THR C 105 43.18 29.18 -12.90
CA THR C 105 44.54 28.71 -12.59
C THR C 105 45.49 29.91 -12.43
N ARG C 106 45.39 30.84 -13.37
CA ARG C 106 46.26 32.02 -13.36
C ARG C 106 45.87 32.98 -12.26
N ALA C 107 44.57 33.25 -12.10
CA ALA C 107 44.14 34.20 -11.08
C ALA C 107 44.57 33.71 -9.70
N GLN C 108 44.45 32.41 -9.48
CA GLN C 108 44.83 31.83 -8.21
C GLN C 108 46.34 31.87 -8.01
N TYR C 109 47.07 31.59 -9.08
CA TYR C 109 48.52 31.74 -9.02
C TYR C 109 48.96 33.12 -8.58
N LEU C 110 48.24 34.13 -9.07
CA LEU C 110 48.47 35.51 -8.70
C LEU C 110 47.91 35.94 -7.35
N LYS C 111 47.31 34.99 -6.64
CA LYS C 111 46.82 35.19 -5.26
C LYS C 111 45.54 35.98 -5.13
N SER C 112 44.72 35.92 -6.17
CA SER C 112 43.37 36.48 -6.07
C SER C 112 42.57 35.64 -5.11
N ASN C 113 41.63 36.26 -4.40
CA ASN C 113 40.75 35.56 -3.46
C ASN C 113 39.53 34.89 -4.05
N GLY C 114 39.24 35.21 -5.32
CA GLY C 114 38.08 34.64 -5.96
C GLY C 114 37.60 35.46 -7.13
N THR C 115 36.60 34.90 -7.80
CA THR C 115 36.04 35.48 -9.01
C THR C 115 34.53 35.60 -8.91
N VAL C 116 34.00 36.72 -9.40
CA VAL C 116 32.57 36.91 -9.61
C VAL C 116 32.39 37.25 -11.08
N VAL C 117 31.63 36.42 -11.78
CA VAL C 117 31.31 36.61 -13.18
C VAL C 117 29.80 36.88 -13.35
N PHE C 118 29.47 38.08 -13.81
CA PHE C 118 28.10 38.44 -14.17
C PHE C 118 27.83 37.92 -15.60
N GLY C 119 27.83 36.60 -15.66
CA GLY C 119 27.77 35.86 -16.91
C GLY C 119 28.04 34.40 -16.60
N ARG C 120 28.50 33.67 -17.61
CA ARG C 120 28.71 32.24 -17.48
C ARG C 120 30.19 31.90 -17.38
N ILE C 121 30.46 30.81 -16.67
CA ILE C 121 31.78 30.24 -16.58
C ILE C 121 31.76 28.83 -17.14
N ARG C 122 32.92 28.38 -17.62
CA ARG C 122 33.08 26.98 -18.03
C ARG C 122 34.20 26.27 -17.30
N ASP C 123 34.27 24.96 -17.45
CA ASP C 123 35.22 24.11 -16.76
C ASP C 123 34.88 24.07 -15.28
N VAL C 124 33.61 23.78 -15.00
CA VAL C 124 33.10 23.77 -13.63
C VAL C 124 33.98 22.92 -12.74
N ASP C 125 34.31 21.71 -13.18
CA ASP C 125 35.04 20.79 -12.30
C ASP C 125 36.47 21.27 -12.00
N GLU C 126 37.05 22.03 -12.91
CA GLU C 126 38.41 22.54 -12.73
C GLU C 126 38.43 23.59 -11.64
N HIS C 127 37.50 24.54 -11.66
CA HIS C 127 37.43 25.52 -10.56
C HIS C 127 37.30 24.82 -9.24
N ARG C 128 36.41 23.83 -9.19
CA ARG C 128 36.17 23.08 -7.97
C ARG C 128 37.40 22.29 -7.54
N THR C 129 38.07 21.61 -8.47
CA THR C 129 39.31 20.90 -8.10
C THR C 129 40.37 21.85 -7.55
N LEU C 130 40.49 23.02 -8.18
CA LEU C 130 41.41 24.03 -7.72
C LEU C 130 41.00 24.63 -6.35
N ASN C 131 39.75 24.43 -5.93
CA ASN C 131 39.23 25.08 -4.73
C ASN C 131 39.31 26.60 -4.87
N HIS C 132 39.14 27.08 -6.10
CA HIS C 132 39.16 28.51 -6.34
C HIS C 132 37.75 29.04 -6.38
N PRO C 133 37.41 29.96 -5.46
CA PRO C 133 35.99 30.38 -5.40
C PRO C 133 35.54 31.16 -6.61
N VAL C 134 34.42 30.74 -7.19
CA VAL C 134 33.85 31.39 -8.37
C VAL C 134 32.34 31.45 -8.22
N PHE C 135 31.82 32.69 -8.29
CA PHE C 135 30.40 32.94 -8.33
C PHE C 135 30.06 33.38 -9.74
N ALA C 136 28.92 32.94 -10.25
CA ALA C 136 28.51 33.30 -11.60
C ALA C 136 27.00 33.17 -11.73
N TYR C 137 26.47 33.75 -12.80
CA TYR C 137 25.05 33.61 -13.12
C TYR C 137 24.71 32.18 -13.54
N GLY C 138 25.63 31.57 -14.28
CA GLY C 138 25.45 30.21 -14.77
C GLY C 138 26.70 29.67 -15.43
N VAL C 139 26.50 28.66 -16.27
CA VAL C 139 27.61 27.95 -16.88
C VAL C 139 27.45 27.90 -18.37
N GLY C 140 28.56 27.61 -19.03
CA GLY C 140 28.55 27.32 -20.46
C GLY C 140 29.65 26.31 -20.77
N SER C 141 29.70 25.90 -22.03
CA SER C 141 30.75 25.03 -22.51
C SER C 141 31.70 25.70 -23.48
N CYS C 142 31.34 26.88 -24.01
CA CYS C 142 32.02 27.40 -25.17
C CYS C 142 32.78 28.68 -24.82
N ALA C 143 33.96 28.86 -25.43
CA ALA C 143 34.73 30.06 -25.27
C ALA C 143 34.03 31.25 -25.89
N PRO C 144 34.36 32.48 -25.44
CA PRO C 144 33.67 33.68 -25.86
C PRO C 144 34.10 34.33 -27.20
N LYS C 145 35.16 33.83 -27.81
CA LYS C 145 35.82 34.62 -28.85
C LYS C 145 35.03 34.95 -30.10
N ALA C 146 33.95 34.20 -30.40
CA ALA C 146 33.09 34.56 -31.52
C ALA C 146 32.12 35.70 -31.22
N VAL C 147 31.97 36.08 -29.95
CA VAL C 147 30.94 37.05 -29.54
C VAL C 147 31.38 38.19 -28.67
N VAL C 148 32.20 37.94 -27.67
CA VAL C 148 32.63 39.02 -26.80
C VAL C 148 34.12 38.93 -26.45
N LYS C 149 34.63 40.10 -26.08
CA LYS C 149 36.02 40.26 -25.62
C LYS C 149 36.09 41.19 -24.42
N ALA C 150 37.14 41.03 -23.60
CA ALA C 150 37.41 42.01 -22.53
C ALA C 150 37.93 43.28 -23.15
N VAL C 151 37.34 44.40 -22.80
CA VAL C 151 37.77 45.71 -23.38
C VAL C 151 38.27 46.71 -22.35
N GLY C 152 38.15 46.40 -21.07
CA GLY C 152 38.54 47.35 -20.05
C GLY C 152 38.89 46.67 -18.74
N THR C 153 39.92 47.14 -18.06
CA THR C 153 40.15 46.75 -16.65
C THR C 153 40.16 47.96 -15.74
N ASN C 154 39.73 47.74 -14.50
CA ASN C 154 39.62 48.78 -13.50
C ASN C 154 38.81 49.95 -14.04
N VAL C 155 37.66 49.58 -14.60
CA VAL C 155 36.64 50.52 -15.02
C VAL C 155 35.38 50.31 -14.19
N GLN C 156 34.47 51.27 -14.21
CA GLN C 156 33.19 51.10 -13.55
C GLN C 156 32.43 50.00 -14.27
N LEU C 157 31.79 49.12 -13.50
CA LEU C 157 30.87 48.13 -14.05
C LEU C 157 29.44 48.48 -13.65
N LYS C 158 28.55 48.46 -14.63
CA LYS C 158 27.12 48.64 -14.41
C LYS C 158 26.41 47.34 -14.55
N ILE C 159 25.70 46.95 -13.48
CA ILE C 159 25.00 45.69 -13.41
C ILE C 159 23.48 45.94 -13.35
N LEU C 160 22.80 45.52 -14.40
CA LEU C 160 21.35 45.61 -14.43
C LEU C 160 20.83 44.48 -13.58
N THR C 161 20.16 44.78 -12.46
CA THR C 161 19.73 43.74 -11.53
C THR C 161 18.25 43.43 -11.73
N SER C 162 17.81 42.34 -11.10
CA SER C 162 16.47 41.81 -11.36
C SER C 162 15.35 42.64 -10.73
N ASP C 163 15.67 43.64 -9.88
CA ASP C 163 14.63 44.60 -9.48
C ASP C 163 14.46 45.77 -10.47
N GLY C 164 15.16 45.72 -11.61
CA GLY C 164 15.10 46.77 -12.65
C GLY C 164 16.18 47.83 -12.52
N VAL C 165 16.79 47.94 -11.34
CA VAL C 165 17.77 48.97 -11.02
C VAL C 165 19.19 48.55 -11.42
N THR C 166 19.92 49.48 -12.00
CA THR C 166 21.32 49.27 -12.36
C THR C 166 22.18 49.72 -11.18
N GLN C 167 23.02 48.81 -10.70
CA GLN C 167 23.93 49.09 -9.60
C GLN C 167 25.37 49.09 -10.13
N THR C 168 26.25 49.79 -9.44
CA THR C 168 27.61 49.92 -9.95
C THR C 168 28.67 49.32 -9.05
N ILE C 169 29.75 48.87 -9.68
CA ILE C 169 30.91 48.40 -8.94
C ILE C 169 32.12 49.14 -9.47
N PRO C 171 36.40 49.93 -9.23
CA PRO C 171 37.68 49.35 -8.83
C PRO C 171 38.02 49.71 -7.40
N GLY C 172 38.45 48.72 -6.65
CA GLY C 172 38.85 48.90 -5.29
C GLY C 172 37.75 48.77 -4.29
N ASP C 173 36.50 48.75 -4.74
CA ASP C 173 35.39 48.38 -3.85
C ASP C 173 35.61 47.02 -3.17
N TYR C 174 35.14 46.87 -1.94
CA TYR C 174 35.22 45.58 -1.29
C TYR C 174 34.04 44.72 -1.73
N ILE C 175 34.34 43.48 -2.14
CA ILE C 175 33.36 42.52 -2.59
C ILE C 175 33.42 41.35 -1.61
N ALA C 176 32.26 40.88 -1.13
CA ALA C 176 32.20 39.75 -0.24
C ALA C 176 31.18 38.77 -0.80
N GLY C 177 31.48 37.50 -0.67
CA GLY C 177 30.60 36.44 -1.19
C GLY C 177 30.54 35.26 -0.26
N ASP C 178 29.34 34.70 -0.15
CA ASP C 178 29.07 33.49 0.61
C ASP C 178 27.83 32.83 0.07
N ASN C 179 27.25 31.87 0.81
CA ASN C 179 26.10 31.16 0.31
C ASN C 179 24.82 31.99 0.12
N ASN C 180 24.81 33.19 0.65
CA ASN C 180 23.73 34.14 0.43
C ASN C 180 23.89 35.00 -0.82
N GLY C 181 25.07 34.97 -1.46
CA GLY C 181 25.38 35.75 -2.64
C GLY C 181 26.52 36.74 -2.46
N ILE C 182 26.43 37.86 -3.17
CA ILE C 182 27.50 38.81 -3.31
C ILE C 182 27.06 40.19 -2.82
N VAL C 183 27.88 40.82 -1.99
CA VAL C 183 27.64 42.19 -1.58
C VAL C 183 28.87 43.04 -1.92
N ARG C 184 28.62 44.29 -2.23
CA ARG C 184 29.68 45.24 -2.50
C ARG C 184 29.63 46.42 -1.53
N ILE C 185 30.77 46.73 -0.91
CA ILE C 185 30.90 47.95 -0.10
C ILE C 185 31.58 49.03 -0.98
N PRO C 186 30.90 50.19 -1.22
CA PRO C 186 31.50 51.27 -1.98
C PRO C 186 32.54 51.96 -1.14
N VAL C 187 33.77 51.94 -1.55
CA VAL C 187 34.82 52.40 -0.65
C VAL C 187 34.99 53.90 -0.70
N GLN C 188 34.65 54.52 -1.83
CA GLN C 188 34.69 55.97 -1.94
C GLN C 188 33.68 56.64 -1.00
N GLU C 189 32.58 55.97 -0.68
CA GLU C 189 31.44 56.57 0.03
C GLU C 189 31.29 56.04 1.47
N THR C 190 32.30 55.28 1.92
CA THR C 190 32.20 54.55 3.17
C THR C 190 33.34 54.87 4.12
N ASP C 191 32.99 55.13 5.37
CA ASP C 191 33.93 55.12 6.48
C ASP C 191 33.97 53.67 6.96
N ILE C 192 35.03 52.96 6.56
CA ILE C 192 35.10 51.53 6.75
C ILE C 192 35.16 51.20 8.22
N SER C 193 35.91 51.97 8.99
CA SER C 193 35.97 51.74 10.44
C SER C 193 34.60 51.81 11.12
N LYS C 194 33.82 52.86 10.81
CA LYS C 194 32.48 53.02 11.37
C LYS C 194 31.57 51.87 10.98
N LEU C 195 31.65 51.49 9.71
CA LEU C 195 30.86 50.38 9.20
C LEU C 195 31.22 49.07 9.89
N VAL C 196 32.51 48.76 10.00
CA VAL C 196 32.97 47.52 10.66
C VAL C 196 32.51 47.46 12.12
N THR C 197 32.68 48.56 12.83
CA THR C 197 32.22 48.64 14.20
C THR C 197 30.70 48.37 14.34
N TYR C 198 29.91 49.04 13.51
CA TYR C 198 28.47 48.77 13.51
C TYR C 198 28.16 47.30 13.26
N ILE C 199 28.77 46.70 12.24
CA ILE C 199 28.49 45.33 11.89
C ILE C 199 28.87 44.42 13.05
N GLU C 200 30.01 44.71 13.68
CA GLU C 200 30.37 43.94 14.90
C GLU C 200 29.23 43.96 15.93
N LYS C 201 28.72 45.15 16.19
CA LYS C 201 27.70 45.28 17.22
C LYS C 201 26.44 44.57 16.79
N SER C 202 26.10 44.65 15.51
CA SER C 202 24.89 44.03 15.01
C SER C 202 24.97 42.50 15.12
N ILE C 203 26.13 41.94 14.76
CA ILE C 203 26.40 40.50 14.91
C ILE C 203 26.21 40.08 16.36
N GLU C 204 26.75 40.87 17.27
CA GLU C 204 26.65 40.59 18.69
C GLU C 204 25.18 40.54 19.09
N VAL C 205 24.42 41.55 18.68
CA VAL C 205 23.01 41.65 18.98
C VAL C 205 22.29 40.42 18.49
N ASP C 206 22.53 40.03 17.25
CA ASP C 206 21.75 38.92 16.70
C ASP C 206 22.11 37.59 17.32
N LEU C 207 23.35 37.42 17.76
CA LEU C 207 23.71 36.21 18.50
C LEU C 207 22.91 36.13 19.81
N LEU C 208 22.75 37.27 20.45
CA LEU C 208 21.97 37.36 21.68
C LEU C 208 20.51 37.11 21.43
N VAL C 209 19.97 37.68 20.35
CA VAL C 209 18.59 37.35 19.95
C VAL C 209 18.41 35.85 19.71
N SER C 210 19.29 35.23 18.97
CA SER C 210 19.24 33.76 18.75
C SER C 210 19.17 33.01 20.06
N GLU C 211 20.03 33.41 20.99
CA GLU C 211 20.03 32.74 22.30
C GLU C 211 18.67 32.87 23.00
N ASP C 212 18.14 34.10 22.99
CA ASP C 212 16.84 34.40 23.56
C ASP C 212 15.75 33.55 22.99
N ILE C 213 15.71 33.45 21.66
CA ILE C 213 14.66 32.69 21.00
C ILE C 213 14.75 31.21 21.37
N LYS C 214 15.96 30.68 21.38
CA LYS C 214 16.18 29.27 21.78
C LYS C 214 15.78 29.03 23.23
N ASN C 215 15.82 30.09 24.05
CA ASN C 215 15.32 30.03 25.44
C ASN C 215 13.82 30.30 25.62
N GLY C 216 13.09 30.42 24.51
CA GLY C 216 11.64 30.60 24.58
C GLY C 216 11.12 32.02 24.63
N ILE C 217 12.01 33.00 24.45
CA ILE C 217 11.60 34.41 24.36
C ILE C 217 11.08 34.66 22.93
N PRO C 218 9.90 35.30 22.81
CA PRO C 218 9.40 35.59 21.46
C PRO C 218 10.40 36.45 20.67
N ALA C 219 10.44 36.26 19.35
CA ALA C 219 11.39 37.03 18.52
C ALA C 219 11.19 38.55 18.59
N LYS C 220 9.94 39.04 18.60
CA LYS C 220 9.73 40.48 18.64
C LYS C 220 10.33 41.09 19.90
N GLN C 221 10.01 40.48 21.03
CA GLN C 221 10.53 40.92 22.33
C GLN C 221 12.05 40.91 22.35
N ALA C 222 12.64 39.80 21.91
CA ALA C 222 14.09 39.69 21.90
C ALA C 222 14.73 40.73 21.00
N GLN C 223 14.22 40.90 19.78
CA GLN C 223 14.78 41.85 18.83
C GLN C 223 14.69 43.28 19.39
N ASN C 224 13.54 43.65 19.91
CA ASN C 224 13.35 45.01 20.41
C ASN C 224 14.28 45.27 21.58
N ASP C 225 14.43 44.29 22.48
CA ASP C 225 15.29 44.40 23.65
C ASP C 225 16.76 44.51 23.22
N ARG C 226 17.21 43.57 22.41
CA ARG C 226 18.64 43.55 22.06
C ARG C 226 19.05 44.65 21.09
N ARG C 227 18.18 45.00 20.14
CA ARG C 227 18.61 45.95 19.10
C ARG C 227 18.63 47.41 19.52
N SER C 228 18.07 47.73 20.68
CA SER C 228 17.96 49.14 21.09
C SER C 228 19.31 49.83 21.07
N VAL C 229 20.35 49.10 21.46
CA VAL C 229 21.72 49.64 21.52
C VAL C 229 22.30 50.06 20.18
N LEU C 230 21.77 49.55 19.08
CA LEU C 230 22.38 49.80 17.77
C LEU C 230 22.25 51.21 17.27
N LYS C 231 21.22 51.90 17.71
CA LYS C 231 20.97 53.26 17.28
C LYS C 231 22.21 54.16 17.44
N LYS C 232 22.94 54.02 18.55
CA LYS C 232 24.06 54.91 18.82
C LYS C 232 25.38 54.54 18.10
N TYR C 233 25.33 53.58 17.19
CA TYR C 233 26.50 53.26 16.34
C TYR C 233 26.25 53.67 14.91
N ILE C 234 25.21 54.24 14.55
N SER D 2 -43.02 -23.02 -16.34
CA SER D 2 -42.05 -24.13 -16.59
C SER D 2 -41.90 -24.97 -15.33
N ASP D 3 -41.25 -26.11 -15.47
CA ASP D 3 -40.95 -26.95 -14.28
C ASP D 3 -40.12 -26.25 -13.26
N LEU D 4 -39.06 -25.56 -13.70
CA LEU D 4 -38.17 -24.85 -12.80
C LEU D 4 -38.95 -23.88 -11.99
N GLN D 5 -39.80 -23.11 -12.67
CA GLN D 5 -40.59 -22.13 -11.96
C GLN D 5 -41.47 -22.78 -10.89
N LYS D 6 -42.01 -23.95 -11.17
CA LYS D 6 -42.81 -24.66 -10.16
C LYS D 6 -41.94 -25.17 -9.02
N LEU D 7 -40.78 -25.72 -9.37
CA LEU D 7 -39.84 -26.22 -8.35
C LEU D 7 -39.25 -25.13 -7.46
N GLN D 8 -39.14 -23.89 -7.97
CA GLN D 8 -38.58 -22.78 -7.23
C GLN D 8 -39.39 -22.48 -5.99
N ARG D 9 -40.65 -22.92 -5.97
CA ARG D 9 -41.55 -22.64 -4.87
C ARG D 9 -41.41 -23.63 -3.70
N PHE D 10 -40.59 -24.67 -3.89
CA PHE D 10 -40.51 -25.81 -2.98
C PHE D 10 -39.24 -25.77 -2.15
N SER D 11 -39.33 -26.18 -0.89
CA SER D 11 -38.09 -26.51 -0.14
C SER D 11 -37.53 -27.85 -0.62
N THR D 12 -36.26 -28.12 -0.32
CA THR D 12 -35.67 -29.39 -0.63
C THR D 12 -36.39 -30.48 0.10
N CYS D 13 -36.92 -30.19 1.30
CA CYS D 13 -37.63 -31.22 2.07
C CYS D 13 -38.92 -31.61 1.36
N ASP D 14 -39.59 -30.63 0.74
CA ASP D 14 -40.85 -30.88 0.03
C ASP D 14 -40.55 -31.77 -1.19
N ILE D 15 -39.47 -31.47 -1.88
CA ILE D 15 -39.04 -32.31 -2.99
C ILE D 15 -38.70 -33.74 -2.56
N SER D 16 -37.96 -33.88 -1.46
CA SER D 16 -37.67 -35.20 -0.92
C SER D 16 -38.95 -35.98 -0.51
N ASP D 17 -39.95 -35.26 0.01
CA ASP D 17 -41.25 -35.88 0.32
C ASP D 17 -41.83 -36.51 -0.94
N GLY D 18 -41.76 -35.79 -2.03
CA GLY D 18 -42.24 -36.29 -3.32
C GLY D 18 -41.44 -37.49 -3.79
N LEU D 19 -40.12 -37.36 -3.82
CA LEU D 19 -39.31 -38.50 -4.25
C LEU D 19 -39.46 -39.74 -3.37
N LEU D 20 -39.54 -39.56 -2.06
CA LEU D 20 -39.69 -40.68 -1.15
C LEU D 20 -41.07 -41.33 -1.36
N ASN D 21 -42.11 -40.51 -1.41
CA ASN D 21 -43.46 -41.06 -1.36
C ASN D 21 -43.97 -41.51 -2.71
N VAL D 22 -43.69 -40.75 -3.76
CA VAL D 22 -44.17 -41.12 -5.09
C VAL D 22 -43.33 -42.22 -5.71
N TYR D 23 -42.01 -42.15 -5.51
CA TYR D 23 -41.08 -43.08 -6.16
C TYR D 23 -40.35 -44.06 -5.25
N ASN D 24 -40.66 -44.03 -3.94
CA ASN D 24 -40.05 -44.96 -2.97
C ASN D 24 -38.52 -44.86 -2.99
N ILE D 25 -38.02 -43.66 -3.16
CA ILE D 25 -36.55 -43.41 -3.16
C ILE D 25 -36.19 -43.16 -1.70
N PRO D 26 -35.52 -44.12 -1.06
CA PRO D 26 -35.42 -44.05 0.39
C PRO D 26 -34.70 -42.83 0.93
N THR D 27 -33.72 -42.31 0.18
CA THR D 27 -32.99 -41.11 0.58
C THR D 27 -33.64 -39.83 0.10
N GLY D 28 -34.75 -39.93 -0.63
CA GLY D 28 -35.42 -38.72 -1.15
C GLY D 28 -34.51 -37.85 -2.02
N GLY D 29 -33.56 -38.45 -2.74
CA GLY D 29 -32.70 -37.68 -3.63
C GLY D 29 -31.70 -36.77 -2.96
N TYR D 30 -31.50 -36.95 -1.66
CA TYR D 30 -30.63 -36.06 -0.92
C TYR D 30 -29.16 -36.32 -1.13
N PHE D 31 -28.41 -35.23 -1.29
CA PHE D 31 -26.95 -35.32 -1.41
C PHE D 31 -26.39 -34.62 -0.20
N PRO D 32 -25.91 -35.40 0.79
CA PRO D 32 -25.67 -34.79 2.09
C PRO D 32 -24.36 -34.02 2.27
N ASN D 33 -24.33 -33.21 3.33
CA ASN D 33 -23.11 -32.66 3.94
C ASN D 33 -22.55 -31.46 3.20
N LEU D 34 -23.34 -30.85 2.34
CA LEU D 34 -22.94 -29.62 1.69
C LEU D 34 -23.38 -28.41 2.54
N THR D 35 -22.57 -27.36 2.53
CA THR D 35 -22.88 -26.14 3.23
C THR D 35 -23.09 -25.01 2.22
N ALA D 36 -24.05 -24.13 2.50
CA ALA D 36 -24.29 -22.93 1.71
C ALA D 36 -23.27 -21.88 2.13
N ILE D 37 -22.10 -21.95 1.52
CA ILE D 37 -21.00 -21.06 1.89
C ILE D 37 -21.41 -19.67 1.41
N SER D 38 -21.98 -19.58 0.22
CA SER D 38 -22.55 -18.32 -0.29
C SER D 38 -24.04 -18.57 -0.45
N PRO D 39 -24.84 -18.15 0.55
CA PRO D 39 -26.24 -18.56 0.54
C PRO D 39 -27.07 -17.87 -0.54
N PRO D 40 -28.15 -18.52 -0.96
CA PRO D 40 -29.13 -17.91 -1.86
C PRO D 40 -29.69 -16.64 -1.24
N GLN D 41 -29.91 -15.60 -2.05
CA GLN D 41 -30.63 -14.43 -1.58
C GLN D 41 -32.06 -14.81 -1.22
N ASN D 42 -32.69 -15.56 -2.12
CA ASN D 42 -34.06 -16.06 -1.94
C ASN D 42 -34.02 -17.31 -1.07
N SER D 43 -35.14 -17.99 -0.87
CA SER D 43 -35.12 -19.16 0.02
C SER D 43 -34.27 -20.29 -0.58
N SER D 44 -34.41 -20.53 -1.88
CA SER D 44 -33.78 -21.70 -2.48
C SER D 44 -33.24 -21.37 -3.84
N ILE D 45 -32.37 -22.24 -4.33
CA ILE D 45 -32.01 -22.17 -5.75
C ILE D 45 -32.43 -23.47 -6.40
N VAL D 46 -32.79 -23.38 -7.68
CA VAL D 46 -33.11 -24.54 -8.47
C VAL D 46 -32.61 -24.31 -9.88
N GLY D 47 -32.17 -25.36 -10.54
CA GLY D 47 -31.74 -25.25 -11.93
C GLY D 47 -31.49 -26.63 -12.51
N THR D 48 -31.29 -26.72 -13.82
CA THR D 48 -30.89 -27.96 -14.42
C THR D 48 -29.40 -28.17 -14.32
N ALA D 49 -28.99 -29.40 -14.05
CA ALA D 49 -27.58 -29.71 -13.78
C ALA D 49 -26.70 -29.56 -15.01
N TYR D 50 -25.68 -28.73 -14.90
CA TYR D 50 -24.56 -28.66 -15.81
C TYR D 50 -23.36 -29.24 -15.06
N THR D 51 -22.99 -30.48 -15.41
CA THR D 51 -22.09 -31.26 -14.61
C THR D 51 -20.64 -31.10 -15.09
N VAL D 52 -19.73 -31.13 -14.15
CA VAL D 52 -18.28 -31.03 -14.42
C VAL D 52 -17.56 -32.08 -13.58
N LEU D 53 -16.87 -33.02 -14.23
CA LEU D 53 -16.06 -34.05 -13.55
C LEU D 53 -14.60 -33.63 -13.52
N PHE D 54 -13.99 -33.78 -12.33
CA PHE D 54 -12.57 -33.50 -12.17
C PHE D 54 -11.83 -34.83 -11.88
N ALA D 55 -10.61 -34.93 -12.40
CA ALA D 55 -9.76 -36.11 -12.19
C ALA D 55 -8.34 -35.65 -11.81
N PRO D 56 -7.51 -36.58 -11.33
CA PRO D 56 -6.11 -36.24 -11.10
C PRO D 56 -5.42 -35.70 -12.32
N ILE D 57 -4.44 -34.83 -12.13
CA ILE D 57 -3.81 -34.21 -13.29
C ILE D 57 -3.10 -35.21 -14.19
N ASP D 58 -2.68 -36.32 -13.63
CA ASP D 58 -2.02 -37.37 -14.40
C ASP D 58 -2.98 -38.24 -15.23
N ASP D 59 -4.29 -38.03 -15.08
CA ASP D 59 -5.28 -38.72 -15.87
C ASP D 59 -5.08 -38.43 -17.35
N PRO D 60 -5.34 -39.45 -18.23
CA PRO D 60 -5.10 -39.25 -19.64
C PRO D 60 -6.06 -38.31 -20.38
N ARG D 61 -7.20 -38.00 -19.78
CA ARG D 61 -8.16 -37.11 -20.40
C ARG D 61 -7.63 -35.70 -20.31
N PRO D 62 -7.81 -34.90 -21.38
CA PRO D 62 -7.35 -33.51 -21.35
C PRO D 62 -8.18 -32.60 -20.46
N ALA D 63 -7.52 -31.61 -19.85
CA ALA D 63 -8.25 -30.54 -19.13
C ALA D 63 -9.23 -29.84 -20.09
N VAL D 64 -10.43 -29.53 -19.60
CA VAL D 64 -11.45 -28.84 -20.38
C VAL D 64 -11.81 -27.49 -19.76
N ASN D 65 -12.34 -26.61 -20.61
CA ASN D 65 -12.87 -25.33 -20.18
C ASN D 65 -14.33 -25.54 -19.93
N TYR D 66 -14.73 -25.65 -18.67
CA TYR D 66 -16.15 -25.85 -18.34
C TYR D 66 -16.90 -24.52 -18.14
N ILE D 67 -16.20 -23.49 -17.71
CA ILE D 67 -16.88 -22.33 -17.16
C ILE D 67 -17.47 -21.46 -18.25
N ASP D 68 -16.82 -21.43 -19.41
CA ASP D 68 -17.26 -20.50 -20.45
C ASP D 68 -18.52 -20.92 -21.18
N SER D 69 -18.97 -22.15 -20.92
CA SER D 69 -20.18 -22.73 -21.48
C SER D 69 -21.29 -23.01 -20.46
N VAL D 70 -21.18 -22.45 -19.26
CA VAL D 70 -22.24 -22.57 -18.27
C VAL D 70 -23.55 -22.00 -18.81
N PRO D 71 -24.63 -22.81 -18.82
CA PRO D 71 -25.89 -22.31 -19.34
C PRO D 71 -26.70 -21.43 -18.41
N PRO D 72 -27.54 -20.54 -18.98
CA PRO D 72 -28.42 -19.81 -18.11
C PRO D 72 -29.40 -20.74 -17.42
N ASN D 73 -29.76 -20.38 -16.18
CA ASN D 73 -30.72 -21.14 -15.37
C ASN D 73 -30.23 -22.53 -14.99
N SER D 74 -28.92 -22.76 -15.14
CA SER D 74 -28.28 -24.00 -14.68
C SER D 74 -27.98 -23.96 -13.18
N ILE D 75 -27.76 -25.12 -12.62
CA ILE D 75 -26.90 -25.26 -11.43
C ILE D 75 -25.64 -25.93 -11.94
N LEU D 76 -24.52 -25.23 -11.78
CA LEU D 76 -23.20 -25.78 -12.13
C LEU D 76 -22.82 -26.76 -11.04
N VAL D 77 -22.55 -28.00 -11.39
CA VAL D 77 -22.29 -29.06 -10.40
C VAL D 77 -20.91 -29.67 -10.67
N LEU D 78 -20.00 -29.55 -9.69
CA LEU D 78 -18.62 -30.04 -9.82
C LEU D 78 -18.41 -31.22 -8.87
N ALA D 79 -17.76 -32.25 -9.35
CA ALA D 79 -17.38 -33.40 -8.52
C ALA D 79 -16.06 -33.99 -8.96
N LEU D 80 -15.42 -34.66 -8.03
CA LEU D 80 -14.23 -35.45 -8.25
C LEU D 80 -14.58 -36.88 -8.60
N GLU D 81 -13.65 -37.58 -9.25
CA GLU D 81 -13.75 -39.02 -9.35
C GLU D 81 -13.89 -39.64 -7.97
N PRO D 82 -14.70 -40.70 -7.85
CA PRO D 82 -14.95 -41.29 -6.51
C PRO D 82 -13.72 -41.70 -5.70
N HIS D 83 -12.61 -42.07 -6.33
CA HIS D 83 -11.45 -42.48 -5.54
C HIS D 83 -10.84 -41.32 -4.77
N LEU D 84 -11.23 -40.09 -5.13
CA LEU D 84 -10.77 -38.91 -4.38
C LEU D 84 -11.77 -38.45 -3.31
N GLN D 85 -12.84 -39.23 -3.14
CA GLN D 85 -13.89 -38.94 -2.18
C GLN D 85 -13.78 -39.82 -0.94
N SER D 86 -14.48 -39.41 0.12
CA SER D 86 -14.47 -40.11 1.38
C SER D 86 -15.88 -40.09 1.97
N GLN D 87 -16.21 -41.13 2.75
CA GLN D 87 -17.48 -41.21 3.47
C GLN D 87 -17.55 -40.32 4.73
N PHE D 88 -16.43 -39.86 5.21
CA PHE D 88 -16.35 -39.02 6.41
C PHE D 88 -15.81 -37.64 6.06
N HIS D 89 -16.16 -36.64 6.87
CA HIS D 89 -15.74 -35.28 6.63
C HIS D 89 -14.21 -35.26 6.66
N PRO D 90 -13.57 -34.53 5.72
CA PRO D 90 -14.09 -33.51 4.83
C PRO D 90 -14.70 -33.97 3.49
N PHE D 91 -14.82 -35.27 3.30
CA PHE D 91 -15.54 -35.91 2.16
C PHE D 91 -14.79 -35.96 0.87
N ILE D 92 -13.63 -35.31 0.82
CA ILE D 92 -12.70 -35.43 -0.30
C ILE D 92 -11.30 -35.50 0.29
N LYS D 93 -10.36 -36.01 -0.49
CA LYS D 93 -9.02 -36.33 -0.01
C LYS D 93 -8.01 -35.28 -0.41
N ILE D 94 -8.44 -34.22 -1.09
CA ILE D 94 -7.55 -33.12 -1.41
C ILE D 94 -7.86 -31.91 -0.54
N THR D 95 -6.83 -31.10 -0.25
CA THR D 95 -7.04 -29.86 0.55
C THR D 95 -7.21 -28.63 -0.33
N GLN D 96 -6.78 -28.74 -1.59
CA GLN D 96 -6.99 -27.68 -2.56
C GLN D 96 -8.44 -27.40 -2.93
N ALA D 97 -8.71 -26.15 -3.27
CA ALA D 97 -10.02 -25.78 -3.80
C ALA D 97 -10.08 -26.17 -5.26
N MET D 98 -11.29 -26.29 -5.76
CA MET D 98 -11.50 -26.63 -7.18
C MET D 98 -12.28 -25.57 -7.92
N TYR D 99 -12.61 -24.47 -7.26
CA TYR D 99 -13.53 -23.46 -7.80
C TYR D 99 -13.37 -22.19 -6.99
N GLY D 100 -13.19 -21.05 -7.64
CA GLY D 100 -13.01 -19.78 -6.95
C GLY D 100 -13.84 -18.65 -7.52
N GLY D 101 -13.50 -17.44 -7.09
CA GLY D 101 -14.32 -16.26 -7.34
C GLY D 101 -14.46 -15.88 -8.81
N LEU D 102 -13.40 -16.07 -9.59
CA LEU D 102 -13.48 -15.75 -11.03
C LEU D 102 -14.49 -16.69 -11.74
N MET D 103 -14.52 -17.93 -11.30
CA MET D 103 -15.51 -18.85 -11.81
C MET D 103 -16.95 -18.43 -11.49
N SER D 104 -17.22 -17.98 -10.26
CA SER D 104 -18.55 -17.43 -9.96
C SER D 104 -18.82 -16.18 -10.79
N THR D 105 -17.79 -15.41 -11.03
CA THR D 105 -18.01 -14.15 -11.78
C THR D 105 -18.51 -14.49 -13.20
N ARG D 106 -17.90 -15.49 -13.80
CA ARG D 106 -18.26 -15.88 -15.17
C ARG D 106 -19.60 -16.61 -15.21
N ALA D 107 -19.82 -17.53 -14.26
CA ALA D 107 -21.12 -18.23 -14.17
C ALA D 107 -22.29 -17.27 -13.97
N GLN D 108 -22.06 -16.23 -13.17
CA GLN D 108 -23.08 -15.24 -12.91
C GLN D 108 -23.34 -14.41 -14.16
N TYR D 109 -22.28 -13.99 -14.83
CA TYR D 109 -22.40 -13.29 -16.10
C TYR D 109 -23.28 -14.08 -17.06
N LEU D 110 -23.16 -15.42 -17.00
CA LEU D 110 -23.86 -16.31 -17.93
C LEU D 110 -25.24 -16.70 -17.41
N LYS D 111 -25.62 -16.14 -16.26
CA LYS D 111 -26.96 -16.27 -15.70
C LYS D 111 -27.29 -17.64 -15.11
N SER D 112 -26.24 -18.35 -14.67
CA SER D 112 -26.44 -19.55 -13.90
C SER D 112 -27.11 -19.23 -12.56
N ASN D 113 -27.93 -20.15 -12.07
CA ASN D 113 -28.63 -19.94 -10.80
C ASN D 113 -27.78 -20.21 -9.58
N GLY D 114 -26.66 -20.91 -9.74
CA GLY D 114 -25.77 -21.15 -8.63
C GLY D 114 -24.91 -22.37 -8.87
N THR D 115 -24.06 -22.64 -7.87
CA THR D 115 -23.06 -23.68 -7.98
C THR D 115 -23.10 -24.64 -6.78
N VAL D 116 -22.88 -25.92 -7.06
CA VAL D 116 -22.75 -26.97 -6.05
C VAL D 116 -21.43 -27.65 -6.33
N VAL D 117 -20.52 -27.60 -5.37
CA VAL D 117 -19.19 -28.23 -5.49
C VAL D 117 -19.02 -29.35 -4.46
N PHE D 118 -18.88 -30.58 -4.95
CA PHE D 118 -18.63 -31.75 -4.10
C PHE D 118 -17.11 -31.77 -3.85
N GLY D 119 -16.71 -30.73 -3.15
CA GLY D 119 -15.32 -30.46 -2.82
C GLY D 119 -15.22 -29.10 -2.19
N ARG D 120 -14.05 -28.47 -2.35
CA ARG D 120 -13.78 -27.23 -1.66
C ARG D 120 -13.84 -26.06 -2.64
N ILE D 121 -14.27 -24.91 -2.14
CA ILE D 121 -14.19 -23.67 -2.91
C ILE D 121 -13.25 -22.68 -2.23
N ARG D 122 -12.77 -21.71 -2.99
CA ARG D 122 -11.98 -20.62 -2.40
C ARG D 122 -12.56 -19.26 -2.80
N ASP D 123 -12.03 -18.20 -2.19
CA ASP D 123 -12.54 -16.82 -2.38
C ASP D 123 -13.95 -16.68 -1.84
N VAL D 124 -14.13 -17.13 -0.60
CA VAL D 124 -15.43 -17.13 0.05
C VAL D 124 -16.11 -15.75 -0.01
N ASP D 125 -15.37 -14.70 0.33
CA ASP D 125 -15.97 -13.35 0.35
C ASP D 125 -16.36 -12.87 -1.02
N GLU D 126 -15.67 -13.33 -2.07
CA GLU D 126 -16.02 -12.91 -3.45
C GLU D 126 -17.37 -13.49 -3.88
N HIS D 127 -17.64 -14.76 -3.60
CA HIS D 127 -18.95 -15.31 -3.92
C HIS D 127 -20.04 -14.53 -3.22
N ARG D 128 -19.77 -14.16 -1.96
CA ARG D 128 -20.75 -13.47 -1.15
C ARG D 128 -21.00 -12.05 -1.67
N THR D 129 -19.95 -11.39 -2.08
CA THR D 129 -20.07 -10.03 -2.61
C THR D 129 -20.80 -10.01 -3.94
N LEU D 130 -20.57 -11.05 -4.74
CA LEU D 130 -21.28 -11.23 -5.99
C LEU D 130 -22.74 -11.62 -5.78
N ASN D 131 -23.06 -12.10 -4.58
CA ASN D 131 -24.37 -12.66 -4.29
C ASN D 131 -24.66 -13.83 -5.22
N HIS D 132 -23.64 -14.66 -5.46
CA HIS D 132 -23.83 -15.85 -6.30
C HIS D 132 -23.87 -17.07 -5.40
N PRO D 133 -24.99 -17.80 -5.40
CA PRO D 133 -25.15 -18.96 -4.50
C PRO D 133 -24.13 -20.06 -4.80
N VAL D 134 -23.45 -20.50 -3.76
CA VAL D 134 -22.52 -21.58 -3.85
C VAL D 134 -22.64 -22.49 -2.61
N PHE D 135 -22.82 -23.79 -2.88
CA PHE D 135 -22.78 -24.82 -1.85
C PHE D 135 -21.55 -25.66 -2.07
N ALA D 136 -20.90 -26.07 -0.99
CA ALA D 136 -19.71 -26.91 -1.09
C ALA D 136 -19.50 -27.75 0.18
N TYR D 137 -18.67 -28.75 0.09
CA TYR D 137 -18.29 -29.51 1.25
C TYR D 137 -17.50 -28.65 2.24
N GLY D 138 -16.75 -27.68 1.72
CA GLY D 138 -15.80 -26.94 2.53
C GLY D 138 -15.09 -25.91 1.68
N VAL D 139 -14.05 -25.34 2.27
CA VAL D 139 -13.27 -24.28 1.67
C VAL D 139 -11.79 -24.64 1.61
N GLY D 140 -11.08 -23.87 0.80
CA GLY D 140 -9.65 -24.01 0.65
C GLY D 140 -9.10 -22.67 0.27
N SER D 141 -7.79 -22.56 0.28
CA SER D 141 -7.11 -21.36 -0.16
C SER D 141 -6.36 -21.54 -1.48
N CYS D 142 -6.16 -22.77 -1.92
CA CYS D 142 -5.20 -23.04 -2.97
C CYS D 142 -5.89 -23.49 -4.25
N ALA D 143 -5.32 -23.04 -5.37
CA ALA D 143 -5.79 -23.49 -6.70
C ALA D 143 -5.54 -25.00 -6.87
N PRO D 144 -6.35 -25.68 -7.72
CA PRO D 144 -6.24 -27.14 -7.95
C PRO D 144 -5.12 -27.64 -8.85
N LYS D 145 -4.40 -26.74 -9.46
CA LYS D 145 -3.52 -27.09 -10.58
C LYS D 145 -2.50 -28.18 -10.34
N ALA D 146 -1.97 -28.31 -9.12
CA ALA D 146 -1.03 -29.40 -8.82
C ALA D 146 -1.64 -30.76 -8.62
N VAL D 147 -2.96 -30.84 -8.47
CA VAL D 147 -3.64 -32.08 -8.09
C VAL D 147 -4.74 -32.54 -9.03
N VAL D 148 -5.64 -31.65 -9.43
CA VAL D 148 -6.78 -32.07 -10.25
C VAL D 148 -7.12 -31.08 -11.36
N LYS D 149 -7.86 -31.58 -12.35
CA LYS D 149 -8.30 -30.82 -13.53
C LYS D 149 -9.70 -31.27 -13.92
N ALA D 150 -10.45 -30.37 -14.52
CA ALA D 150 -11.76 -30.72 -15.10
C ALA D 150 -11.51 -31.51 -16.36
N VAL D 151 -12.21 -32.62 -16.49
CA VAL D 151 -12.01 -33.53 -17.66
C VAL D 151 -13.27 -33.80 -18.46
N GLY D 152 -14.43 -33.37 -17.98
CA GLY D 152 -15.64 -33.60 -18.75
C GLY D 152 -16.74 -32.70 -18.28
N THR D 153 -17.62 -32.32 -19.22
CA THR D 153 -18.81 -31.57 -18.87
C THR D 153 -20.04 -32.30 -19.40
N ASN D 154 -21.13 -32.20 -18.68
CA ASN D 154 -22.35 -32.89 -19.00
C ASN D 154 -22.17 -34.40 -19.13
N VAL D 155 -21.33 -34.91 -18.24
CA VAL D 155 -21.14 -36.32 -17.97
C VAL D 155 -21.78 -36.72 -16.63
N GLN D 156 -21.91 -38.03 -16.42
CA GLN D 156 -22.46 -38.50 -15.15
C GLN D 156 -21.47 -38.23 -14.06
N LEU D 157 -21.97 -37.73 -12.93
CA LEU D 157 -21.16 -37.64 -11.74
C LEU D 157 -21.57 -38.74 -10.76
N LYS D 158 -20.60 -39.33 -10.07
CA LYS D 158 -20.90 -40.33 -9.06
C LYS D 158 -20.40 -39.75 -7.74
N ILE D 159 -21.30 -39.60 -6.80
CA ILE D 159 -21.01 -39.08 -5.46
C ILE D 159 -21.08 -40.20 -4.44
N LEU D 160 -19.94 -40.49 -3.80
CA LEU D 160 -19.91 -41.40 -2.68
C LEU D 160 -20.46 -40.60 -1.51
N THR D 161 -21.62 -41.02 -1.03
CA THR D 161 -22.24 -40.33 0.09
C THR D 161 -21.92 -40.99 1.42
N SER D 162 -22.24 -40.29 2.50
CA SER D 162 -21.77 -40.68 3.81
C SER D 162 -22.53 -41.88 4.39
N ASP D 163 -23.54 -42.41 3.69
CA ASP D 163 -24.15 -43.67 4.12
C ASP D 163 -23.48 -44.85 3.39
N GLY D 164 -22.43 -44.57 2.62
CA GLY D 164 -21.67 -45.58 1.90
C GLY D 164 -22.21 -45.87 0.51
N VAL D 165 -23.35 -45.29 0.16
CA VAL D 165 -23.95 -45.48 -1.16
C VAL D 165 -23.51 -44.40 -2.14
N THR D 166 -23.18 -44.80 -3.36
CA THR D 166 -22.80 -43.87 -4.40
C THR D 166 -24.04 -43.50 -5.21
N GLN D 167 -24.37 -42.22 -5.25
CA GLN D 167 -25.52 -41.71 -5.98
C GLN D 167 -25.05 -40.94 -7.20
N THR D 168 -25.90 -40.87 -8.22
CA THR D 168 -25.45 -40.24 -9.45
C THR D 168 -26.26 -38.98 -9.78
N ILE D 169 -25.61 -38.08 -10.50
CA ILE D 169 -26.17 -36.86 -11.07
C ILE D 169 -25.89 -36.85 -12.57
N PRO D 171 -26.47 -34.75 -16.46
CA PRO D 171 -26.83 -33.45 -17.01
C PRO D 171 -28.32 -33.40 -17.24
N GLY D 172 -28.91 -32.27 -16.94
CA GLY D 172 -30.33 -32.07 -17.09
C GLY D 172 -31.17 -32.43 -15.90
N ASP D 173 -30.63 -33.15 -14.91
CA ASP D 173 -31.36 -33.36 -13.64
C ASP D 173 -31.66 -32.03 -12.97
N TYR D 174 -32.76 -31.95 -12.23
CA TYR D 174 -33.05 -30.74 -11.48
C TYR D 174 -32.32 -30.82 -10.16
N ILE D 175 -31.67 -29.73 -9.80
CA ILE D 175 -30.95 -29.60 -8.54
C ILE D 175 -31.57 -28.48 -7.76
N ALA D 176 -31.85 -28.72 -6.47
CA ALA D 176 -32.42 -27.73 -5.60
C ALA D 176 -31.58 -27.64 -4.38
N GLY D 177 -31.40 -26.43 -3.87
CA GLY D 177 -30.61 -26.23 -2.68
C GLY D 177 -31.18 -25.18 -1.78
N ASP D 178 -31.05 -25.41 -0.48
CA ASP D 178 -31.51 -24.47 0.50
C ASP D 178 -30.78 -24.76 1.81
N ASN D 179 -31.29 -24.24 2.93
CA ASN D 179 -30.56 -24.43 4.17
C ASN D 179 -30.56 -25.86 4.71
N ASN D 180 -31.34 -26.74 4.09
CA ASN D 180 -31.32 -28.16 4.41
C ASN D 180 -30.35 -28.98 3.57
N GLY D 181 -29.78 -28.33 2.55
CA GLY D 181 -28.79 -28.93 1.68
C GLY D 181 -29.31 -29.07 0.26
N ILE D 182 -28.87 -30.12 -0.38
CA ILE D 182 -29.05 -30.33 -1.83
C ILE D 182 -29.86 -31.57 -2.11
N VAL D 183 -30.84 -31.44 -3.01
CA VAL D 183 -31.62 -32.56 -3.50
C VAL D 183 -31.56 -32.54 -5.02
N ARG D 184 -31.46 -33.74 -5.58
CA ARG D 184 -31.53 -33.94 -7.03
C ARG D 184 -32.77 -34.76 -7.43
N ILE D 185 -33.46 -34.25 -8.44
CA ILE D 185 -34.56 -34.98 -9.11
C ILE D 185 -33.98 -35.64 -10.37
N PRO D 186 -34.00 -36.99 -10.43
CA PRO D 186 -33.41 -37.67 -11.56
C PRO D 186 -34.44 -37.70 -12.68
N VAL D 187 -34.26 -36.84 -13.66
CA VAL D 187 -35.31 -36.62 -14.66
C VAL D 187 -35.55 -37.85 -15.52
N GLN D 188 -34.56 -38.73 -15.73
CA GLN D 188 -34.81 -39.90 -16.56
C GLN D 188 -35.82 -40.84 -15.90
N GLU D 189 -35.77 -40.95 -14.56
CA GLU D 189 -36.66 -41.89 -13.83
C GLU D 189 -37.92 -41.29 -13.23
N THR D 190 -38.02 -39.97 -13.24
CA THR D 190 -39.13 -39.29 -12.59
C THR D 190 -40.04 -38.60 -13.60
N ASP D 191 -41.34 -38.63 -13.37
CA ASP D 191 -42.40 -37.89 -14.16
C ASP D 191 -42.49 -36.54 -13.41
N ILE D 192 -41.89 -35.48 -13.97
CA ILE D 192 -41.84 -34.20 -13.25
C ILE D 192 -43.23 -33.64 -12.94
N SER D 193 -44.18 -33.75 -13.86
CA SER D 193 -45.49 -33.18 -13.61
C SER D 193 -46.19 -33.93 -12.50
N LYS D 194 -45.97 -35.24 -12.41
CA LYS D 194 -46.60 -36.06 -11.35
C LYS D 194 -45.97 -35.64 -10.00
N LEU D 195 -44.65 -35.44 -10.00
CA LEU D 195 -43.96 -35.07 -8.78
C LEU D 195 -44.42 -33.71 -8.32
N VAL D 196 -44.48 -32.75 -9.23
CA VAL D 196 -44.90 -31.40 -8.88
C VAL D 196 -46.32 -31.40 -8.28
N THR D 197 -47.24 -32.09 -8.93
CA THR D 197 -48.63 -32.17 -8.45
C THR D 197 -48.70 -32.71 -7.00
N TYR D 198 -48.00 -33.80 -6.75
CA TYR D 198 -47.94 -34.38 -5.43
C TYR D 198 -47.35 -33.37 -4.42
N ILE D 199 -46.25 -32.73 -4.79
CA ILE D 199 -45.55 -31.85 -3.85
C ILE D 199 -46.45 -30.68 -3.50
N GLU D 200 -47.14 -30.14 -4.50
CA GLU D 200 -48.03 -29.02 -4.22
C GLU D 200 -49.10 -29.45 -3.22
N LYS D 201 -49.65 -30.64 -3.39
CA LYS D 201 -50.69 -31.11 -2.46
C LYS D 201 -50.12 -31.36 -1.06
N SER D 202 -48.93 -31.93 -1.04
CA SER D 202 -48.22 -32.24 0.22
C SER D 202 -47.89 -30.99 1.03
N ILE D 203 -47.46 -29.93 0.36
CA ILE D 203 -47.22 -28.65 1.05
C ILE D 203 -48.49 -28.13 1.72
N GLU D 204 -49.63 -28.19 1.00
CA GLU D 204 -50.94 -27.79 1.56
C GLU D 204 -51.30 -28.62 2.80
N VAL D 205 -51.08 -29.92 2.72
CA VAL D 205 -51.35 -30.81 3.83
C VAL D 205 -50.50 -30.44 5.04
N ASP D 206 -49.22 -30.21 4.83
CA ASP D 206 -48.35 -29.92 5.97
C ASP D 206 -48.68 -28.58 6.61
N LEU D 207 -49.20 -27.64 5.85
CA LEU D 207 -49.67 -26.40 6.45
C LEU D 207 -50.83 -26.66 7.38
N LEU D 208 -51.76 -27.47 6.93
CA LEU D 208 -52.90 -27.86 7.78
C LEU D 208 -52.44 -28.58 9.04
N VAL D 209 -51.42 -29.46 8.91
CA VAL D 209 -50.90 -30.14 10.08
C VAL D 209 -50.27 -29.15 11.09
N SER D 210 -49.47 -28.22 10.59
CA SER D 210 -48.90 -27.18 11.43
C SER D 210 -49.98 -26.43 12.18
N GLU D 211 -51.04 -26.06 11.47
CA GLU D 211 -52.12 -25.30 12.10
C GLU D 211 -52.93 -26.15 13.08
N ASP D 212 -53.05 -27.44 12.80
CA ASP D 212 -53.66 -28.39 13.74
C ASP D 212 -52.85 -28.48 15.03
N ILE D 213 -51.51 -28.56 14.89
CA ILE D 213 -50.68 -28.67 16.07
C ILE D 213 -50.81 -27.42 16.95
N LYS D 214 -50.91 -26.26 16.32
CA LYS D 214 -51.05 -25.02 17.07
C LYS D 214 -52.42 -24.92 17.73
N ASN D 215 -53.36 -25.77 17.30
CA ASN D 215 -54.66 -25.92 17.95
C ASN D 215 -54.72 -27.01 18.99
N GLY D 216 -53.57 -27.57 19.32
CA GLY D 216 -53.49 -28.60 20.33
C GLY D 216 -53.81 -29.98 19.89
N ILE D 217 -53.93 -30.20 18.60
CA ILE D 217 -54.15 -31.53 18.07
C ILE D 217 -52.82 -32.27 18.09
N PRO D 218 -52.78 -33.51 18.58
CA PRO D 218 -51.50 -34.22 18.53
C PRO D 218 -50.95 -34.38 17.12
N ALA D 219 -49.61 -34.32 17.00
CA ALA D 219 -49.00 -34.27 15.68
C ALA D 219 -49.22 -35.49 14.84
N LYS D 220 -49.08 -36.70 15.41
CA LYS D 220 -49.18 -37.88 14.56
C LYS D 220 -50.60 -38.07 14.07
N GLN D 221 -51.55 -37.85 14.96
CA GLN D 221 -52.95 -37.86 14.62
C GLN D 221 -53.23 -36.89 13.47
N ALA D 222 -52.78 -35.64 13.64
CA ALA D 222 -52.97 -34.58 12.63
C ALA D 222 -52.36 -34.99 11.29
N GLN D 223 -51.15 -35.54 11.34
CA GLN D 223 -50.48 -36.04 10.12
C GLN D 223 -51.34 -37.09 9.43
N ASN D 224 -51.76 -38.11 10.19
CA ASN D 224 -52.55 -39.21 9.59
C ASN D 224 -53.87 -38.72 9.03
N ASP D 225 -54.55 -37.81 9.73
CA ASP D 225 -55.78 -37.19 9.25
C ASP D 225 -55.60 -36.43 7.91
N ARG D 226 -54.63 -35.52 7.91
CA ARG D 226 -54.46 -34.58 6.81
C ARG D 226 -53.85 -35.29 5.61
N ARG D 227 -52.99 -36.26 5.87
CA ARG D 227 -52.22 -36.94 4.79
C ARG D 227 -53.01 -38.02 4.09
N SER D 228 -54.18 -38.34 4.61
CA SER D 228 -54.98 -39.39 4.01
C SER D 228 -55.23 -39.07 2.54
N VAL D 229 -55.40 -37.77 2.21
CA VAL D 229 -55.63 -37.29 0.83
C VAL D 229 -54.48 -37.58 -0.14
N LEU D 230 -53.28 -37.76 0.40
CA LEU D 230 -52.09 -38.02 -0.43
C LEU D 230 -52.05 -39.46 -0.97
N LYS D 231 -52.78 -40.33 -0.30
CA LYS D 231 -52.81 -41.75 -0.68
C LYS D 231 -53.15 -41.97 -2.15
N LYS D 232 -54.15 -41.27 -2.67
CA LYS D 232 -54.56 -41.47 -4.06
C LYS D 232 -53.39 -41.22 -5.01
N TYR D 233 -52.49 -40.30 -4.65
CA TYR D 233 -51.35 -40.00 -5.53
C TYR D 233 -50.26 -41.08 -5.43
N ILE D 234 -50.27 -41.99 -4.58
N SER E 2 6.61 -3.06 6.89
CA SER E 2 7.19 -4.37 7.33
C SER E 2 6.56 -5.46 6.50
N ASP E 3 7.22 -6.61 6.48
CA ASP E 3 6.71 -7.80 5.79
C ASP E 3 5.25 -8.01 6.16
N LEU E 4 5.01 -7.90 7.45
CA LEU E 4 3.73 -8.20 8.03
C LEU E 4 2.67 -7.21 7.55
N GLN E 5 3.02 -5.93 7.47
CA GLN E 5 2.09 -4.95 6.98
C GLN E 5 1.69 -5.24 5.52
N LYS E 6 2.66 -5.66 4.72
CA LYS E 6 2.39 -6.01 3.33
C LYS E 6 1.47 -7.24 3.24
N LEU E 7 1.77 -8.25 4.03
CA LEU E 7 0.97 -9.49 4.04
C LEU E 7 -0.46 -9.29 4.53
N GLN E 8 -0.64 -8.29 5.39
CA GLN E 8 -1.94 -7.97 5.94
C GLN E 8 -2.96 -7.57 4.87
N ARG E 9 -2.47 -7.17 3.70
CA ARG E 9 -3.30 -6.74 2.57
C ARG E 9 -3.84 -7.86 1.72
N PHE E 10 -3.35 -9.08 1.97
CA PHE E 10 -3.61 -10.20 1.07
C PHE E 10 -4.64 -11.14 1.65
N SER E 11 -5.37 -11.82 0.77
CA SER E 11 -6.17 -12.93 1.22
C SER E 11 -5.25 -14.16 1.31
N THR E 12 -5.73 -15.18 2.01
CA THR E 12 -4.96 -16.39 2.12
C THR E 12 -4.82 -17.01 0.73
N CYS E 13 -5.83 -16.82 -0.10
CA CYS E 13 -5.79 -17.39 -1.45
C CYS E 13 -4.62 -16.78 -2.27
N ASP E 14 -4.45 -15.48 -2.10
CA ASP E 14 -3.36 -14.76 -2.76
C ASP E 14 -1.98 -15.29 -2.33
N ILE E 15 -1.81 -15.49 -1.03
CA ILE E 15 -0.62 -16.06 -0.49
C ILE E 15 -0.38 -17.46 -1.04
N SER E 16 -1.42 -18.31 -1.11
CA SER E 16 -1.27 -19.64 -1.69
C SER E 16 -0.91 -19.59 -3.17
N ASP E 17 -1.41 -18.61 -3.89
CA ASP E 17 -1.01 -18.44 -5.28
C ASP E 17 0.52 -18.20 -5.37
N GLY E 18 1.05 -17.44 -4.43
CA GLY E 18 2.48 -17.13 -4.40
C GLY E 18 3.28 -18.37 -4.02
N LEU E 19 2.82 -19.09 -3.00
CA LEU E 19 3.54 -20.28 -2.56
C LEU E 19 3.51 -21.40 -3.60
N LEU E 20 2.38 -21.56 -4.28
CA LEU E 20 2.23 -22.53 -5.33
C LEU E 20 3.12 -22.18 -6.51
N ASN E 21 3.07 -20.93 -6.96
CA ASN E 21 3.68 -20.62 -8.24
C ASN E 21 5.13 -20.21 -8.14
N VAL E 22 5.49 -19.54 -7.05
CA VAL E 22 6.90 -19.15 -6.86
C VAL E 22 7.72 -20.29 -6.27
N TYR E 23 7.15 -21.08 -5.35
CA TYR E 23 7.92 -22.12 -4.63
C TYR E 23 7.47 -23.56 -4.89
N ASN E 24 6.55 -23.74 -5.82
CA ASN E 24 6.09 -25.06 -6.26
C ASN E 24 5.55 -25.88 -5.10
N ILE E 25 4.91 -25.22 -4.15
CA ILE E 25 4.34 -25.89 -3.00
C ILE E 25 2.91 -26.29 -3.37
N PRO E 26 2.65 -27.59 -3.60
CA PRO E 26 1.39 -28.00 -4.27
C PRO E 26 0.15 -27.66 -3.50
N THR E 27 0.26 -27.58 -2.18
CA THR E 27 -0.90 -27.26 -1.35
C THR E 27 -0.97 -25.76 -1.05
N GLY E 28 0.01 -24.97 -1.53
CA GLY E 28 -0.02 -23.54 -1.25
C GLY E 28 0.08 -23.17 0.21
N GLY E 29 0.67 -24.04 1.02
CA GLY E 29 0.88 -23.76 2.45
C GLY E 29 -0.40 -23.79 3.25
N TYR E 30 -1.42 -24.42 2.71
CA TYR E 30 -2.71 -24.43 3.39
C TYR E 30 -2.78 -25.43 4.52
N PHE E 31 -3.42 -25.02 5.61
CA PHE E 31 -3.73 -25.90 6.75
C PHE E 31 -5.25 -25.96 6.84
N PRO E 32 -5.84 -27.09 6.41
CA PRO E 32 -7.28 -27.15 6.18
C PRO E 32 -8.13 -27.38 7.42
N ASN E 33 -9.43 -27.06 7.25
CA ASN E 33 -10.50 -27.52 8.14
C ASN E 33 -10.62 -26.72 9.45
N LEU E 34 -10.01 -25.54 9.52
CA LEU E 34 -10.18 -24.66 10.67
C LEU E 34 -11.37 -23.73 10.41
N THR E 35 -12.04 -23.35 11.48
CA THR E 35 -13.18 -22.45 11.44
C THR E 35 -12.84 -21.19 12.23
N ALA E 36 -13.20 -20.03 11.69
CA ALA E 36 -13.07 -18.78 12.40
C ALA E 36 -14.19 -18.66 13.41
N ILE E 37 -13.95 -19.13 14.60
CA ILE E 37 -14.94 -19.13 15.67
C ILE E 37 -15.16 -17.70 16.15
N SER E 38 -14.09 -16.97 16.33
CA SER E 38 -14.13 -15.55 16.61
C SER E 38 -13.47 -14.89 15.43
N PRO E 39 -14.27 -14.39 14.47
CA PRO E 39 -13.61 -13.96 13.25
C PRO E 39 -12.91 -12.64 13.45
N PRO E 40 -11.94 -12.34 12.59
CA PRO E 40 -11.30 -11.03 12.62
C PRO E 40 -12.30 -9.89 12.34
N GLN E 41 -12.00 -8.69 12.84
CA GLN E 41 -12.82 -7.51 12.55
C GLN E 41 -12.53 -7.07 11.13
N ASN E 42 -11.24 -7.06 10.78
CA ASN E 42 -10.80 -6.76 9.43
C ASN E 42 -10.97 -7.99 8.55
N SER E 43 -10.26 -8.05 7.44
CA SER E 43 -10.45 -9.13 6.48
C SER E 43 -9.70 -10.40 6.96
N SER E 44 -8.45 -10.18 7.38
CA SER E 44 -7.56 -11.27 7.71
C SER E 44 -6.79 -10.96 8.96
N ILE E 45 -6.17 -11.99 9.51
CA ILE E 45 -5.13 -11.84 10.54
C ILE E 45 -3.83 -12.36 9.99
N VAL E 46 -2.73 -11.71 10.34
CA VAL E 46 -1.42 -12.19 9.98
C VAL E 46 -0.49 -11.93 11.15
N GLY E 47 0.43 -12.84 11.37
CA GLY E 47 1.46 -12.63 12.39
C GLY E 47 2.50 -13.72 12.36
N THR E 48 3.53 -13.58 13.21
CA THR E 48 4.56 -14.58 13.32
C THR E 48 4.16 -15.66 14.29
N ALA E 49 4.46 -16.89 13.94
CA ALA E 49 4.01 -18.05 14.73
C ALA E 49 4.74 -18.19 16.06
N TYR E 50 3.97 -18.12 17.14
CA TYR E 50 4.42 -18.51 18.46
C TYR E 50 3.71 -19.84 18.75
N THR E 51 4.51 -20.92 18.70
CA THR E 51 3.99 -22.29 18.68
C THR E 51 3.94 -22.90 20.06
N VAL E 52 2.86 -23.65 20.33
CA VAL E 52 2.70 -24.36 21.58
C VAL E 52 2.27 -25.81 21.29
N LEU E 53 3.01 -26.77 21.85
CA LEU E 53 2.71 -28.18 21.73
C LEU E 53 2.10 -28.73 22.98
N PHE E 54 0.98 -29.43 22.83
CA PHE E 54 0.30 -30.09 23.94
C PHE E 54 0.44 -31.61 23.83
N ALA E 55 0.54 -32.25 24.98
CA ALA E 55 0.76 -33.69 25.10
C ALA E 55 -0.11 -34.26 26.21
N PRO E 56 -0.32 -35.57 26.24
CA PRO E 56 -1.06 -36.16 27.35
C PRO E 56 -0.49 -35.79 28.70
N ILE E 57 -1.34 -35.71 29.71
CA ILE E 57 -0.85 -35.30 31.04
C ILE E 57 0.19 -36.29 31.59
N ASP E 58 0.16 -37.53 31.12
CA ASP E 58 1.15 -38.52 31.60
C ASP E 58 2.44 -38.55 30.80
N ASP E 59 2.58 -37.66 29.84
CA ASP E 59 3.82 -37.47 29.14
C ASP E 59 4.88 -37.10 30.17
N PRO E 60 6.11 -37.62 30.01
CA PRO E 60 7.15 -37.31 31.03
C PRO E 60 7.67 -35.85 31.05
N ARG E 61 7.40 -35.08 30.00
CA ARG E 61 7.82 -33.68 29.94
C ARG E 61 6.97 -32.83 30.88
N PRO E 62 7.62 -31.94 31.64
CA PRO E 62 6.84 -31.10 32.54
C PRO E 62 5.96 -30.12 31.79
N ALA E 63 4.86 -29.74 32.43
CA ALA E 63 3.98 -28.74 31.88
C ALA E 63 4.66 -27.39 31.75
N VAL E 64 4.34 -26.64 30.70
CA VAL E 64 4.86 -25.27 30.53
C VAL E 64 3.71 -24.27 30.55
N ASN E 65 4.05 -23.04 30.92
CA ASN E 65 3.12 -21.90 30.86
C ASN E 65 3.49 -21.08 29.64
N TYR E 66 2.66 -21.18 28.60
CA TYR E 66 2.89 -20.50 27.36
C TYR E 66 2.23 -19.13 27.26
N ILE E 67 1.15 -18.90 28.00
CA ILE E 67 0.30 -17.74 27.69
C ILE E 67 0.93 -16.41 28.07
N ASP E 68 1.79 -16.43 29.08
CA ASP E 68 2.28 -15.15 29.60
C ASP E 68 3.47 -14.60 28.83
N SER E 69 3.91 -15.34 27.80
CA SER E 69 5.04 -14.94 26.95
C SER E 69 4.64 -14.72 25.48
N VAL E 70 3.34 -14.67 25.21
CA VAL E 70 2.85 -14.48 23.82
C VAL E 70 3.40 -13.14 23.31
N PRO E 71 4.15 -13.17 22.19
CA PRO E 71 4.72 -11.92 21.67
C PRO E 71 3.70 -10.99 21.03
N PRO E 72 3.96 -9.67 21.01
CA PRO E 72 3.13 -8.81 20.19
C PRO E 72 3.23 -9.14 18.71
N ASN E 73 2.12 -8.98 18.00
CA ASN E 73 2.08 -9.22 16.54
C ASN E 73 2.30 -10.68 16.16
N SER E 74 2.15 -11.55 17.14
CA SER E 74 2.22 -12.98 16.86
C SER E 74 0.88 -13.51 16.40
N ILE E 75 0.91 -14.71 15.85
CA ILE E 75 -0.25 -15.57 15.85
C ILE E 75 0.11 -16.71 16.80
N LEU E 76 -0.66 -16.85 17.87
CA LEU E 76 -0.46 -17.95 18.82
C LEU E 76 -0.99 -19.22 18.16
N VAL E 77 -0.16 -20.25 18.06
CA VAL E 77 -0.54 -21.48 17.38
C VAL E 77 -0.43 -22.66 18.30
N LEU E 78 -1.55 -23.32 18.59
CA LEU E 78 -1.55 -24.46 19.50
C LEU E 78 -1.82 -25.74 18.70
N ALA E 79 -1.15 -26.84 19.07
CA ALA E 79 -1.40 -28.12 18.46
C ALA E 79 -1.13 -29.26 19.41
N LEU E 80 -1.79 -30.37 19.15
CA LEU E 80 -1.60 -31.60 19.87
C LEU E 80 -0.53 -32.47 19.25
N GLU E 81 0.05 -33.33 20.11
CA GLU E 81 0.84 -34.46 19.61
C GLU E 81 0.08 -35.19 18.49
N PRO E 82 0.75 -35.50 17.39
CA PRO E 82 0.01 -36.16 16.30
C PRO E 82 -0.73 -37.46 16.60
N HIS E 83 -0.36 -38.22 17.62
CA HIS E 83 -1.17 -39.42 17.92
C HIS E 83 -2.58 -39.06 18.38
N LEU E 84 -2.80 -37.81 18.80
CA LEU E 84 -4.12 -37.35 19.16
C LEU E 84 -4.83 -36.59 18.05
N GLN E 85 -4.29 -36.69 16.83
CA GLN E 85 -4.91 -36.05 15.65
C GLN E 85 -5.49 -37.11 14.74
N SER E 86 -6.42 -36.70 13.88
CA SER E 86 -7.08 -37.60 12.97
C SER E 86 -7.17 -36.96 11.62
N GLN E 87 -7.20 -37.80 10.58
CA GLN E 87 -7.44 -37.31 9.22
C GLN E 87 -8.89 -36.99 8.88
N PHE E 88 -9.82 -37.35 9.78
CA PHE E 88 -11.24 -37.07 9.58
C PHE E 88 -11.76 -36.18 10.69
N HIS E 89 -12.77 -35.38 10.37
CA HIS E 89 -13.37 -34.52 11.39
C HIS E 89 -13.82 -35.38 12.55
N PRO E 90 -13.61 -34.89 13.81
CA PRO E 90 -13.25 -33.56 14.23
C PRO E 90 -11.75 -33.19 14.22
N PHE E 91 -10.90 -34.09 13.73
CA PHE E 91 -9.43 -33.88 13.42
C PHE E 91 -8.53 -34.04 14.65
N ILE E 92 -9.17 -34.15 15.81
CA ILE E 92 -8.48 -34.47 17.05
C ILE E 92 -9.29 -35.46 17.84
N LYS E 93 -8.60 -36.19 18.72
CA LYS E 93 -9.21 -37.33 19.45
C LYS E 93 -9.61 -37.04 20.91
N ILE E 94 -9.50 -35.79 21.33
CA ILE E 94 -9.99 -35.39 22.65
C ILE E 94 -11.21 -34.51 22.49
N THR E 95 -12.13 -34.56 23.47
CA THR E 95 -13.33 -33.72 23.42
C THR E 95 -13.20 -32.43 24.20
N GLN E 96 -12.20 -32.39 25.10
CA GLN E 96 -11.87 -31.24 25.89
C GLN E 96 -11.32 -30.10 25.06
N ALA E 97 -11.62 -28.87 25.48
CA ALA E 97 -10.99 -27.69 24.94
C ALA E 97 -9.54 -27.56 25.45
N MET E 98 -8.71 -26.88 24.68
CA MET E 98 -7.34 -26.63 25.07
C MET E 98 -7.01 -25.16 25.29
N TYR E 99 -8.02 -24.29 25.21
CA TYR E 99 -7.84 -22.83 25.14
C TYR E 99 -9.17 -22.18 25.36
N GLY E 100 -9.25 -21.25 26.31
CA GLY E 100 -10.49 -20.59 26.67
C GLY E 100 -10.36 -19.07 26.73
N GLY E 101 -11.35 -18.45 27.31
CA GLY E 101 -11.51 -17.00 27.25
C GLY E 101 -10.45 -16.20 28.03
N LEU E 102 -10.01 -16.73 29.15
CA LEU E 102 -8.91 -16.09 29.92
C LEU E 102 -7.64 -16.07 29.11
N MET E 103 -7.38 -17.14 28.36
CA MET E 103 -6.22 -17.14 27.46
C MET E 103 -6.29 -16.05 26.39
N SER E 104 -7.44 -15.89 25.72
CA SER E 104 -7.57 -14.76 24.81
C SER E 104 -7.42 -13.40 25.47
N THR E 105 -7.88 -13.30 26.70
CA THR E 105 -7.80 -12.02 27.42
C THR E 105 -6.32 -11.65 27.56
N ARG E 106 -5.49 -12.62 27.95
CA ARG E 106 -4.06 -12.36 28.13
C ARG E 106 -3.34 -12.14 26.81
N ALA E 107 -3.65 -12.97 25.81
CA ALA E 107 -3.01 -12.85 24.52
C ALA E 107 -3.32 -11.50 23.89
N GLN E 108 -4.54 -11.04 24.07
CA GLN E 108 -4.95 -9.74 23.60
C GLN E 108 -4.22 -8.60 24.34
N TYR E 109 -4.11 -8.72 25.67
CA TYR E 109 -3.39 -7.73 26.47
C TYR E 109 -1.95 -7.59 25.93
N LEU E 110 -1.36 -8.73 25.55
CA LEU E 110 -0.01 -8.76 25.04
C LEU E 110 0.12 -8.41 23.55
N LYS E 111 -1.00 -8.05 22.91
CA LYS E 111 -1.05 -7.48 21.56
C LYS E 111 -0.79 -8.51 20.45
N SER E 112 -1.09 -9.78 20.76
CA SER E 112 -1.11 -10.85 19.74
C SER E 112 -2.18 -10.54 18.73
N ASN E 113 -1.96 -10.97 17.50
CA ASN E 113 -2.90 -10.67 16.44
C ASN E 113 -4.02 -11.69 16.37
N GLY E 114 -3.84 -12.83 17.02
CA GLY E 114 -4.87 -13.85 16.98
C GLY E 114 -4.34 -15.21 17.35
N THR E 115 -5.26 -16.17 17.38
CA THR E 115 -4.93 -17.51 17.83
C THR E 115 -5.45 -18.54 16.82
N VAL E 116 -4.62 -19.56 16.56
CA VAL E 116 -5.01 -20.71 15.75
C VAL E 116 -4.82 -21.96 16.58
N VAL E 117 -5.92 -22.68 16.83
CA VAL E 117 -5.90 -23.90 17.66
C VAL E 117 -6.25 -25.11 16.80
N PHE E 118 -5.29 -26.02 16.64
CA PHE E 118 -5.49 -27.29 16.00
C PHE E 118 -6.09 -28.25 17.03
N GLY E 119 -7.30 -27.87 17.44
CA GLY E 119 -8.09 -28.56 18.43
C GLY E 119 -9.30 -27.72 18.75
N ARG E 120 -9.78 -27.84 19.99
CA ARG E 120 -11.00 -27.19 20.42
C ARG E 120 -10.75 -26.01 21.36
N ILE E 121 -11.63 -25.01 21.24
CA ILE E 121 -11.63 -23.86 22.17
C ILE E 121 -12.93 -23.83 22.94
N ARG E 122 -12.92 -23.19 24.11
CA ARG E 122 -14.16 -23.00 24.85
C ARG E 122 -14.34 -21.52 25.16
N ASP E 123 -15.48 -21.17 25.75
CA ASP E 123 -15.84 -19.79 26.00
C ASP E 123 -16.03 -19.00 24.70
N VAL E 124 -16.75 -19.61 23.75
CA VAL E 124 -16.98 -19.01 22.45
C VAL E 124 -17.38 -17.56 22.53
N ASP E 125 -18.36 -17.25 23.38
CA ASP E 125 -18.85 -15.88 23.39
C ASP E 125 -17.80 -14.88 23.90
N GLU E 126 -16.93 -15.35 24.79
CA GLU E 126 -15.90 -14.47 25.36
C GLU E 126 -14.88 -14.00 24.32
N HIS E 127 -14.41 -14.91 23.47
CA HIS E 127 -13.51 -14.48 22.41
C HIS E 127 -14.14 -13.41 21.52
N ARG E 128 -15.42 -13.61 21.25
CA ARG E 128 -16.17 -12.70 20.38
C ARG E 128 -16.37 -11.34 21.04
N THR E 129 -16.66 -11.35 22.33
CA THR E 129 -16.87 -10.11 23.08
C THR E 129 -15.56 -9.32 23.18
N LEU E 130 -14.47 -10.06 23.40
CA LEU E 130 -13.13 -9.44 23.35
C LEU E 130 -12.74 -8.93 21.97
N ASN E 131 -13.40 -9.46 20.95
CA ASN E 131 -13.01 -9.21 19.57
C ASN E 131 -11.58 -9.66 19.30
N HIS E 132 -11.23 -10.80 19.89
CA HIS E 132 -9.94 -11.41 19.64
C HIS E 132 -10.09 -12.56 18.64
N PRO E 133 -9.40 -12.48 17.50
CA PRO E 133 -9.62 -13.51 16.49
C PRO E 133 -9.09 -14.88 16.92
N VAL E 134 -9.93 -15.91 16.74
CA VAL E 134 -9.59 -17.28 17.09
C VAL E 134 -10.10 -18.22 16.01
N PHE E 135 -9.21 -19.05 15.46
CA PHE E 135 -9.55 -20.07 14.51
C PHE E 135 -9.33 -21.40 15.24
N ALA E 136 -10.20 -22.38 14.98
CA ALA E 136 -10.03 -23.68 15.64
C ALA E 136 -10.71 -24.77 14.84
N TYR E 137 -10.40 -26.03 15.16
CA TYR E 137 -11.12 -27.12 14.50
C TYR E 137 -12.56 -27.24 15.03
N GLY E 138 -12.77 -26.84 16.27
CA GLY E 138 -14.10 -26.94 16.85
C GLY E 138 -14.11 -26.38 18.26
N VAL E 139 -15.16 -26.67 18.98
CA VAL E 139 -15.36 -26.15 20.34
C VAL E 139 -15.55 -27.29 21.35
N GLY E 140 -15.45 -26.92 22.64
CA GLY E 140 -15.69 -27.83 23.74
C GLY E 140 -16.16 -26.99 24.90
N SER E 141 -16.59 -27.66 25.95
CA SER E 141 -17.00 -26.99 27.18
C SER E 141 -16.01 -27.21 28.31
N CYS E 142 -15.11 -28.18 28.19
CA CYS E 142 -14.31 -28.65 29.32
C CYS E 142 -12.87 -28.23 29.24
N ALA E 143 -12.31 -27.91 30.41
CA ALA E 143 -10.86 -27.64 30.52
C ALA E 143 -10.03 -28.88 30.21
N PRO E 144 -8.79 -28.66 29.79
CA PRO E 144 -7.95 -29.78 29.40
C PRO E 144 -7.27 -30.57 30.52
N LYS E 145 -7.40 -30.16 31.76
CA LYS E 145 -6.46 -30.68 32.75
C LYS E 145 -6.44 -32.16 33.08
N ALA E 146 -7.52 -32.91 32.80
CA ALA E 146 -7.50 -34.34 32.98
C ALA E 146 -6.89 -35.10 31.81
N VAL E 147 -6.60 -34.42 30.73
CA VAL E 147 -6.14 -35.09 29.53
C VAL E 147 -4.85 -34.57 28.88
N VAL E 148 -4.69 -33.25 28.72
CA VAL E 148 -3.48 -32.72 28.07
C VAL E 148 -2.90 -31.49 28.78
N LYS E 149 -1.63 -31.22 28.51
CA LYS E 149 -0.89 -30.10 29.06
C LYS E 149 0.03 -29.58 27.98
N ALA E 150 0.37 -28.32 28.05
CA ALA E 150 1.38 -27.78 27.16
C ALA E 150 2.73 -28.29 27.61
N VAL E 151 3.53 -28.77 26.65
CA VAL E 151 4.88 -29.26 26.95
C VAL E 151 6.00 -28.57 26.23
N GLY E 152 5.70 -27.68 25.27
CA GLY E 152 6.77 -26.97 24.60
C GLY E 152 6.25 -25.72 23.97
N THR E 153 7.10 -24.70 23.95
CA THR E 153 6.82 -23.45 23.24
C THR E 153 7.95 -23.22 22.25
N ASN E 154 7.63 -22.54 21.15
CA ASN E 154 8.59 -22.24 20.09
C ASN E 154 9.27 -23.51 19.65
N VAL E 155 8.47 -24.56 19.48
CA VAL E 155 8.89 -25.82 18.91
C VAL E 155 8.22 -26.05 17.58
N GLN E 156 8.74 -27.01 16.82
CA GLN E 156 8.08 -27.36 15.56
C GLN E 156 6.76 -28.06 15.89
N LEU E 157 5.72 -27.75 15.13
CA LEU E 157 4.46 -28.42 15.26
C LEU E 157 4.22 -29.25 14.00
N LYS E 158 3.77 -30.47 14.18
CA LYS E 158 3.43 -31.34 13.06
C LYS E 158 1.90 -31.47 13.04
N ILE E 159 1.28 -31.18 11.90
CA ILE E 159 -0.15 -31.21 11.76
C ILE E 159 -0.49 -32.25 10.73
N LEU E 160 -1.20 -33.30 11.16
CA LEU E 160 -1.67 -34.32 10.25
C LEU E 160 -2.84 -33.66 9.53
N THR E 161 -2.74 -33.48 8.22
CA THR E 161 -3.78 -32.83 7.48
C THR E 161 -4.64 -33.91 6.79
N SER E 162 -5.78 -33.49 6.30
CA SER E 162 -6.82 -34.40 5.87
C SER E 162 -6.53 -35.02 4.50
N ASP E 163 -5.42 -34.65 3.86
CA ASP E 163 -5.01 -35.35 2.64
C ASP E 163 -4.01 -36.45 2.98
N GLY E 164 -3.75 -36.66 4.27
CA GLY E 164 -2.81 -37.70 4.73
C GLY E 164 -1.37 -37.25 4.92
N VAL E 165 -1.07 -36.03 4.51
CA VAL E 165 0.29 -35.48 4.65
C VAL E 165 0.41 -34.73 5.97
N THR E 166 1.52 -34.94 6.66
CA THR E 166 1.81 -34.18 7.85
C THR E 166 2.60 -32.93 7.42
N GLN E 167 2.05 -31.74 7.68
CA GLN E 167 2.72 -30.47 7.38
C GLN E 167 3.21 -29.83 8.67
N THR E 168 4.27 -29.02 8.57
CA THR E 168 4.91 -28.49 9.77
C THR E 168 4.79 -26.97 9.84
N ILE E 169 4.76 -26.47 11.06
CA ILE E 169 4.78 -25.05 11.38
C ILE E 169 5.96 -24.79 12.31
N PRO E 171 8.42 -22.01 14.57
CA PRO E 171 8.40 -20.70 15.21
C PRO E 171 8.86 -19.63 14.24
N GLY E 172 8.12 -18.53 14.19
CA GLY E 172 8.49 -17.40 13.37
C GLY E 172 7.96 -17.45 11.96
N ASP E 173 7.38 -18.59 11.57
CA ASP E 173 6.69 -18.67 10.28
C ASP E 173 5.58 -17.65 10.24
N TYR E 174 5.26 -17.10 9.08
CA TYR E 174 4.12 -16.18 8.98
C TYR E 174 2.85 -17.02 8.82
N ILE E 175 1.83 -16.68 9.60
CA ILE E 175 0.54 -17.34 9.57
C ILE E 175 -0.50 -16.30 9.16
N ALA E 176 -1.33 -16.65 8.20
CA ALA E 176 -2.42 -15.81 7.73
C ALA E 176 -3.74 -16.56 7.84
N GLY E 177 -4.78 -15.87 8.32
CA GLY E 177 -6.12 -16.44 8.46
C GLY E 177 -7.23 -15.55 7.95
N ASP E 178 -8.18 -16.11 7.22
CA ASP E 178 -9.35 -15.38 6.80
C ASP E 178 -10.49 -16.38 6.58
N ASN E 179 -11.55 -16.00 5.87
CA ASN E 179 -12.69 -16.90 5.71
C ASN E 179 -12.41 -18.12 4.86
N ASN E 180 -11.24 -18.14 4.20
CA ASN E 180 -10.82 -19.34 3.45
C ASN E 180 -10.04 -20.32 4.27
N GLY E 181 -9.63 -19.94 5.48
CA GLY E 181 -8.86 -20.78 6.37
C GLY E 181 -7.48 -20.20 6.67
N ILE E 182 -6.52 -21.09 6.88
CA ILE E 182 -5.19 -20.76 7.40
C ILE E 182 -4.08 -21.13 6.41
N VAL E 183 -3.17 -20.19 6.15
CA VAL E 183 -1.98 -20.48 5.33
C VAL E 183 -0.72 -20.15 6.12
N ARG E 184 0.34 -20.87 5.87
CA ARG E 184 1.61 -20.67 6.54
C ARG E 184 2.69 -20.43 5.50
N ILE E 185 3.47 -19.36 5.68
CA ILE E 185 4.65 -19.12 4.84
C ILE E 185 5.90 -19.54 5.64
N PRO E 186 6.66 -20.51 5.10
CA PRO E 186 7.82 -21.03 5.83
C PRO E 186 8.95 -20.06 5.68
N VAL E 187 9.32 -19.37 6.74
CA VAL E 187 10.26 -18.25 6.56
C VAL E 187 11.68 -18.67 6.27
N GLN E 188 12.09 -19.84 6.75
CA GLN E 188 13.45 -20.29 6.51
C GLN E 188 13.68 -20.62 5.05
N GLU E 189 12.61 -21.03 4.37
CA GLU E 189 12.69 -21.58 3.04
C GLU E 189 12.24 -20.58 1.95
N THR E 190 11.98 -19.33 2.33
CA THR E 190 11.46 -18.35 1.36
C THR E 190 12.07 -16.93 1.45
N ASP E 191 12.12 -16.29 0.28
CA ASP E 191 12.53 -14.89 0.12
C ASP E 191 11.25 -14.09 0.15
N ILE E 192 11.00 -13.47 1.30
CA ILE E 192 9.69 -12.87 1.57
C ILE E 192 9.45 -11.71 0.60
N SER E 193 10.50 -10.94 0.28
CA SER E 193 10.36 -9.83 -0.67
C SER E 193 9.89 -10.28 -2.02
N LYS E 194 10.53 -11.32 -2.53
CA LYS E 194 10.21 -11.86 -3.84
C LYS E 194 8.79 -12.42 -3.86
N LEU E 195 8.45 -13.17 -2.82
CA LEU E 195 7.10 -13.72 -2.71
C LEU E 195 6.06 -12.61 -2.65
N VAL E 196 6.28 -11.62 -1.79
CA VAL E 196 5.32 -10.57 -1.64
C VAL E 196 5.13 -9.81 -2.94
N THR E 197 6.22 -9.57 -3.66
CA THR E 197 6.12 -8.88 -4.96
C THR E 197 5.29 -9.69 -5.95
N TYR E 198 5.49 -10.99 -5.99
CA TYR E 198 4.74 -11.83 -6.94
C TYR E 198 3.26 -11.77 -6.55
N ILE E 199 2.95 -11.85 -5.26
CA ILE E 199 1.57 -11.91 -4.81
C ILE E 199 0.88 -10.57 -5.18
N GLU E 200 1.58 -9.46 -4.96
CA GLU E 200 1.05 -8.17 -5.33
C GLU E 200 0.66 -8.15 -6.82
N LYS E 201 1.54 -8.66 -7.66
CA LYS E 201 1.24 -8.67 -9.09
C LYS E 201 0.09 -9.60 -9.43
N SER E 202 0.11 -10.77 -8.83
CA SER E 202 -0.95 -11.74 -9.06
C SER E 202 -2.32 -11.19 -8.68
N ILE E 203 -2.42 -10.45 -7.57
CA ILE E 203 -3.66 -9.79 -7.19
C ILE E 203 -4.14 -8.82 -8.29
N GLU E 204 -3.21 -8.04 -8.84
CA GLU E 204 -3.59 -7.09 -9.87
C GLU E 204 -4.08 -7.79 -11.13
N VAL E 205 -3.40 -8.88 -11.48
CA VAL E 205 -3.74 -9.67 -12.65
C VAL E 205 -5.17 -10.21 -12.48
N ASP E 206 -5.45 -10.74 -11.30
CA ASP E 206 -6.81 -11.30 -11.07
C ASP E 206 -7.89 -10.24 -11.10
N LEU E 207 -7.58 -9.06 -10.59
CA LEU E 207 -8.47 -7.93 -10.72
C LEU E 207 -8.81 -7.63 -12.17
N LEU E 208 -7.79 -7.62 -13.02
CA LEU E 208 -7.97 -7.37 -14.46
C LEU E 208 -8.82 -8.46 -15.09
N VAL E 209 -8.55 -9.71 -14.71
CA VAL E 209 -9.34 -10.82 -15.23
C VAL E 209 -10.80 -10.67 -14.82
N SER E 210 -11.04 -10.33 -13.55
CA SER E 210 -12.39 -10.15 -13.04
C SER E 210 -13.13 -9.06 -13.83
N GLU E 211 -12.46 -7.94 -14.05
CA GLU E 211 -13.09 -6.86 -14.81
C GLU E 211 -13.37 -7.28 -16.25
N ASP E 212 -12.46 -8.02 -16.87
CA ASP E 212 -12.64 -8.56 -18.23
C ASP E 212 -13.92 -9.42 -18.25
N ILE E 213 -14.04 -10.32 -17.28
CA ILE E 213 -15.22 -11.20 -17.22
C ILE E 213 -16.50 -10.42 -17.07
N LYS E 214 -16.48 -9.43 -16.19
CA LYS E 214 -17.66 -8.61 -15.97
C LYS E 214 -18.01 -7.82 -17.23
N ASN E 215 -17.03 -7.61 -18.09
CA ASN E 215 -17.27 -7.00 -19.41
C ASN E 215 -17.56 -7.98 -20.54
N GLY E 216 -17.75 -9.26 -20.21
CA GLY E 216 -18.22 -10.24 -21.18
C GLY E 216 -17.13 -10.94 -21.94
N ILE E 217 -15.89 -10.73 -21.53
CA ILE E 217 -14.81 -11.49 -22.10
C ILE E 217 -14.81 -12.88 -21.45
N PRO E 218 -14.78 -13.94 -22.26
CA PRO E 218 -14.70 -15.28 -21.62
C PRO E 218 -13.53 -15.46 -20.66
N ALA E 219 -13.72 -16.30 -19.66
CA ALA E 219 -12.69 -16.46 -18.64
C ALA E 219 -11.37 -16.97 -19.19
N LYS E 220 -11.42 -17.93 -20.12
CA LYS E 220 -10.20 -18.50 -20.68
C LYS E 220 -9.40 -17.42 -21.40
N GLN E 221 -10.05 -16.68 -22.29
CA GLN E 221 -9.41 -15.58 -23.03
C GLN E 221 -8.80 -14.59 -22.04
N ALA E 222 -9.63 -14.14 -21.11
CA ALA E 222 -9.15 -13.19 -20.09
C ALA E 222 -7.97 -13.71 -19.26
N GLN E 223 -8.04 -14.95 -18.79
CA GLN E 223 -6.94 -15.50 -18.01
C GLN E 223 -5.67 -15.62 -18.84
N ASN E 224 -5.81 -16.14 -20.05
CA ASN E 224 -4.66 -16.23 -20.94
C ASN E 224 -4.00 -14.88 -21.18
N ASP E 225 -4.79 -13.87 -21.51
CA ASP E 225 -4.26 -12.53 -21.79
C ASP E 225 -3.57 -11.96 -20.57
N ARG E 226 -4.28 -11.94 -19.46
CA ARG E 226 -3.78 -11.25 -18.27
C ARG E 226 -2.65 -11.98 -17.54
N ARG E 227 -2.70 -13.32 -17.49
CA ARG E 227 -1.72 -14.07 -16.70
C ARG E 227 -0.36 -14.26 -17.35
N SER E 228 -0.29 -13.98 -18.64
CA SER E 228 0.97 -14.07 -19.39
C SER E 228 2.13 -13.35 -18.68
N VAL E 229 1.83 -12.22 -18.04
CA VAL E 229 2.86 -11.42 -17.36
C VAL E 229 3.47 -12.08 -16.13
N LEU E 230 2.78 -13.04 -15.52
CA LEU E 230 3.30 -13.59 -14.26
C LEU E 230 4.57 -14.38 -14.44
N LYS E 231 4.73 -15.01 -15.60
CA LYS E 231 5.97 -15.73 -15.98
C LYS E 231 7.20 -14.83 -15.78
N LYS E 232 7.05 -13.54 -16.08
CA LYS E 232 8.12 -12.54 -15.92
C LYS E 232 8.46 -12.23 -14.47
N TYR E 233 7.58 -12.59 -13.54
CA TYR E 233 7.78 -12.37 -12.12
C TYR E 233 8.30 -13.62 -11.42
N ILE E 234 8.43 -14.68 -12.20
CA ILE E 234 9.02 -15.94 -11.76
C ILE E 234 10.43 -16.00 -12.36
N HIS E 235 10.67 -15.87 -13.58
N SER F 2 -35.69 -24.30 42.09
CA SER F 2 -35.50 -25.56 41.31
C SER F 2 -34.06 -25.69 40.86
N ASP F 3 -33.60 -26.92 40.74
CA ASP F 3 -32.33 -27.25 40.08
C ASP F 3 -32.20 -26.59 38.71
N LEU F 4 -33.24 -26.69 37.89
CA LEU F 4 -33.19 -26.16 36.54
C LEU F 4 -32.95 -24.67 36.52
N GLN F 5 -33.65 -23.91 37.38
CA GLN F 5 -33.47 -22.45 37.37
C GLN F 5 -32.02 -22.11 37.71
N LYS F 6 -31.44 -22.78 38.69
CA LYS F 6 -30.06 -22.50 39.06
C LYS F 6 -29.10 -22.81 37.91
N LEU F 7 -29.30 -23.95 37.27
CA LEU F 7 -28.41 -24.36 36.18
C LEU F 7 -28.53 -23.48 34.97
N GLN F 8 -29.71 -22.89 34.79
CA GLN F 8 -29.97 -21.94 33.71
C GLN F 8 -29.02 -20.74 33.76
N ARG F 9 -28.47 -20.45 34.94
CA ARG F 9 -27.58 -19.30 35.13
C ARG F 9 -26.18 -19.50 34.54
N PHE F 10 -25.80 -20.74 34.25
CA PHE F 10 -24.42 -21.09 34.01
C PHE F 10 -24.16 -21.42 32.57
N SER F 11 -22.99 -21.05 32.07
CA SER F 11 -22.49 -21.57 30.80
C SER F 11 -22.18 -23.05 30.93
N THR F 12 -22.15 -23.75 29.79
CA THR F 12 -21.79 -25.15 29.84
C THR F 12 -20.38 -25.32 30.36
N CYS F 13 -19.54 -24.32 30.11
CA CYS F 13 -18.15 -24.36 30.58
C CYS F 13 -18.09 -24.36 32.11
N ASP F 14 -18.96 -23.57 32.70
CA ASP F 14 -19.01 -23.47 34.16
C ASP F 14 -19.47 -24.80 34.71
N ILE F 15 -20.52 -25.36 34.11
CA ILE F 15 -21.01 -26.67 34.54
C ILE F 15 -19.91 -27.74 34.40
N SER F 16 -19.17 -27.75 33.29
CA SER F 16 -18.06 -28.70 33.16
C SER F 16 -16.98 -28.50 34.20
N ASP F 17 -16.71 -27.24 34.56
CA ASP F 17 -15.77 -26.95 35.69
C ASP F 17 -16.23 -27.66 36.95
N GLY F 18 -17.53 -27.64 37.20
CA GLY F 18 -18.06 -28.30 38.38
C GLY F 18 -17.96 -29.79 38.33
N LEU F 19 -18.39 -30.37 37.21
CA LEU F 19 -18.29 -31.81 37.01
C LEU F 19 -16.85 -32.35 37.02
N LEU F 20 -15.93 -31.60 36.42
CA LEU F 20 -14.55 -31.98 36.41
C LEU F 20 -13.95 -31.93 37.82
N ASN F 21 -14.15 -30.82 38.52
CA ASN F 21 -13.46 -30.58 39.81
C ASN F 21 -14.15 -31.20 41.01
N VAL F 22 -15.47 -31.18 41.02
CA VAL F 22 -16.21 -31.78 42.14
C VAL F 22 -16.34 -33.26 42.00
N TYR F 23 -16.61 -33.75 40.77
CA TYR F 23 -16.85 -35.16 40.57
C TYR F 23 -15.79 -35.92 39.78
N ASN F 24 -14.66 -35.29 39.49
CA ASN F 24 -13.56 -35.94 38.80
C ASN F 24 -14.02 -36.58 37.51
N ILE F 25 -14.93 -35.91 36.82
CA ILE F 25 -15.38 -36.43 35.52
C ILE F 25 -14.50 -35.81 34.43
N PRO F 26 -13.60 -36.59 33.84
CA PRO F 26 -12.53 -35.96 33.03
C PRO F 26 -13.00 -35.16 31.81
N THR F 27 -14.11 -35.60 31.23
CA THR F 27 -14.71 -34.91 30.09
C THR F 27 -15.68 -33.79 30.51
N GLY F 28 -15.91 -33.60 31.80
CA GLY F 28 -16.84 -32.57 32.25
C GLY F 28 -18.29 -32.74 31.79
N GLY F 29 -18.69 -33.97 31.50
CA GLY F 29 -20.05 -34.28 31.02
C GLY F 29 -20.34 -33.81 29.61
N TYR F 30 -19.29 -33.50 28.82
CA TYR F 30 -19.51 -32.95 27.49
C TYR F 30 -19.89 -34.00 26.46
N PHE F 31 -20.81 -33.63 25.57
CA PHE F 31 -21.22 -34.41 24.43
C PHE F 31 -20.85 -33.62 23.19
N PRO F 32 -19.77 -34.01 22.49
CA PRO F 32 -19.16 -33.18 21.49
C PRO F 32 -19.82 -33.18 20.12
N ASN F 33 -19.52 -32.12 19.36
CA ASN F 33 -19.78 -32.08 17.92
C ASN F 33 -21.24 -31.79 17.52
N LEU F 34 -22.00 -31.26 18.45
CA LEU F 34 -23.37 -30.83 18.13
C LEU F 34 -23.35 -29.36 17.78
N THR F 35 -24.10 -29.00 16.77
CA THR F 35 -24.21 -27.62 16.31
C THR F 35 -25.58 -27.07 16.71
N ALA F 36 -25.63 -25.82 17.17
CA ALA F 36 -26.88 -25.15 17.49
C ALA F 36 -27.45 -24.64 16.19
N ILE F 37 -28.14 -25.51 15.51
CA ILE F 37 -28.73 -25.19 14.20
C ILE F 37 -29.78 -24.09 14.38
N SER F 38 -30.57 -24.24 15.43
CA SER F 38 -31.54 -23.25 15.81
C SER F 38 -31.14 -22.84 17.22
N PRO F 39 -30.51 -21.68 17.35
CA PRO F 39 -29.90 -21.37 18.64
C PRO F 39 -30.85 -20.88 19.73
N PRO F 40 -30.44 -21.06 21.01
CA PRO F 40 -31.20 -20.56 22.15
C PRO F 40 -31.47 -19.04 22.03
N GLN F 41 -32.57 -18.60 22.61
CA GLN F 41 -32.96 -17.20 22.55
C GLN F 41 -32.36 -16.43 23.72
N ASN F 42 -32.03 -17.15 24.79
CA ASN F 42 -31.23 -16.68 25.92
C ASN F 42 -29.76 -17.10 25.74
N SER F 43 -29.06 -17.13 26.87
CA SER F 43 -27.68 -17.56 26.92
C SER F 43 -27.54 -19.07 26.72
N SER F 44 -28.48 -19.85 27.25
CA SER F 44 -28.36 -21.31 27.21
C SER F 44 -29.73 -21.92 27.33
N ILE F 45 -29.82 -23.22 27.05
CA ILE F 45 -31.01 -23.99 27.39
C ILE F 45 -30.69 -25.01 28.43
N VAL F 46 -31.64 -25.30 29.33
CA VAL F 46 -31.45 -26.41 30.27
C VAL F 46 -32.78 -27.10 30.44
N GLY F 47 -32.76 -28.41 30.62
CA GLY F 47 -34.00 -29.15 30.89
C GLY F 47 -33.69 -30.55 31.32
N THR F 48 -34.72 -31.31 31.64
CA THR F 48 -34.54 -32.69 32.06
C THR F 48 -34.67 -33.57 30.80
N ALA F 49 -33.78 -34.54 30.66
CA ALA F 49 -33.74 -35.36 29.46
C ALA F 49 -34.97 -36.26 29.31
N TYR F 50 -35.63 -36.11 28.16
CA TYR F 50 -36.68 -36.98 27.69
C TYR F 50 -36.07 -37.67 26.50
N THR F 51 -35.66 -38.91 26.74
CA THR F 51 -34.81 -39.61 25.76
C THR F 51 -35.63 -40.41 24.77
N VAL F 52 -35.11 -40.53 23.54
CA VAL F 52 -35.80 -41.25 22.49
C VAL F 52 -34.77 -42.01 21.68
N LEU F 53 -34.95 -43.33 21.59
CA LEU F 53 -34.02 -44.19 20.88
C LEU F 53 -34.65 -44.58 19.55
N PHE F 54 -33.84 -44.57 18.50
CA PHE F 54 -34.22 -44.93 17.14
C PHE F 54 -33.47 -46.17 16.72
N ALA F 55 -34.10 -47.00 15.90
CA ALA F 55 -33.50 -48.23 15.43
C ALA F 55 -33.94 -48.46 14.01
N PRO F 56 -33.29 -49.40 13.31
CA PRO F 56 -33.73 -49.67 11.94
C PRO F 56 -35.19 -50.08 11.86
N ILE F 57 -35.86 -49.75 10.77
CA ILE F 57 -37.30 -50.06 10.65
C ILE F 57 -37.66 -51.53 10.74
N ASP F 58 -36.74 -52.41 10.37
CA ASP F 58 -37.01 -53.83 10.43
C ASP F 58 -36.82 -54.41 11.84
N ASP F 59 -36.46 -53.59 12.80
CA ASP F 59 -36.31 -54.05 14.18
C ASP F 59 -37.69 -54.52 14.70
N PRO F 60 -37.70 -55.61 15.48
CA PRO F 60 -39.00 -56.06 15.98
C PRO F 60 -39.67 -55.10 16.97
N ARG F 61 -38.94 -54.17 17.55
CA ARG F 61 -39.58 -53.22 18.49
C ARG F 61 -40.50 -52.34 17.67
N PRO F 62 -41.75 -52.15 18.12
CA PRO F 62 -42.65 -51.31 17.36
C PRO F 62 -42.25 -49.83 17.37
N ALA F 63 -42.64 -49.11 16.33
CA ALA F 63 -42.47 -47.67 16.27
C ALA F 63 -43.25 -47.06 17.42
N VAL F 64 -42.69 -46.02 18.03
CA VAL F 64 -43.35 -45.27 19.09
C VAL F 64 -43.58 -43.82 18.71
N ASN F 65 -44.64 -43.24 19.26
CA ASN F 65 -44.96 -41.84 19.05
C ASN F 65 -44.31 -41.08 20.19
N TYR F 66 -43.09 -40.61 20.00
CA TYR F 66 -42.41 -39.93 21.07
C TYR F 66 -42.90 -38.48 21.19
N ILE F 67 -43.26 -37.85 20.08
CA ILE F 67 -43.41 -36.40 20.07
C ILE F 67 -44.61 -35.93 20.86
N ASP F 68 -45.67 -36.73 20.87
CA ASP F 68 -46.89 -36.26 21.46
C ASP F 68 -46.93 -36.34 22.97
N SER F 69 -45.87 -36.90 23.58
CA SER F 69 -45.70 -37.05 25.01
C SER F 69 -44.48 -36.34 25.53
N VAL F 70 -43.93 -35.40 24.76
CA VAL F 70 -42.82 -34.60 25.25
C VAL F 70 -43.28 -33.87 26.54
N PRO F 71 -42.57 -34.03 27.66
CA PRO F 71 -42.94 -33.28 28.87
C PRO F 71 -42.52 -31.79 28.86
N PRO F 72 -43.23 -30.96 29.64
CA PRO F 72 -42.83 -29.59 29.80
C PRO F 72 -41.48 -29.51 30.52
N ASN F 73 -40.65 -28.53 30.15
CA ASN F 73 -39.33 -28.28 30.76
C ASN F 73 -38.32 -29.39 30.51
N SER F 74 -38.62 -30.23 29.53
CA SER F 74 -37.67 -31.24 29.09
C SER F 74 -36.68 -30.62 28.09
N ILE F 75 -35.56 -31.32 27.90
CA ILE F 75 -34.85 -31.33 26.64
C ILE F 75 -35.13 -32.68 25.98
N LEU F 76 -35.68 -32.64 24.77
CA LEU F 76 -35.93 -33.81 23.99
C LEU F 76 -34.60 -34.27 23.40
N VAL F 77 -34.22 -35.54 23.65
CA VAL F 77 -32.91 -36.03 23.23
C VAL F 77 -33.15 -37.26 22.39
N LEU F 78 -32.74 -37.18 21.12
CA LEU F 78 -32.91 -38.27 20.16
C LEU F 78 -31.55 -38.91 19.82
N ALA F 79 -31.47 -40.23 19.78
CA ALA F 79 -30.25 -40.89 19.32
C ALA F 79 -30.56 -42.19 18.60
N LEU F 80 -29.63 -42.61 17.77
CA LEU F 80 -29.65 -43.91 17.18
C LEU F 80 -28.91 -44.93 18.03
N GLU F 81 -29.19 -46.19 17.76
CA GLU F 81 -28.40 -47.24 18.36
C GLU F 81 -26.92 -47.02 17.98
N PRO F 82 -26.00 -47.40 18.87
CA PRO F 82 -24.58 -47.17 18.58
C PRO F 82 -24.05 -47.71 17.25
N HIS F 83 -24.59 -48.81 16.74
CA HIS F 83 -24.11 -49.41 15.49
C HIS F 83 -24.35 -48.50 14.30
N LEU F 84 -25.26 -47.54 14.44
CA LEU F 84 -25.51 -46.58 13.39
C LEU F 84 -24.79 -45.27 13.63
N GLN F 85 -23.96 -45.22 14.68
CA GLN F 85 -23.17 -44.02 14.97
C GLN F 85 -21.73 -44.20 14.50
N SER F 86 -21.01 -43.09 14.46
CA SER F 86 -19.61 -43.10 14.07
C SER F 86 -18.82 -42.10 14.92
N GLN F 87 -17.55 -42.40 15.14
CA GLN F 87 -16.62 -41.49 15.81
C GLN F 87 -16.23 -40.30 14.93
N PHE F 88 -16.58 -40.34 13.62
CA PHE F 88 -16.20 -39.28 12.66
C PHE F 88 -17.40 -38.62 12.06
N HIS F 89 -17.26 -37.34 11.78
CA HIS F 89 -18.31 -36.58 11.12
C HIS F 89 -18.68 -37.31 9.87
N PRO F 90 -19.99 -37.49 9.58
CA PRO F 90 -21.16 -36.87 10.19
C PRO F 90 -21.73 -37.47 11.46
N PHE F 91 -21.07 -38.53 11.96
CA PHE F 91 -21.28 -39.11 13.32
C PHE F 91 -22.45 -40.09 13.38
N ILE F 92 -23.16 -40.20 12.25
CA ILE F 92 -24.19 -41.20 12.04
C ILE F 92 -24.10 -41.67 10.59
N LYS F 93 -24.60 -42.88 10.34
CA LYS F 93 -24.43 -43.53 9.05
C LYS F 93 -25.65 -43.41 8.13
N ILE F 94 -26.69 -42.65 8.48
CA ILE F 94 -27.83 -42.42 7.61
C ILE F 94 -27.81 -40.97 7.15
N THR F 95 -28.34 -40.72 5.96
CA THR F 95 -28.41 -39.36 5.43
C THR F 95 -29.76 -38.68 5.72
N GLN F 96 -30.77 -39.48 6.03
CA GLN F 96 -32.10 -39.02 6.39
C GLN F 96 -32.10 -38.23 7.70
N ALA F 97 -32.98 -37.25 7.77
CA ALA F 97 -33.27 -36.57 9.04
C ALA F 97 -34.12 -37.44 9.94
N MET F 98 -34.00 -37.22 11.25
CA MET F 98 -34.78 -37.93 12.26
C MET F 98 -35.85 -37.04 12.87
N TYR F 99 -35.88 -35.76 12.50
CA TYR F 99 -36.64 -34.75 13.25
C TYR F 99 -36.81 -33.54 12.40
N GLY F 100 -38.05 -33.08 12.20
CA GLY F 100 -38.33 -31.91 11.40
C GLY F 100 -39.19 -30.86 12.05
N GLY F 101 -39.68 -29.93 11.24
CA GLY F 101 -40.28 -28.69 11.76
C GLY F 101 -41.60 -28.90 12.48
N LEU F 102 -42.39 -29.87 12.02
CA LEU F 102 -43.66 -30.16 12.72
C LEU F 102 -43.39 -30.78 14.07
N MET F 103 -42.29 -31.54 14.19
CA MET F 103 -41.89 -32.06 15.51
C MET F 103 -41.57 -30.92 16.45
N SER F 104 -40.75 -29.92 16.05
CA SER F 104 -40.52 -28.76 16.92
C SER F 104 -41.81 -28.03 17.27
N THR F 105 -42.72 -27.95 16.30
CA THR F 105 -43.96 -27.22 16.52
C THR F 105 -44.70 -27.87 17.72
N ARG F 106 -44.74 -29.19 17.72
CA ARG F 106 -45.47 -29.93 18.77
C ARG F 106 -44.71 -29.89 20.10
N ALA F 107 -43.40 -30.14 20.04
CA ALA F 107 -42.57 -30.15 21.26
C ALA F 107 -42.64 -28.79 21.97
N GLN F 108 -42.61 -27.73 21.19
CA GLN F 108 -42.72 -26.36 21.72
C GLN F 108 -44.11 -26.08 22.27
N TYR F 109 -45.14 -26.53 21.57
CA TYR F 109 -46.51 -26.47 22.09
C TYR F 109 -46.62 -27.12 23.48
N LEU F 110 -45.92 -28.23 23.67
CA LEU F 110 -45.90 -28.98 24.93
C LEU F 110 -44.94 -28.39 25.97
N LYS F 111 -44.29 -27.30 25.61
CA LYS F 111 -43.45 -26.48 26.54
C LYS F 111 -42.11 -27.13 26.90
N SER F 112 -41.61 -27.94 25.98
CA SER F 112 -40.23 -28.40 26.05
C SER F 112 -39.29 -27.22 25.84
N ASN F 113 -38.12 -27.31 26.48
CA ASN F 113 -37.13 -26.24 26.41
C ASN F 113 -36.22 -26.28 25.22
N GLY F 114 -36.20 -27.40 24.52
CA GLY F 114 -35.31 -27.53 23.41
C GLY F 114 -35.08 -28.98 23.01
N THR F 115 -34.36 -29.16 21.89
CA THR F 115 -34.09 -30.49 21.36
C THR F 115 -32.63 -30.70 21.08
N VAL F 116 -32.14 -31.89 21.37
CA VAL F 116 -30.80 -32.33 20.98
C VAL F 116 -30.95 -33.60 20.18
N VAL F 117 -30.52 -33.55 18.94
CA VAL F 117 -30.58 -34.73 18.05
C VAL F 117 -29.17 -35.21 17.71
N PHE F 118 -28.84 -36.43 18.15
CA PHE F 118 -27.60 -37.07 17.81
C PHE F 118 -27.77 -37.69 16.43
N GLY F 119 -27.96 -36.80 15.47
CA GLY F 119 -28.31 -37.15 14.13
C GLY F 119 -28.66 -35.90 13.39
N ARG F 120 -29.47 -36.02 12.33
CA ARG F 120 -29.79 -34.93 11.45
C ARG F 120 -31.20 -34.42 11.69
N ILE F 121 -31.40 -33.13 11.48
CA ILE F 121 -32.70 -32.53 11.47
C ILE F 121 -32.99 -31.96 10.09
N ARG F 122 -34.28 -31.80 9.79
CA ARG F 122 -34.71 -31.10 8.58
C ARG F 122 -35.64 -29.96 8.87
N ASP F 123 -35.91 -29.14 7.87
CA ASP F 123 -36.73 -27.93 8.03
C ASP F 123 -36.00 -26.90 8.90
N VAL F 124 -34.74 -26.66 8.56
CA VAL F 124 -33.90 -25.75 9.33
C VAL F 124 -34.57 -24.41 9.56
N ASP F 125 -35.12 -23.84 8.50
CA ASP F 125 -35.70 -22.49 8.63
C ASP F 125 -36.94 -22.51 9.53
N GLU F 126 -37.66 -23.63 9.61
CA GLU F 126 -38.85 -23.70 10.47
C GLU F 126 -38.45 -23.64 11.94
N HIS F 127 -37.47 -24.45 12.36
CA HIS F 127 -36.97 -24.36 13.73
C HIS F 127 -36.57 -22.94 14.10
N ARG F 128 -35.82 -22.31 13.22
CA ARG F 128 -35.34 -20.97 13.41
C ARG F 128 -36.50 -19.95 13.50
N THR F 129 -37.48 -20.04 12.63
CA THR F 129 -38.65 -19.13 12.68
C THR F 129 -39.41 -19.31 13.98
N LEU F 130 -39.52 -20.56 14.42
CA LEU F 130 -40.21 -20.89 15.65
C LEU F 130 -39.40 -20.46 16.85
N ASN F 131 -38.12 -20.13 16.63
CA ASN F 131 -37.23 -19.85 17.74
C ASN F 131 -37.17 -20.99 18.76
N HIS F 132 -37.28 -22.23 18.28
CA HIS F 132 -37.17 -23.38 19.16
C HIS F 132 -35.75 -23.92 19.10
N PRO F 133 -35.06 -23.97 20.25
CA PRO F 133 -33.67 -24.37 20.23
C PRO F 133 -33.48 -25.81 19.82
N VAL F 134 -32.61 -26.02 18.83
CA VAL F 134 -32.30 -27.36 18.41
C VAL F 134 -30.81 -27.47 18.14
N PHE F 135 -30.19 -28.44 18.79
CA PHE F 135 -28.81 -28.82 18.53
C PHE F 135 -28.81 -30.16 17.80
N ALA F 136 -27.93 -30.34 16.83
CA ALA F 136 -27.84 -31.59 16.07
C ALA F 136 -26.50 -31.78 15.45
N TYR F 137 -26.19 -33.00 15.06
CA TYR F 137 -24.93 -33.23 14.34
C TYR F 137 -24.93 -32.57 12.95
N GLY F 138 -26.09 -32.52 12.32
CA GLY F 138 -26.20 -32.01 10.99
C GLY F 138 -27.62 -31.90 10.51
N VAL F 139 -27.76 -31.74 9.21
CA VAL F 139 -29.07 -31.53 8.58
C VAL F 139 -29.30 -32.54 7.46
N GLY F 140 -30.57 -32.66 7.10
CA GLY F 140 -31.01 -33.53 5.99
C GLY F 140 -32.25 -32.93 5.38
N SER F 141 -32.66 -33.47 4.24
CA SER F 141 -33.88 -33.05 3.59
C SER F 141 -35.02 -34.08 3.73
N CYS F 142 -34.72 -35.32 4.12
CA CYS F 142 -35.62 -36.43 3.89
C CYS F 142 -36.11 -37.04 5.21
N ALA F 143 -37.36 -37.47 5.23
CA ALA F 143 -37.95 -38.09 6.40
C ALA F 143 -37.31 -39.45 6.63
N PRO F 144 -37.33 -39.94 7.87
CA PRO F 144 -36.63 -41.21 8.14
C PRO F 144 -37.33 -42.51 7.85
N LYS F 145 -38.54 -42.46 7.33
CA LYS F 145 -39.38 -43.66 7.43
C LYS F 145 -38.92 -44.89 6.64
N ALA F 146 -38.07 -44.71 5.64
CA ALA F 146 -37.50 -45.84 4.90
C ALA F 146 -36.35 -46.51 5.63
N VAL F 147 -35.82 -45.88 6.68
CA VAL F 147 -34.63 -46.39 7.35
C VAL F 147 -34.69 -46.61 8.86
N VAL F 148 -35.28 -45.67 9.58
CA VAL F 148 -35.26 -45.78 11.04
C VAL F 148 -36.59 -45.31 11.63
N LYS F 149 -36.84 -45.77 12.86
CA LYS F 149 -38.05 -45.42 13.63
C LYS F 149 -37.67 -45.27 15.08
N ALA F 150 -38.44 -44.48 15.80
CA ALA F 150 -38.31 -44.42 17.24
C ALA F 150 -38.85 -45.70 17.85
N VAL F 151 -38.06 -46.31 18.74
CA VAL F 151 -38.45 -47.57 19.39
C VAL F 151 -38.55 -47.48 20.90
N GLY F 152 -38.12 -46.37 21.51
CA GLY F 152 -38.19 -46.30 22.95
C GLY F 152 -38.13 -44.88 23.43
N THR F 153 -38.85 -44.61 24.54
CA THR F 153 -38.75 -43.33 25.21
C THR F 153 -38.41 -43.57 26.68
N ASN F 154 -37.73 -42.62 27.27
CA ASN F 154 -37.29 -42.72 28.66
C ASN F 154 -36.47 -43.97 28.86
N VAL F 155 -35.53 -44.18 27.94
CA VAL F 155 -34.57 -45.26 28.01
C VAL F 155 -33.19 -44.68 28.06
N GLN F 156 -32.21 -45.48 28.49
CA GLN F 156 -30.84 -45.05 28.47
C GLN F 156 -30.42 -44.86 27.01
N LEU F 157 -29.67 -43.78 26.72
CA LEU F 157 -29.04 -43.59 25.42
C LEU F 157 -27.55 -43.70 25.58
N LYS F 158 -26.94 -44.42 24.66
CA LYS F 158 -25.48 -44.58 24.60
C LYS F 158 -25.00 -43.81 23.39
N ILE F 159 -24.06 -42.90 23.62
CA ILE F 159 -23.55 -42.03 22.59
C ILE F 159 -22.08 -42.32 22.42
N LEU F 160 -21.74 -42.85 21.26
CA LEU F 160 -20.37 -43.12 20.87
C LEU F 160 -19.75 -41.78 20.50
N THR F 161 -18.78 -41.27 21.27
CA THR F 161 -18.26 -39.94 21.05
C THR F 161 -16.94 -40.02 20.30
N SER F 162 -16.49 -38.87 19.89
CA SER F 162 -15.33 -38.80 18.93
C SER F 162 -13.99 -39.06 19.61
N ASP F 163 -13.97 -39.19 20.93
CA ASP F 163 -12.77 -39.69 21.59
C ASP F 163 -12.73 -41.21 21.70
N GLY F 164 -13.72 -41.89 21.11
CA GLY F 164 -13.82 -43.32 21.15
C GLY F 164 -14.66 -43.88 22.29
N VAL F 165 -14.91 -43.07 23.32
CA VAL F 165 -15.64 -43.47 24.51
C VAL F 165 -17.14 -43.31 24.31
N THR F 166 -17.91 -44.27 24.82
CA THR F 166 -19.35 -44.22 24.76
C THR F 166 -19.83 -43.65 26.10
N GLN F 167 -20.59 -42.57 26.03
CA GLN F 167 -21.10 -41.87 27.19
C GLN F 167 -22.60 -42.08 27.23
N THR F 168 -23.19 -42.00 28.40
CA THR F 168 -24.60 -42.34 28.55
C THR F 168 -25.46 -41.16 28.99
N ILE F 169 -26.69 -41.13 28.50
CA ILE F 169 -27.71 -40.18 28.96
C ILE F 169 -28.89 -40.98 29.50
N PRO F 171 -32.80 -40.94 31.37
CA PRO F 171 -34.00 -40.13 31.54
C PRO F 171 -33.92 -39.29 32.81
N GLY F 172 -34.23 -38.03 32.68
CA GLY F 172 -34.23 -37.10 33.78
C GLY F 172 -32.91 -36.40 34.07
N ASP F 173 -31.84 -36.83 33.41
CA ASP F 173 -30.56 -36.13 33.54
C ASP F 173 -30.72 -34.70 33.11
N TYR F 174 -29.97 -33.78 33.70
CA TYR F 174 -30.06 -32.39 33.27
C TYR F 174 -29.18 -32.19 32.04
N ILE F 175 -29.73 -31.55 31.00
CA ILE F 175 -29.00 -31.24 29.78
C ILE F 175 -28.92 -29.75 29.66
N ALA F 176 -27.73 -29.23 29.37
CA ALA F 176 -27.49 -27.79 29.16
C ALA F 176 -26.82 -27.62 27.83
N GLY F 177 -27.23 -26.59 27.11
CA GLY F 177 -26.60 -26.25 25.87
C GLY F 177 -26.42 -24.78 25.63
N ASP F 178 -25.29 -24.44 25.01
CA ASP F 178 -25.02 -23.09 24.58
C ASP F 178 -24.08 -23.14 23.39
N ASN F 179 -23.43 -22.02 23.08
CA ASN F 179 -22.54 -21.98 21.94
C ASN F 179 -21.30 -22.83 22.08
N ASN F 180 -21.02 -23.34 23.27
CA ASN F 180 -19.92 -24.31 23.47
C ASN F 180 -20.30 -25.75 23.24
N GLY F 181 -21.62 -26.03 23.11
CA GLY F 181 -22.11 -27.37 22.90
C GLY F 181 -23.01 -27.84 24.03
N ILE F 182 -23.01 -29.14 24.29
CA ILE F 182 -23.98 -29.77 25.18
C ILE F 182 -23.24 -30.47 26.31
N VAL F 183 -23.72 -30.26 27.55
CA VAL F 183 -23.24 -30.99 28.72
C VAL F 183 -24.39 -31.68 29.40
N ARG F 184 -24.11 -32.84 30.01
CA ARG F 184 -25.09 -33.58 30.75
C ARG F 184 -24.65 -33.73 32.22
N ILE F 185 -25.58 -33.44 33.14
CA ILE F 185 -25.35 -33.68 34.55
C ILE F 185 -26.15 -34.93 34.96
N PRO F 186 -25.47 -35.98 35.44
CA PRO F 186 -26.22 -37.17 35.82
C PRO F 186 -26.98 -36.96 37.11
N VAL F 187 -28.30 -37.07 37.07
CA VAL F 187 -29.13 -36.67 38.21
C VAL F 187 -29.08 -37.66 39.36
N GLN F 188 -28.85 -38.93 39.07
CA GLN F 188 -28.72 -39.94 40.13
C GLN F 188 -27.56 -39.64 41.04
N GLU F 189 -26.40 -39.29 40.47
CA GLU F 189 -25.15 -39.17 41.23
C GLU F 189 -24.79 -37.75 41.68
N THR F 190 -25.52 -36.75 41.23
CA THR F 190 -25.08 -35.39 41.46
C THR F 190 -25.83 -34.72 42.60
N ASP F 191 -25.09 -34.30 43.61
CA ASP F 191 -25.61 -33.42 44.63
C ASP F 191 -25.64 -32.06 44.01
N ILE F 192 -26.81 -31.65 43.52
CA ILE F 192 -26.92 -30.41 42.79
C ILE F 192 -26.51 -29.20 43.62
N SER F 193 -26.91 -29.16 44.91
CA SER F 193 -26.57 -27.99 45.74
C SER F 193 -25.06 -27.84 45.83
N LYS F 194 -24.37 -28.96 46.07
CA LYS F 194 -22.91 -28.99 46.17
C LYS F 194 -22.26 -28.55 44.87
N LEU F 195 -22.77 -29.10 43.78
CA LEU F 195 -22.27 -28.75 42.45
C LEU F 195 -22.45 -27.27 42.19
N VAL F 196 -23.63 -26.73 42.47
CA VAL F 196 -23.98 -25.36 42.17
C VAL F 196 -23.16 -24.40 43.03
N THR F 197 -22.96 -24.75 44.29
CA THR F 197 -22.15 -23.97 45.20
C THR F 197 -20.71 -23.81 44.69
N TYR F 198 -20.12 -24.90 44.25
CA TYR F 198 -18.79 -24.84 43.63
C TYR F 198 -18.78 -23.96 42.41
N ILE F 199 -19.72 -24.21 41.51
CA ILE F 199 -19.75 -23.45 40.27
C ILE F 199 -19.87 -21.96 40.51
N GLU F 200 -20.76 -21.57 41.43
CA GLU F 200 -20.90 -20.19 41.79
C GLU F 200 -19.57 -19.58 42.25
N LYS F 201 -18.83 -20.28 43.09
CA LYS F 201 -17.56 -19.78 43.62
C LYS F 201 -16.54 -19.69 42.50
N SER F 202 -16.51 -20.72 41.66
CA SER F 202 -15.58 -20.73 40.52
C SER F 202 -15.81 -19.58 39.54
N ILE F 203 -17.08 -19.28 39.25
CA ILE F 203 -17.44 -18.15 38.40
C ILE F 203 -16.91 -16.85 39.01
N GLU F 204 -17.08 -16.67 40.32
CA GLU F 204 -16.56 -15.46 40.96
C GLU F 204 -15.03 -15.37 40.88
N VAL F 205 -14.37 -16.51 41.04
CA VAL F 205 -12.91 -16.54 40.91
C VAL F 205 -12.49 -16.12 39.49
N ASP F 206 -13.13 -16.69 38.49
CA ASP F 206 -12.78 -16.40 37.10
C ASP F 206 -13.06 -14.95 36.71
N LEU F 207 -14.09 -14.31 37.28
CA LEU F 207 -14.31 -12.90 37.03
C LEU F 207 -13.13 -12.08 37.56
N LEU F 208 -12.62 -12.43 38.73
CA LEU F 208 -11.46 -11.73 39.28
C LEU F 208 -10.23 -11.93 38.42
N VAL F 209 -9.99 -13.17 38.01
CA VAL F 209 -8.87 -13.46 37.10
C VAL F 209 -8.97 -12.64 35.79
N SER F 210 -10.17 -12.58 35.20
CA SER F 210 -10.40 -11.80 33.98
C SER F 210 -10.04 -10.32 34.19
N GLU F 211 -10.52 -9.75 35.28
CA GLU F 211 -10.21 -8.36 35.56
C GLU F 211 -8.70 -8.16 35.79
N ASP F 212 -8.09 -9.07 36.54
CA ASP F 212 -6.64 -9.04 36.79
C ASP F 212 -5.88 -8.97 35.48
N ILE F 213 -6.18 -9.92 34.58
CA ILE F 213 -5.50 -9.95 33.30
C ILE F 213 -5.69 -8.63 32.51
N LYS F 214 -6.89 -8.08 32.51
CA LYS F 214 -7.15 -6.82 31.78
C LYS F 214 -6.35 -5.66 32.37
N ASN F 215 -6.04 -5.79 33.65
CA ASN F 215 -5.23 -4.84 34.38
C ASN F 215 -3.73 -5.15 34.35
N GLY F 216 -3.31 -6.04 33.47
CA GLY F 216 -1.88 -6.32 33.31
C GLY F 216 -1.25 -7.28 34.32
N ILE F 217 -2.05 -8.04 35.05
CA ILE F 217 -1.53 -9.12 35.88
C ILE F 217 -1.40 -10.37 34.99
N PRO F 218 -0.22 -11.02 35.00
CA PRO F 218 -0.10 -12.28 34.24
C PRO F 218 -1.15 -13.32 34.59
N ALA F 219 -1.50 -14.15 33.60
CA ALA F 219 -2.59 -15.09 33.81
C ALA F 219 -2.30 -16.19 34.81
N LYS F 220 -1.12 -16.81 34.77
CA LYS F 220 -0.83 -17.91 35.68
C LYS F 220 -0.80 -17.36 37.11
N GLN F 221 -0.09 -16.25 37.26
CA GLN F 221 -0.01 -15.57 38.56
C GLN F 221 -1.42 -15.26 39.09
N ALA F 222 -2.25 -14.63 38.25
CA ALA F 222 -3.64 -14.31 38.64
C ALA F 222 -4.45 -15.54 39.01
N GLN F 223 -4.33 -16.62 38.23
CA GLN F 223 -5.07 -17.84 38.51
C GLN F 223 -4.61 -18.42 39.85
N ASN F 224 -3.30 -18.45 40.07
CA ASN F 224 -2.76 -19.05 41.28
C ASN F 224 -3.29 -18.28 42.49
N ASP F 225 -3.30 -16.96 42.37
CA ASP F 225 -3.77 -16.06 43.43
C ASP F 225 -5.25 -16.34 43.73
N ARG F 226 -6.07 -16.19 42.71
CA ARG F 226 -7.53 -16.23 42.89
C ARG F 226 -8.10 -17.61 43.16
N ARG F 227 -7.52 -18.66 42.57
CA ARG F 227 -8.11 -20.01 42.69
C ARG F 227 -7.87 -20.71 44.00
N SER F 228 -7.02 -20.12 44.85
CA SER F 228 -6.64 -20.77 46.10
C SER F 228 -7.90 -21.10 46.90
N VAL F 229 -8.88 -20.20 46.86
CA VAL F 229 -10.13 -20.34 47.62
C VAL F 229 -10.96 -21.57 47.21
N LEU F 230 -10.72 -22.11 46.01
CA LEU F 230 -11.52 -23.25 45.55
C LEU F 230 -11.14 -24.59 46.16
N LYS F 231 -9.89 -24.74 46.59
CA LYS F 231 -9.47 -26.00 47.22
C LYS F 231 -10.33 -26.34 48.43
N LYS F 232 -10.51 -27.51 48.75
#